data_4PN3
#
_entry.id   4PN3
#
_cell.length_a   72.840
_cell.length_b   72.840
_cell.length_c   350.410
_cell.angle_alpha   90.00
_cell.angle_beta   90.00
_cell.angle_gamma   90.00
#
_symmetry.space_group_name_H-M   'P 43'
#
loop_
_entity.id
_entity.type
_entity.pdbx_description
1 polymer '3-hydroxyacyl-CoA dehydrogenase'
2 non-polymer 2-AMINO-2-HYDROXYMETHYL-PROPANE-1,3-DIOL
3 water water
#
_entity_poly.entity_id   1
_entity_poly.type   'polypeptide(L)'
_entity_poly.pdbx_seq_one_letter_code
;MAHHHHHHMQIENRVFLITGAGSGLGAAVSKMAVEAGAKVVLLDVNAEAGEAGAKALGASARFQRTDVASDTDGKAAIAA
AIEAFSRIDVLVNCAGVAPGEKVLGREGAHKLETFTRTISINLIGTFNMLRLAAEAMAKNEPGQGGERGVIINTASVAAF
DGQIGQAAYSASKGGVAAMTLPVARELARHGIRVMTIAPGIFKTPMMAGMPQEVQDALGASVPFPPRLGEPAEYAALVRH
IVENQMLNGEVIRLDGALRMAAK
;
_entity_poly.pdbx_strand_id   A,B,C,D,E,F,G,H
#
loop_
_chem_comp.id
_chem_comp.type
_chem_comp.name
_chem_comp.formula
TRS non-polymer 2-AMINO-2-HYDROXYMETHYL-PROPANE-1,3-DIOL 'C4 H12 N O3 1'
#
# COMPACT_ATOMS: atom_id res chain seq x y z
N HIS A 4 26.50 11.05 22.49
CA HIS A 4 25.37 10.28 21.80
C HIS A 4 24.73 10.99 20.59
N HIS A 5 24.43 10.21 19.52
CA HIS A 5 23.95 10.71 18.20
C HIS A 5 22.52 11.23 18.18
N HIS A 6 22.22 12.03 17.17
CA HIS A 6 20.95 12.77 17.09
C HIS A 6 19.65 11.90 17.25
N HIS A 7 19.59 10.70 16.64
CA HIS A 7 18.38 9.83 16.76
C HIS A 7 18.35 8.90 17.99
N HIS A 8 19.35 9.03 18.85
CA HIS A 8 19.45 8.27 20.10
C HIS A 8 18.34 8.68 21.04
N MET A 9 17.63 7.71 21.59
CA MET A 9 16.48 7.99 22.44
C MET A 9 16.95 8.02 23.89
N GLN A 10 16.64 9.10 24.61
CA GLN A 10 17.12 9.26 26.00
C GLN A 10 16.23 8.47 26.95
N ILE A 11 16.87 7.81 27.91
CA ILE A 11 16.18 7.01 28.91
C ILE A 11 15.76 7.86 30.12
N GLU A 12 16.48 8.95 30.37
CA GLU A 12 16.24 9.82 31.53
C GLU A 12 14.82 10.32 31.56
N ASN A 13 14.21 10.24 32.74
CA ASN A 13 12.85 10.75 32.98
C ASN A 13 11.66 9.99 32.32
N ARG A 14 11.95 8.97 31.55
CA ARG A 14 10.90 8.15 31.01
C ARG A 14 10.31 7.28 32.14
N VAL A 15 9.02 6.99 32.06
CA VAL A 15 8.31 6.18 33.09
C VAL A 15 8.15 4.73 32.64
N PHE A 16 8.77 3.83 33.37
CA PHE A 16 8.72 2.40 33.09
C PHE A 16 7.61 1.75 33.94
N LEU A 17 6.80 0.91 33.32
CA LEU A 17 5.92 0.01 34.01
C LEU A 17 6.49 -1.40 33.80
N ILE A 18 6.76 -2.11 34.88
CA ILE A 18 7.48 -3.41 34.76
C ILE A 18 6.80 -4.53 35.53
N THR A 19 6.47 -5.63 34.84
CA THR A 19 5.82 -6.78 35.54
C THR A 19 6.85 -7.79 36.03
N GLY A 20 6.49 -8.62 37.02
CA GLY A 20 7.43 -9.54 37.66
C GLY A 20 8.63 -8.83 38.24
N ALA A 21 8.38 -7.64 38.76
CA ALA A 21 9.43 -6.71 39.11
C ALA A 21 10.04 -6.93 40.51
N GLY A 22 9.48 -7.85 41.27
CA GLY A 22 10.00 -8.16 42.56
C GLY A 22 11.21 -9.07 42.53
N SER A 23 11.48 -9.70 41.40
CA SER A 23 12.60 -10.62 41.33
C SER A 23 13.14 -10.79 39.92
N GLY A 24 14.27 -11.48 39.84
CA GLY A 24 14.87 -11.87 38.58
C GLY A 24 14.96 -10.76 37.53
N LEU A 25 14.46 -11.06 36.33
CA LEU A 25 14.60 -10.16 35.19
C LEU A 25 13.96 -8.80 35.43
N GLY A 26 12.74 -8.80 35.95
CA GLY A 26 12.03 -7.56 36.20
C GLY A 26 12.65 -6.69 37.28
N ALA A 27 13.17 -7.31 38.33
CA ALA A 27 13.92 -6.59 39.36
C ALA A 27 15.16 -5.90 38.74
N ALA A 28 15.91 -6.60 37.91
CA ALA A 28 17.10 -6.03 37.26
C ALA A 28 16.80 -4.92 36.25
N VAL A 29 15.69 -5.03 35.52
CA VAL A 29 15.22 -3.96 34.66
C VAL A 29 14.85 -2.72 35.47
N SER A 30 14.16 -2.92 36.59
CA SER A 30 13.79 -1.81 37.49
C SER A 30 15.04 -1.07 38.01
N LYS A 31 16.02 -1.85 38.45
CA LYS A 31 17.26 -1.31 38.96
C LYS A 31 17.99 -0.51 37.87
N MET A 32 18.10 -1.10 36.68
CA MET A 32 18.77 -0.42 35.59
C MET A 32 18.07 0.90 35.27
N ALA A 33 16.75 0.86 35.19
CA ALA A 33 15.98 2.03 34.83
C ALA A 33 16.13 3.15 35.86
N VAL A 34 15.95 2.84 37.12
CA VAL A 34 16.14 3.86 38.19
C VAL A 34 17.54 4.45 38.13
N GLU A 35 18.56 3.61 37.95
CA GLU A 35 19.94 4.07 37.96
C GLU A 35 20.32 4.84 36.72
N ALA A 36 19.54 4.71 35.66
CA ALA A 36 19.75 5.51 34.45
C ALA A 36 18.93 6.80 34.45
N GLY A 37 18.23 7.07 35.57
CA GLY A 37 17.49 8.31 35.74
C GLY A 37 16.05 8.25 35.37
N ALA A 38 15.47 7.05 35.32
CA ALA A 38 14.07 6.91 34.94
C ALA A 38 13.20 6.67 36.16
N LYS A 39 11.88 6.80 35.97
CA LYS A 39 10.91 6.40 36.97
C LYS A 39 10.46 4.95 36.71
N VAL A 40 10.21 4.19 37.78
CA VAL A 40 9.62 2.86 37.68
C VAL A 40 8.38 2.68 38.56
N VAL A 41 7.36 2.09 37.96
CA VAL A 41 6.31 1.44 38.69
C VAL A 41 6.51 -0.08 38.60
N LEU A 42 6.78 -0.68 39.73
CA LEU A 42 6.90 -2.11 39.86
C LEU A 42 5.55 -2.80 40.02
N LEU A 43 5.32 -3.84 39.24
CA LEU A 43 4.16 -4.68 39.40
C LEU A 43 4.58 -6.13 39.69
N ASP A 44 3.96 -6.72 40.71
CA ASP A 44 4.19 -8.13 41.06
C ASP A 44 3.01 -8.63 41.86
N VAL A 45 2.76 -9.94 41.82
CA VAL A 45 1.71 -10.55 42.69
C VAL A 45 2.21 -10.67 44.13
N ASN A 46 3.52 -10.70 44.32
CA ASN A 46 4.10 -10.81 45.67
C ASN A 46 4.41 -9.47 46.28
N ALA A 47 3.59 -9.06 47.24
CA ALA A 47 3.72 -7.77 47.90
C ALA A 47 5.05 -7.59 48.62
N GLU A 48 5.52 -8.63 49.32
CA GLU A 48 6.71 -8.48 50.20
C GLU A 48 7.92 -8.11 49.35
N ALA A 49 8.14 -8.88 48.28
CA ALA A 49 9.25 -8.65 47.34
C ALA A 49 9.16 -7.31 46.61
N GLY A 50 7.95 -6.95 46.19
CA GLY A 50 7.72 -5.71 45.47
C GLY A 50 7.95 -4.47 46.32
N GLU A 51 7.42 -4.48 47.54
CA GLU A 51 7.60 -3.36 48.47
C GLU A 51 9.08 -3.17 48.78
N ALA A 52 9.78 -4.28 49.02
CA ALA A 52 11.20 -4.27 49.36
C ALA A 52 12.04 -3.70 48.23
N GLY A 53 11.68 -4.05 47.00
CA GLY A 53 12.34 -3.51 45.83
C GLY A 53 12.15 -2.01 45.69
N ALA A 54 10.90 -1.57 45.76
CA ALA A 54 10.55 -0.17 45.60
C ALA A 54 11.20 0.66 46.71
N LYS A 55 11.24 0.06 47.90
CA LYS A 55 11.87 0.69 49.05
C LYS A 55 13.36 0.93 48.78
N ALA A 56 14.05 -0.12 48.38
CA ALA A 56 15.49 -0.07 48.10
C ALA A 56 15.86 0.87 46.95
N LEU A 57 14.97 1.01 45.97
CA LEU A 57 15.25 1.87 44.80
C LEU A 57 14.98 3.36 45.07
N GLY A 58 14.09 3.66 46.03
CA GLY A 58 13.89 5.04 46.49
C GLY A 58 12.76 5.80 45.83
N ALA A 59 12.89 7.12 45.77
CA ALA A 59 11.79 8.03 45.39
C ALA A 59 11.32 7.91 43.97
N SER A 60 12.22 7.44 43.09
CA SER A 60 11.88 7.21 41.70
C SER A 60 11.11 5.90 41.47
N ALA A 61 10.83 5.12 42.52
CA ALA A 61 10.09 3.84 42.43
C ALA A 61 8.79 3.84 43.20
N ARG A 62 7.78 3.18 42.64
CA ARG A 62 6.53 2.83 43.35
C ARG A 62 6.23 1.36 43.12
N PHE A 63 5.46 0.77 44.01
CA PHE A 63 5.00 -0.62 43.85
C PHE A 63 3.48 -0.71 43.84
N GLN A 64 2.95 -1.55 42.96
CA GLN A 64 1.49 -1.81 42.93
C GLN A 64 1.22 -3.30 42.75
N ARG A 65 0.56 -3.91 43.74
CA ARG A 65 0.27 -5.32 43.68
C ARG A 65 -0.65 -5.64 42.50
N THR A 66 -0.34 -6.66 41.72
CA THR A 66 -1.02 -6.89 40.46
C THR A 66 -0.98 -8.36 39.99
N ASP A 67 -2.16 -8.88 39.65
CA ASP A 67 -2.28 -10.09 38.87
C ASP A 67 -2.40 -9.68 37.43
N VAL A 68 -1.29 -9.82 36.69
CA VAL A 68 -1.25 -9.38 35.27
C VAL A 68 -2.34 -9.96 34.38
N ALA A 69 -2.91 -11.10 34.74
CA ALA A 69 -3.97 -11.67 33.93
C ALA A 69 -5.33 -11.09 34.26
N SER A 70 -5.43 -10.24 35.30
CA SER A 70 -6.74 -9.64 35.65
C SER A 70 -7.01 -8.29 34.95
N ASP A 71 -8.18 -8.19 34.33
CA ASP A 71 -8.66 -6.96 33.75
C ASP A 71 -8.69 -5.83 34.80
N THR A 72 -9.36 -6.07 35.92
CA THR A 72 -9.46 -5.01 36.96
C THR A 72 -8.09 -4.64 37.60
N ASP A 73 -7.22 -5.60 37.87
CA ASP A 73 -5.87 -5.32 38.42
C ASP A 73 -5.02 -4.54 37.42
N GLY A 74 -5.17 -4.90 36.15
CA GLY A 74 -4.45 -4.25 35.07
C GLY A 74 -4.78 -2.78 35.01
N LYS A 75 -6.07 -2.49 34.97
CA LYS A 75 -6.53 -1.10 35.00
C LYS A 75 -6.06 -0.34 36.25
N ALA A 76 -6.10 -0.99 37.40
CA ALA A 76 -5.68 -0.34 38.66
C ALA A 76 -4.22 0.00 38.58
N ALA A 77 -3.46 -0.88 37.95
CA ALA A 77 -2.02 -0.64 37.80
C ALA A 77 -1.75 0.59 36.94
N ILE A 78 -2.52 0.72 35.86
CA ILE A 78 -2.35 1.84 34.94
C ILE A 78 -2.68 3.08 35.75
N ALA A 79 -3.85 3.09 36.40
CA ALA A 79 -4.28 4.25 37.16
C ALA A 79 -3.24 4.70 38.21
N ALA A 80 -2.67 3.73 38.92
CA ALA A 80 -1.64 4.00 39.90
C ALA A 80 -0.35 4.60 39.30
N ALA A 81 0.04 4.14 38.12
CA ALA A 81 1.20 4.72 37.43
C ALA A 81 0.98 6.16 36.98
N ILE A 82 -0.19 6.41 36.40
CA ILE A 82 -0.58 7.76 36.00
C ILE A 82 -0.62 8.68 37.21
N GLU A 83 -1.30 8.26 38.28
CA GLU A 83 -1.45 9.06 39.48
C GLU A 83 -0.08 9.39 40.09
N ALA A 84 0.84 8.43 40.08
CA ALA A 84 2.19 8.63 40.63
C ALA A 84 3.12 9.49 39.74
N PHE A 85 3.16 9.20 38.44
CA PHE A 85 4.13 9.84 37.53
C PHE A 85 3.53 10.51 36.29
N SER A 86 2.19 10.55 36.14
CA SER A 86 1.49 11.29 35.05
C SER A 86 1.42 10.64 33.70
N ARG A 87 2.27 9.65 33.45
CA ARG A 87 2.38 9.07 32.13
C ARG A 87 3.01 7.67 32.20
N ILE A 88 2.91 6.93 31.09
CA ILE A 88 3.65 5.72 30.89
C ILE A 88 4.38 5.75 29.57
N ASP A 89 5.69 5.48 29.59
CA ASP A 89 6.53 5.55 28.39
C ASP A 89 7.01 4.19 27.93
N VAL A 90 7.28 3.30 28.88
CA VAL A 90 7.81 1.96 28.57
C VAL A 90 7.12 0.89 29.42
N LEU A 91 6.63 -0.16 28.76
CA LEU A 91 6.19 -1.39 29.43
C LEU A 91 7.19 -2.50 29.14
N VAL A 92 7.60 -3.18 30.20
CA VAL A 92 8.40 -4.34 30.10
C VAL A 92 7.73 -5.52 30.82
N ASN A 93 7.33 -6.53 30.02
CA ASN A 93 6.61 -7.72 30.52
C ASN A 93 7.64 -8.81 30.83
N CYS A 94 7.92 -9.01 32.11
CA CYS A 94 8.81 -10.05 32.58
C CYS A 94 8.14 -11.07 33.44
N ALA A 95 6.85 -10.92 33.74
CA ALA A 95 6.17 -11.88 34.58
C ALA A 95 5.98 -13.14 33.78
N GLY A 96 6.30 -14.26 34.39
CA GLY A 96 6.29 -15.57 33.66
C GLY A 96 6.53 -16.75 34.57
N VAL A 97 5.97 -17.91 34.20
CA VAL A 97 6.27 -19.18 34.88
C VAL A 97 6.82 -20.17 33.85
N ALA A 98 7.76 -21.02 34.29
CA ALA A 98 8.45 -21.93 33.40
C ALA A 98 8.39 -23.38 33.85
N PRO A 99 7.18 -23.98 33.90
CA PRO A 99 7.08 -25.33 34.39
C PRO A 99 7.47 -26.34 33.33
N GLY A 100 7.80 -27.54 33.80
CA GLY A 100 8.04 -28.71 32.92
C GLY A 100 7.02 -29.78 33.25
N GLU A 101 6.32 -30.28 32.22
CA GLU A 101 5.32 -31.32 32.42
C GLU A 101 5.15 -32.04 31.10
N LYS A 102 5.28 -33.37 31.15
CA LYS A 102 5.20 -34.14 29.94
C LYS A 102 3.78 -34.24 29.47
N VAL A 103 3.66 -34.37 28.14
CA VAL A 103 2.40 -34.66 27.50
C VAL A 103 1.84 -35.99 28.04
N LEU A 104 2.67 -37.04 28.05
CA LEU A 104 2.33 -38.37 28.66
C LEU A 104 3.29 -38.63 29.81
N GLY A 105 2.81 -38.38 31.04
CA GLY A 105 3.63 -38.55 32.25
C GLY A 105 3.45 -39.89 32.90
N ARG A 106 4.23 -40.13 33.95
CA ARG A 106 4.19 -41.39 34.70
C ARG A 106 2.78 -41.64 35.26
N GLU A 107 2.14 -40.60 35.77
CA GLU A 107 0.79 -40.70 36.36
C GLU A 107 -0.35 -40.16 35.45
N GLY A 108 -0.14 -40.10 34.14
CA GLY A 108 -1.19 -39.76 33.18
C GLY A 108 -0.91 -38.57 32.29
N ALA A 109 -1.93 -38.15 31.56
CA ALA A 109 -1.77 -37.04 30.57
C ALA A 109 -1.47 -35.73 31.29
N HIS A 110 -0.72 -34.85 30.61
CA HIS A 110 -0.57 -33.45 31.02
C HIS A 110 -1.92 -32.93 31.52
N LYS A 111 -1.95 -32.28 32.67
CA LYS A 111 -3.20 -31.71 33.17
C LYS A 111 -3.59 -30.54 32.29
N LEU A 112 -4.87 -30.42 31.98
CA LEU A 112 -5.35 -29.28 31.24
C LEU A 112 -5.24 -27.97 32.01
N GLU A 113 -5.45 -28.08 33.32
CA GLU A 113 -5.44 -26.91 34.21
C GLU A 113 -4.03 -26.25 34.21
N THR A 114 -2.98 -27.06 34.23
CA THR A 114 -1.64 -26.55 34.31
C THR A 114 -1.26 -25.89 33.00
N PHE A 115 -1.63 -26.50 31.88
CA PHE A 115 -1.40 -25.89 30.59
C PHE A 115 -2.09 -24.50 30.53
N THR A 116 -3.37 -24.49 30.89
CA THR A 116 -4.16 -23.28 30.86
C THR A 116 -3.54 -22.20 31.69
N ARG A 117 -3.08 -22.55 32.88
CA ARG A 117 -2.47 -21.59 33.80
C ARG A 117 -1.18 -20.99 33.27
N THR A 118 -0.32 -21.82 32.68
CA THR A 118 0.89 -21.30 32.08
C THR A 118 0.56 -20.29 30.98
N ILE A 119 -0.45 -20.60 30.18
CA ILE A 119 -0.92 -19.70 29.09
C ILE A 119 -1.47 -18.40 29.68
N SER A 120 -2.30 -18.55 30.71
CA SER A 120 -2.92 -17.39 31.39
C SER A 120 -1.86 -16.37 31.86
N ILE A 121 -0.87 -16.82 32.60
CA ILE A 121 0.13 -15.92 33.16
C ILE A 121 1.10 -15.38 32.09
N ASN A 122 1.66 -16.27 31.28
CA ASN A 122 2.69 -15.91 30.28
C ASN A 122 2.19 -15.13 29.05
N LEU A 123 1.09 -15.58 28.47
CA LEU A 123 0.57 -15.01 27.24
C LEU A 123 -0.63 -14.06 27.50
N ILE A 124 -1.65 -14.52 28.20
CA ILE A 124 -2.84 -13.66 28.42
C ILE A 124 -2.48 -12.45 29.28
N GLY A 125 -1.73 -12.71 30.34
CA GLY A 125 -1.14 -11.64 31.15
C GLY A 125 -0.32 -10.60 30.40
N THR A 126 0.54 -11.06 29.48
CA THR A 126 1.36 -10.16 28.66
C THR A 126 0.51 -9.35 27.72
N PHE A 127 -0.45 -10.00 27.04
CA PHE A 127 -1.40 -9.28 26.23
C PHE A 127 -2.20 -8.24 27.05
N ASN A 128 -2.64 -8.60 28.23
CA ASN A 128 -3.50 -7.70 29.08
C ASN A 128 -2.77 -6.40 29.46
N MET A 129 -1.53 -6.52 29.92
CA MET A 129 -0.76 -5.35 30.23
C MET A 129 -0.45 -4.56 28.99
N LEU A 130 -0.22 -5.24 27.88
CA LEU A 130 0.13 -4.57 26.64
C LEU A 130 -1.01 -3.67 26.15
N ARG A 131 -2.20 -4.25 26.06
CA ARG A 131 -3.36 -3.54 25.55
C ARG A 131 -3.65 -2.26 26.39
N LEU A 132 -3.51 -2.37 27.72
CA LEU A 132 -3.78 -1.28 28.62
C LEU A 132 -2.65 -0.23 28.64
N ALA A 133 -1.40 -0.67 28.60
CA ALA A 133 -0.26 0.25 28.52
C ALA A 133 -0.32 1.02 27.21
N ALA A 134 -0.55 0.31 26.09
CA ALA A 134 -0.72 0.96 24.76
C ALA A 134 -1.77 2.08 24.77
N GLU A 135 -2.92 1.79 25.41
CA GLU A 135 -4.02 2.76 25.52
C GLU A 135 -3.57 4.02 26.27
N ALA A 136 -2.86 3.83 27.38
CA ALA A 136 -2.26 4.96 28.10
C ALA A 136 -1.19 5.71 27.29
N MET A 137 -0.27 4.96 26.66
CA MET A 137 0.82 5.56 25.83
C MET A 137 0.30 6.42 24.67
N ALA A 138 -0.81 6.00 24.09
CA ALA A 138 -1.39 6.72 22.98
C ALA A 138 -1.85 8.14 23.37
N LYS A 139 -2.11 8.37 24.65
CA LYS A 139 -2.45 9.68 25.14
C LYS A 139 -1.24 10.63 25.28
N ASN A 140 -0.02 10.10 25.28
CA ASN A 140 1.17 10.92 25.41
C ASN A 140 1.29 11.82 24.18
N GLU A 141 1.99 12.93 24.34
N GLU A 141 1.98 12.94 24.34
CA GLU A 141 2.24 13.80 23.21
CA GLU A 141 2.25 13.81 23.21
C GLU A 141 3.37 13.12 22.41
C GLU A 141 3.37 13.12 22.41
N PRO A 142 3.37 13.27 21.07
CA PRO A 142 4.45 12.60 20.34
C PRO A 142 5.78 13.22 20.71
N GLY A 143 6.72 12.37 21.07
CA GLY A 143 8.05 12.85 21.51
C GLY A 143 9.06 12.81 20.37
N GLN A 144 10.31 12.56 20.73
CA GLN A 144 11.38 12.43 19.76
C GLN A 144 11.05 11.46 18.63
N GLY A 145 11.17 11.92 17.41
CA GLY A 145 10.89 11.08 16.25
C GLY A 145 9.44 10.61 16.20
N GLY A 146 8.56 11.33 16.92
CA GLY A 146 7.12 11.05 16.92
C GLY A 146 6.76 9.93 17.85
N GLU A 147 7.73 9.48 18.66
CA GLU A 147 7.53 8.29 19.46
C GLU A 147 6.70 8.58 20.70
N ARG A 148 5.71 7.74 20.97
CA ARG A 148 4.89 7.83 22.17
C ARG A 148 5.11 6.72 23.20
N GLY A 149 5.75 5.63 22.81
CA GLY A 149 6.05 4.56 23.77
C GLY A 149 6.87 3.40 23.19
N VAL A 150 7.35 2.53 24.08
CA VAL A 150 7.97 1.28 23.72
C VAL A 150 7.48 0.16 24.60
N ILE A 151 7.05 -0.95 23.98
CA ILE A 151 6.59 -2.10 24.70
C ILE A 151 7.59 -3.23 24.41
N ILE A 152 8.09 -3.85 25.47
CA ILE A 152 9.00 -4.96 25.38
C ILE A 152 8.47 -6.20 26.10
N ASN A 153 8.31 -7.29 25.35
CA ASN A 153 7.81 -8.55 25.93
C ASN A 153 8.93 -9.55 26.07
N THR A 154 8.71 -10.55 26.92
CA THR A 154 9.69 -11.56 27.15
C THR A 154 9.11 -12.87 26.68
N ALA A 155 9.78 -13.47 25.68
CA ALA A 155 9.47 -14.81 25.26
C ALA A 155 10.49 -15.77 25.90
N SER A 156 11.13 -16.61 25.08
CA SER A 156 12.12 -17.58 25.57
C SER A 156 12.64 -18.32 24.35
N VAL A 157 13.86 -18.85 24.46
CA VAL A 157 14.38 -19.75 23.44
C VAL A 157 13.51 -20.99 23.28
N ALA A 158 12.67 -21.26 24.27
CA ALA A 158 11.66 -22.33 24.19
C ALA A 158 10.67 -22.13 23.06
N ALA A 159 10.53 -20.88 22.61
CA ALA A 159 9.71 -20.56 21.44
C ALA A 159 10.31 -21.10 20.17
N PHE A 160 11.59 -21.50 20.21
CA PHE A 160 12.26 -22.06 19.06
C PHE A 160 12.80 -23.50 19.22
N ASP A 161 13.27 -23.84 20.42
CA ASP A 161 13.98 -25.08 20.69
C ASP A 161 13.36 -25.86 21.86
N GLY A 162 12.03 -25.85 21.95
CA GLY A 162 11.32 -26.45 23.08
C GLY A 162 11.81 -27.84 23.41
N GLN A 163 12.10 -28.07 24.69
CA GLN A 163 12.53 -29.34 25.21
C GLN A 163 11.38 -30.23 25.63
N ILE A 164 11.68 -31.50 25.81
CA ILE A 164 10.69 -32.45 26.31
C ILE A 164 10.16 -31.91 27.62
N GLY A 165 8.85 -31.82 27.73
CA GLY A 165 8.22 -31.24 28.92
C GLY A 165 7.83 -29.77 28.84
N GLN A 166 8.17 -29.12 27.74
CA GLN A 166 7.87 -27.69 27.58
C GLN A 166 6.74 -27.33 26.61
N ALA A 167 5.78 -28.23 26.40
CA ALA A 167 4.68 -27.88 25.50
C ALA A 167 4.01 -26.56 25.96
N ALA A 168 3.66 -26.47 27.25
CA ALA A 168 2.91 -25.30 27.76
C ALA A 168 3.76 -24.05 27.63
N TYR A 169 5.00 -24.13 28.10
CA TYR A 169 5.91 -23.03 28.10
C TYR A 169 6.20 -22.58 26.67
N SER A 170 6.50 -23.52 25.76
CA SER A 170 6.74 -23.18 24.38
C SER A 170 5.53 -22.55 23.73
N ALA A 171 4.36 -23.12 23.98
CA ALA A 171 3.12 -22.58 23.41
C ALA A 171 2.87 -21.15 23.86
N SER A 172 3.04 -20.89 25.14
CA SER A 172 2.84 -19.54 25.64
C SER A 172 3.88 -18.55 25.09
N LYS A 173 5.15 -18.94 25.12
CA LYS A 173 6.22 -18.04 24.63
C LYS A 173 6.26 -17.89 23.09
N GLY A 174 5.83 -18.91 22.38
CA GLY A 174 5.73 -18.83 20.92
C GLY A 174 4.63 -17.87 20.54
N GLY A 175 3.58 -17.86 21.37
CA GLY A 175 2.48 -16.93 21.20
C GLY A 175 2.88 -15.50 21.41
N VAL A 176 3.64 -15.23 22.47
CA VAL A 176 4.20 -13.92 22.67
C VAL A 176 5.04 -13.47 21.50
N ALA A 177 5.99 -14.30 21.09
CA ALA A 177 6.82 -13.96 19.95
C ALA A 177 6.00 -13.60 18.72
N ALA A 178 5.00 -14.42 18.39
CA ALA A 178 4.25 -14.21 17.16
C ALA A 178 3.32 -13.01 17.13
N MET A 179 2.96 -12.49 18.29
CA MET A 179 2.19 -11.25 18.40
C MET A 179 2.95 -9.99 18.04
N THR A 180 4.28 -10.06 18.10
CA THR A 180 5.11 -8.90 18.06
C THR A 180 4.86 -8.08 16.82
N LEU A 181 4.86 -8.76 15.67
CA LEU A 181 4.59 -8.10 14.38
C LEU A 181 3.17 -7.50 14.19
N PRO A 182 2.08 -8.29 14.36
CA PRO A 182 0.76 -7.66 14.21
C PRO A 182 0.48 -6.50 15.16
N VAL A 183 0.99 -6.58 16.38
CA VAL A 183 0.85 -5.48 17.31
C VAL A 183 1.72 -4.30 16.81
N ALA A 184 2.98 -4.55 16.42
CA ALA A 184 3.85 -3.45 16.04
C ALA A 184 3.29 -2.73 14.82
N ARG A 185 2.75 -3.51 13.89
CA ARG A 185 2.13 -2.96 12.72
C ARG A 185 1.01 -2.00 13.03
N GLU A 186 0.19 -2.35 14.00
CA GLU A 186 -0.95 -1.43 14.32
C GLU A 186 -0.46 -0.23 15.08
N LEU A 187 0.36 -0.46 16.09
CA LEU A 187 0.69 0.58 17.04
C LEU A 187 1.68 1.57 16.46
N ALA A 188 2.26 1.22 15.30
CA ALA A 188 3.10 2.13 14.52
C ALA A 188 2.39 3.45 14.22
N ARG A 189 1.11 3.37 13.95
CA ARG A 189 0.30 4.56 13.70
C ARG A 189 0.32 5.61 14.87
N HIS A 190 0.45 5.14 16.09
CA HIS A 190 0.57 5.97 17.29
C HIS A 190 1.99 6.20 17.75
N GLY A 191 2.97 5.75 16.99
CA GLY A 191 4.36 5.87 17.43
C GLY A 191 4.75 5.03 18.65
N ILE A 192 4.12 3.87 18.80
CA ILE A 192 4.49 2.91 19.84
C ILE A 192 5.19 1.69 19.21
N ARG A 193 6.49 1.48 19.58
CA ARG A 193 7.27 0.34 19.15
C ARG A 193 7.03 -0.86 20.02
N VAL A 194 7.15 -2.05 19.41
CA VAL A 194 6.85 -3.30 20.08
C VAL A 194 7.92 -4.34 19.73
N MET A 195 8.60 -4.83 20.77
CA MET A 195 9.79 -5.68 20.63
C MET A 195 9.70 -6.78 21.60
N THR A 196 10.41 -7.83 21.28
CA THR A 196 10.40 -9.02 22.11
C THR A 196 11.79 -9.53 22.32
N ILE A 197 12.10 -9.91 23.55
CA ILE A 197 13.39 -10.56 23.87
C ILE A 197 13.14 -12.01 24.23
N ALA A 198 13.98 -12.89 23.67
CA ALA A 198 13.90 -14.31 23.94
C ALA A 198 15.14 -14.73 24.69
N PRO A 199 15.06 -14.78 26.04
CA PRO A 199 16.21 -15.20 26.83
C PRO A 199 16.49 -16.69 26.83
N GLY A 200 17.79 -17.01 26.94
CA GLY A 200 18.26 -18.39 27.16
C GLY A 200 18.22 -18.67 28.65
N ILE A 201 19.26 -19.27 29.19
CA ILE A 201 19.28 -19.68 30.57
C ILE A 201 19.85 -18.55 31.42
N PHE A 202 19.01 -18.01 32.31
CA PHE A 202 19.41 -16.95 33.22
C PHE A 202 19.30 -17.32 34.70
N LYS A 203 20.10 -16.69 35.52
CA LYS A 203 19.97 -16.86 37.01
C LYS A 203 18.67 -16.29 37.48
N THR A 204 17.60 -17.04 37.33
CA THR A 204 16.27 -16.67 37.86
C THR A 204 16.13 -17.25 39.29
N PRO A 205 15.06 -16.87 40.05
CA PRO A 205 14.74 -17.55 41.32
C PRO A 205 14.52 -19.07 41.20
N MET A 206 13.86 -19.54 40.14
N MET A 206 13.85 -19.54 40.14
CA MET A 206 13.72 -21.00 39.94
CA MET A 206 13.68 -20.98 39.89
C MET A 206 15.13 -21.61 39.82
C MET A 206 15.10 -21.62 39.79
N MET A 207 15.95 -21.03 38.95
CA MET A 207 17.37 -21.44 38.80
C MET A 207 18.16 -21.46 40.11
N ALA A 208 18.09 -20.37 40.86
CA ALA A 208 18.79 -20.31 42.15
C ALA A 208 18.22 -21.31 43.17
N GLY A 209 16.99 -21.78 42.97
CA GLY A 209 16.43 -22.85 43.78
C GLY A 209 17.11 -24.20 43.59
N MET A 210 17.68 -24.45 42.41
CA MET A 210 18.33 -25.73 42.12
C MET A 210 19.66 -25.89 42.87
N PRO A 211 20.12 -27.14 43.05
CA PRO A 211 21.44 -27.33 43.66
C PRO A 211 22.56 -26.86 42.71
N GLN A 212 23.69 -26.43 43.29
CA GLN A 212 24.77 -25.73 42.55
C GLN A 212 25.37 -26.56 41.41
N GLU A 213 25.51 -27.87 41.61
CA GLU A 213 26.02 -28.74 40.54
C GLU A 213 25.12 -28.72 39.31
N VAL A 214 23.81 -28.60 39.52
CA VAL A 214 22.82 -28.57 38.43
C VAL A 214 22.84 -27.22 37.72
N GLN A 215 23.04 -26.16 38.50
CA GLN A 215 23.26 -24.84 37.92
C GLN A 215 24.44 -24.83 37.00
N ASP A 216 25.57 -25.21 37.59
CA ASP A 216 26.84 -25.22 36.86
C ASP A 216 26.73 -26.08 35.58
N ALA A 217 25.95 -27.15 35.63
CA ALA A 217 25.78 -28.01 34.46
C ALA A 217 24.97 -27.33 33.35
N LEU A 218 23.94 -26.59 33.72
CA LEU A 218 23.16 -25.80 32.75
C LEU A 218 24.02 -24.76 32.07
N GLY A 219 24.85 -24.10 32.88
CA GLY A 219 25.81 -23.13 32.36
C GLY A 219 26.75 -23.73 31.35
N ALA A 220 27.21 -24.93 31.61
CA ALA A 220 28.19 -25.58 30.70
C ALA A 220 27.55 -26.07 29.40
N SER A 221 26.22 -26.12 29.34
CA SER A 221 25.52 -26.37 28.06
C SER A 221 25.54 -25.18 27.08
N VAL A 222 25.90 -23.98 27.55
CA VAL A 222 25.84 -22.76 26.70
C VAL A 222 27.19 -22.57 26.00
N PRO A 223 27.22 -22.45 24.65
CA PRO A 223 28.53 -22.41 23.93
C PRO A 223 29.48 -21.32 24.40
N PHE A 224 29.04 -20.06 24.32
CA PHE A 224 29.80 -18.98 24.94
C PHE A 224 28.90 -17.76 25.19
N PRO A 225 28.93 -17.18 26.40
CA PRO A 225 29.79 -17.55 27.53
C PRO A 225 29.20 -18.78 28.22
N PRO A 226 30.04 -19.73 28.64
CA PRO A 226 29.51 -20.97 29.21
C PRO A 226 29.07 -20.78 30.66
N ARG A 227 28.05 -19.97 30.87
CA ARG A 227 27.54 -19.69 32.23
C ARG A 227 26.10 -19.28 32.12
N LEU A 228 25.44 -19.20 33.27
CA LEU A 228 24.13 -18.59 33.38
C LEU A 228 24.19 -17.12 33.02
N GLY A 229 23.19 -16.66 32.31
CA GLY A 229 23.10 -15.24 32.02
C GLY A 229 22.75 -14.44 33.29
N GLU A 230 23.27 -13.22 33.36
CA GLU A 230 23.06 -12.34 34.51
C GLU A 230 21.84 -11.44 34.19
N PRO A 231 20.94 -11.28 35.15
CA PRO A 231 19.72 -10.48 34.86
C PRO A 231 20.06 -9.09 34.38
N ALA A 232 21.18 -8.55 34.83
CA ALA A 232 21.58 -7.23 34.39
C ALA A 232 21.92 -7.18 32.89
N GLU A 233 22.29 -8.32 32.30
CA GLU A 233 22.55 -8.37 30.89
C GLU A 233 21.21 -8.27 30.10
N TYR A 234 20.17 -8.92 30.59
CA TYR A 234 18.83 -8.82 29.98
C TYR A 234 18.39 -7.36 30.08
N ALA A 235 18.60 -6.74 31.24
CA ALA A 235 18.30 -5.30 31.44
C ALA A 235 19.10 -4.35 30.51
N ALA A 236 20.38 -4.65 30.29
CA ALA A 236 21.17 -3.89 29.29
C ALA A 236 20.53 -3.97 27.88
N LEU A 237 20.02 -5.14 27.49
CA LEU A 237 19.39 -5.25 26.16
C LEU A 237 18.08 -4.45 26.13
N VAL A 238 17.30 -4.50 27.20
CA VAL A 238 16.09 -3.65 27.30
C VAL A 238 16.43 -2.18 27.05
N ARG A 239 17.47 -1.73 27.72
CA ARG A 239 17.92 -0.37 27.64
C ARG A 239 18.26 -0.04 26.19
N HIS A 240 19.03 -0.91 25.53
CA HIS A 240 19.40 -0.65 24.15
C HIS A 240 18.21 -0.56 23.22
N ILE A 241 17.20 -1.40 23.45
CA ILE A 241 15.90 -1.32 22.71
C ILE A 241 15.19 0.03 22.93
N VAL A 242 15.18 0.52 24.16
CA VAL A 242 14.52 1.81 24.42
C VAL A 242 15.30 2.94 23.72
N GLU A 243 16.63 2.83 23.70
CA GLU A 243 17.50 3.83 23.09
C GLU A 243 17.53 3.80 21.56
N ASN A 244 17.40 2.62 20.96
CA ASN A 244 17.57 2.47 19.51
C ASN A 244 16.26 2.38 18.77
N GLN A 245 15.90 3.48 18.12
CA GLN A 245 14.58 3.66 17.55
C GLN A 245 14.31 2.76 16.36
N MET A 246 15.38 2.26 15.70
CA MET A 246 15.19 1.42 14.53
C MET A 246 14.81 -0.01 14.93
N LEU A 247 14.93 -0.34 16.23
CA LEU A 247 14.49 -1.68 16.66
C LEU A 247 12.98 -1.72 16.81
N ASN A 248 12.31 -2.48 15.92
CA ASN A 248 10.87 -2.63 16.04
C ASN A 248 10.35 -3.90 15.37
N GLY A 249 9.35 -4.54 16.00
CA GLY A 249 8.68 -5.72 15.43
C GLY A 249 9.51 -7.01 15.31
N GLU A 250 10.54 -7.12 16.15
CA GLU A 250 11.51 -8.15 16.09
C GLU A 250 11.64 -8.90 17.40
N VAL A 251 12.02 -10.17 17.29
CA VAL A 251 12.34 -11.03 18.45
C VAL A 251 13.87 -11.21 18.48
N ILE A 252 14.49 -10.84 19.60
CA ILE A 252 15.93 -10.99 19.74
C ILE A 252 16.25 -12.12 20.70
N ARG A 253 17.01 -13.12 20.19
CA ARG A 253 17.55 -14.16 21.06
C ARG A 253 18.76 -13.69 21.86
N LEU A 254 18.64 -13.80 23.19
CA LEU A 254 19.74 -13.49 24.14
C LEU A 254 20.11 -14.73 24.91
N ASP A 255 21.06 -15.47 24.35
CA ASP A 255 21.22 -16.88 24.74
C ASP A 255 22.59 -17.54 24.66
N GLY A 256 23.62 -16.78 24.45
CA GLY A 256 25.02 -17.32 24.33
C GLY A 256 25.14 -18.43 23.27
N ALA A 257 24.30 -18.35 22.26
CA ALA A 257 24.32 -19.34 21.10
C ALA A 257 23.79 -20.69 21.50
N LEU A 258 23.13 -20.75 22.64
CA LEU A 258 22.47 -21.98 23.05
C LEU A 258 21.42 -22.47 22.05
N ARG A 259 21.41 -23.76 21.81
CA ARG A 259 20.31 -24.42 21.09
C ARG A 259 19.94 -25.62 21.93
N MET A 260 18.82 -25.51 22.65
CA MET A 260 18.47 -26.51 23.66
C MET A 260 18.21 -27.89 23.04
N ALA A 261 18.93 -28.89 23.55
CA ALA A 261 18.70 -30.28 23.19
C ALA A 261 17.32 -30.71 23.74
N ALA A 262 16.88 -31.88 23.30
CA ALA A 262 15.58 -32.43 23.70
C ALA A 262 15.51 -32.70 25.22
N LYS A 263 16.68 -33.12 25.76
CA LYS A 263 16.87 -33.54 27.14
C LYS A 263 17.84 -32.62 27.85
N HIS B 4 28.77 0.98 33.16
CA HIS B 4 29.51 -0.25 33.55
C HIS B 4 28.90 -0.92 34.82
N HIS B 5 28.36 -2.14 34.64
CA HIS B 5 28.00 -3.13 35.68
C HIS B 5 28.83 -4.43 35.40
N HIS B 6 28.69 -5.48 36.20
CA HIS B 6 29.77 -6.52 36.30
C HIS B 6 30.20 -7.28 35.01
N HIS B 7 29.23 -7.77 34.23
CA HIS B 7 29.52 -8.50 32.99
C HIS B 7 29.59 -7.60 31.76
N HIS B 8 29.47 -6.28 31.94
CA HIS B 8 29.49 -5.32 30.83
C HIS B 8 30.88 -5.33 30.19
N MET B 9 30.94 -5.43 28.87
CA MET B 9 32.22 -5.49 28.17
C MET B 9 32.62 -4.11 27.72
N GLN B 10 33.82 -3.69 28.09
CA GLN B 10 34.26 -2.34 27.79
C GLN B 10 34.72 -2.21 26.33
N ILE B 11 34.38 -1.08 25.71
CA ILE B 11 34.73 -0.80 24.32
C ILE B 11 36.08 -0.07 24.20
N GLU B 12 36.46 0.67 25.23
CA GLU B 12 37.69 1.47 25.22
C GLU B 12 38.90 0.61 24.94
N ASN B 13 39.75 1.09 24.05
CA ASN B 13 41.03 0.43 23.71
C ASN B 13 40.95 -0.89 22.93
N ARG B 14 39.74 -1.37 22.65
CA ARG B 14 39.61 -2.54 21.82
C ARG B 14 39.94 -2.16 20.36
N VAL B 15 40.57 -3.08 19.61
CA VAL B 15 40.94 -2.83 18.21
C VAL B 15 39.91 -3.40 17.22
N PHE B 16 39.29 -2.51 16.46
CA PHE B 16 38.26 -2.87 15.47
C PHE B 16 38.89 -2.98 14.11
N LEU B 17 38.52 -4.02 13.39
CA LEU B 17 38.83 -4.11 11.98
C LEU B 17 37.47 -4.01 11.26
N ILE B 18 37.34 -3.10 10.30
CA ILE B 18 36.04 -2.83 9.68
C ILE B 18 36.09 -2.75 8.17
N THR B 19 35.24 -3.53 7.51
CA THR B 19 35.20 -3.54 6.02
C THR B 19 34.11 -2.62 5.48
N GLY B 20 34.25 -2.19 4.24
CA GLY B 20 33.41 -1.15 3.65
C GLY B 20 33.42 0.14 4.47
N ALA B 21 34.56 0.45 5.07
CA ALA B 21 34.66 1.49 6.08
C ALA B 21 34.76 2.89 5.52
N GLY B 22 34.86 3.01 4.20
CA GLY B 22 34.95 4.33 3.60
C GLY B 22 33.61 5.00 3.43
N SER B 23 32.52 4.27 3.60
CA SER B 23 31.21 4.89 3.48
C SER B 23 30.14 4.18 4.26
N GLY B 24 28.96 4.80 4.29
CA GLY B 24 27.76 4.20 4.84
C GLY B 24 27.94 3.55 6.21
N LEU B 25 27.50 2.30 6.31
CA LEU B 25 27.47 1.61 7.59
C LEU B 25 28.86 1.52 8.22
N GLY B 26 29.85 1.11 7.43
CA GLY B 26 31.19 0.91 7.94
C GLY B 26 31.82 2.20 8.43
N ALA B 27 31.55 3.27 7.70
CA ALA B 27 32.06 4.58 8.09
C ALA B 27 31.50 4.96 9.44
N ALA B 28 30.20 4.70 9.63
CA ALA B 28 29.55 5.09 10.91
C ALA B 28 30.05 4.23 12.06
N VAL B 29 30.32 2.95 11.80
CA VAL B 29 30.88 2.09 12.83
C VAL B 29 32.28 2.62 13.25
N SER B 30 33.11 2.97 12.25
CA SER B 30 34.47 3.50 12.48
C SER B 30 34.47 4.77 13.30
N LYS B 31 33.58 5.68 12.93
CA LYS B 31 33.32 6.88 13.72
C LYS B 31 32.88 6.57 15.17
N MET B 32 31.91 5.69 15.32
CA MET B 32 31.42 5.33 16.67
C MET B 32 32.55 4.76 17.51
N ALA B 33 33.31 3.86 16.91
CA ALA B 33 34.36 3.18 17.62
C ALA B 33 35.45 4.17 18.08
N VAL B 34 35.93 5.00 17.17
CA VAL B 34 36.98 5.95 17.51
C VAL B 34 36.49 6.88 18.62
N GLU B 35 35.23 7.34 18.53
CA GLU B 35 34.70 8.29 19.53
C GLU B 35 34.45 7.66 20.86
N ALA B 36 34.32 6.32 20.90
CA ALA B 36 34.12 5.61 22.18
C ALA B 36 35.43 5.20 22.81
N GLY B 37 36.54 5.57 22.16
CA GLY B 37 37.87 5.33 22.68
C GLY B 37 38.57 4.10 22.14
N ALA B 38 38.12 3.60 21.00
CA ALA B 38 38.71 2.39 20.44
C ALA B 38 39.66 2.73 19.29
N LYS B 39 40.47 1.74 18.90
CA LYS B 39 41.31 1.82 17.69
C LYS B 39 40.58 1.20 16.50
N VAL B 40 40.70 1.81 15.32
CA VAL B 40 40.10 1.24 14.12
C VAL B 40 41.09 1.11 12.98
N VAL B 41 41.03 -0.04 12.30
CA VAL B 41 41.67 -0.24 11.02
C VAL B 41 40.58 -0.32 9.97
N LEU B 42 40.56 0.68 9.09
CA LEU B 42 39.58 0.78 8.04
C LEU B 42 40.01 -0.01 6.84
N LEU B 43 39.10 -0.84 6.32
CA LEU B 43 39.36 -1.56 5.09
C LEU B 43 38.31 -1.20 4.03
N ASP B 44 38.79 -0.91 2.82
CA ASP B 44 37.91 -0.60 1.69
C ASP B 44 38.69 -0.78 0.41
N VAL B 45 37.98 -1.09 -0.67
CA VAL B 45 38.61 -1.21 -1.99
C VAL B 45 38.87 0.15 -2.59
N ASN B 46 38.12 1.15 -2.13
CA ASN B 46 38.32 2.53 -2.57
C ASN B 46 39.31 3.29 -1.67
N ALA B 47 40.51 3.52 -2.19
CA ALA B 47 41.58 4.23 -1.45
C ALA B 47 41.21 5.66 -1.10
N GLU B 48 40.58 6.40 -2.01
CA GLU B 48 40.29 7.81 -1.77
C GLU B 48 39.45 7.97 -0.52
N ALA B 49 38.32 7.25 -0.50
CA ALA B 49 37.34 7.32 0.60
C ALA B 49 37.92 6.83 1.93
N GLY B 50 38.72 5.77 1.86
CA GLY B 50 39.33 5.18 3.05
C GLY B 50 40.41 6.02 3.67
N GLU B 51 41.28 6.60 2.84
CA GLU B 51 42.31 7.51 3.30
C GLU B 51 41.68 8.77 3.98
N ALA B 52 40.64 9.32 3.35
CA ALA B 52 39.94 10.50 3.85
C ALA B 52 39.29 10.24 5.20
N GLY B 53 38.68 9.05 5.34
CA GLY B 53 38.06 8.65 6.62
C GLY B 53 39.08 8.54 7.75
N ALA B 54 40.15 7.79 7.49
CA ALA B 54 41.21 7.59 8.47
C ALA B 54 41.86 8.92 8.87
N LYS B 55 42.01 9.78 7.87
CA LYS B 55 42.55 11.13 8.07
C LYS B 55 41.68 11.93 9.04
N ALA B 56 40.39 12.01 8.73
CA ALA B 56 39.41 12.71 9.56
C ALA B 56 39.24 12.15 11.00
N LEU B 57 39.44 10.84 11.18
CA LEU B 57 39.28 10.23 12.51
C LEU B 57 40.52 10.38 13.41
N GLY B 58 41.70 10.51 12.79
CA GLY B 58 42.92 10.84 13.53
C GLY B 58 43.80 9.67 13.90
N ALA B 59 44.57 9.84 14.97
CA ALA B 59 45.67 8.93 15.35
C ALA B 59 45.23 7.53 15.73
N SER B 60 43.99 7.40 16.18
CA SER B 60 43.42 6.11 16.50
C SER B 60 42.93 5.33 15.29
N ALA B 61 43.07 5.89 14.09
CA ALA B 61 42.63 5.23 12.85
C ALA B 61 43.78 4.97 11.89
N ARG B 62 43.71 3.84 11.19
CA ARG B 62 44.56 3.56 10.05
C ARG B 62 43.68 3.06 8.91
N PHE B 63 44.19 3.16 7.69
CA PHE B 63 43.54 2.60 6.51
C PHE B 63 44.42 1.60 5.77
N GLN B 64 43.80 0.52 5.27
CA GLN B 64 44.51 -0.49 4.45
C GLN B 64 43.64 -0.90 3.28
N ARG B 65 44.10 -0.62 2.06
CA ARG B 65 43.35 -0.94 0.87
C ARG B 65 43.16 -2.43 0.79
N THR B 66 41.93 -2.87 0.55
CA THR B 66 41.62 -4.30 0.65
C THR B 66 40.46 -4.73 -0.23
N ASP B 67 40.70 -5.77 -1.02
CA ASP B 67 39.63 -6.52 -1.69
C ASP B 67 39.28 -7.67 -0.73
N VAL B 68 38.17 -7.53 -0.02
CA VAL B 68 37.69 -8.48 0.98
C VAL B 68 37.62 -9.92 0.46
N ALA B 69 37.43 -10.11 -0.84
CA ALA B 69 37.34 -11.45 -1.41
C ALA B 69 38.73 -12.06 -1.73
N SER B 70 39.80 -11.30 -1.54
CA SER B 70 41.14 -11.78 -1.85
C SER B 70 41.85 -12.38 -0.64
N ASP B 71 42.39 -13.58 -0.83
CA ASP B 71 43.19 -14.27 0.19
C ASP B 71 44.37 -13.37 0.58
N THR B 72 45.12 -12.94 -0.40
CA THR B 72 46.37 -12.19 -0.11
C THR B 72 46.06 -10.83 0.53
N ASP B 73 45.05 -10.13 0.02
CA ASP B 73 44.66 -8.85 0.58
C ASP B 73 44.17 -8.99 2.02
N GLY B 74 43.46 -10.09 2.26
CA GLY B 74 42.94 -10.39 3.58
C GLY B 74 44.09 -10.52 4.56
N LYS B 75 45.07 -11.33 4.20
CA LYS B 75 46.28 -11.44 5.06
C LYS B 75 46.95 -10.16 5.33
N ALA B 76 47.13 -9.39 4.26
CA ALA B 76 47.87 -8.14 4.35
C ALA B 76 47.13 -7.23 5.32
N ALA B 77 45.79 -7.30 5.28
CA ALA B 77 44.97 -6.47 6.18
C ALA B 77 45.15 -6.88 7.64
N ILE B 78 45.20 -8.18 7.88
CA ILE B 78 45.49 -8.66 9.22
C ILE B 78 46.87 -8.17 9.68
N ALA B 79 47.90 -8.47 8.89
CA ALA B 79 49.25 -8.06 9.22
C ALA B 79 49.37 -6.57 9.53
N ALA B 80 48.73 -5.73 8.73
CA ALA B 80 48.75 -4.29 8.93
C ALA B 80 48.08 -3.88 10.25
N ALA B 81 47.00 -4.56 10.63
CA ALA B 81 46.31 -4.26 11.89
C ALA B 81 47.21 -4.63 13.08
N ILE B 82 47.84 -5.79 13.00
CA ILE B 82 48.72 -6.27 14.05
C ILE B 82 49.89 -5.32 14.19
N GLU B 83 50.52 -4.99 13.06
CA GLU B 83 51.68 -4.10 13.05
C GLU B 83 51.34 -2.73 13.63
N ALA B 84 50.15 -2.23 13.32
CA ALA B 84 49.73 -0.92 13.83
C ALA B 84 49.34 -0.94 15.31
N PHE B 85 48.52 -1.91 15.72
CA PHE B 85 47.89 -1.89 17.05
C PHE B 85 48.11 -3.17 17.89
N SER B 86 48.86 -4.14 17.37
CA SER B 86 49.31 -5.32 18.15
C SER B 86 48.28 -6.44 18.31
N ARG B 87 47.01 -6.18 18.03
CA ARG B 87 45.97 -7.17 18.22
C ARG B 87 44.71 -6.79 17.47
N ILE B 88 43.79 -7.74 17.41
CA ILE B 88 42.46 -7.51 16.83
C ILE B 88 41.42 -8.04 17.78
N ASP B 89 40.47 -7.21 18.16
CA ASP B 89 39.44 -7.60 19.09
C ASP B 89 38.05 -7.76 18.48
N VAL B 90 37.76 -6.92 17.48
CA VAL B 90 36.47 -6.91 16.84
C VAL B 90 36.59 -6.79 15.31
N LEU B 91 35.88 -7.65 14.62
CA LEU B 91 35.68 -7.51 13.19
C LEU B 91 34.23 -7.13 12.93
N VAL B 92 34.04 -6.16 12.04
CA VAL B 92 32.71 -5.84 11.54
C VAL B 92 32.72 -5.84 10.03
N ASN B 93 31.99 -6.77 9.45
CA ASN B 93 31.86 -6.91 8.02
C ASN B 93 30.67 -6.12 7.51
N CYS B 94 30.95 -4.99 6.87
CA CYS B 94 29.92 -4.14 6.25
C CYS B 94 30.07 -3.99 4.76
N ALA B 95 31.11 -4.59 4.17
CA ALA B 95 31.28 -4.48 2.74
C ALA B 95 30.19 -5.28 2.11
N GLY B 96 29.55 -4.70 1.13
CA GLY B 96 28.44 -5.37 0.44
C GLY B 96 27.90 -4.61 -0.76
N VAL B 97 27.28 -5.33 -1.67
CA VAL B 97 26.58 -4.72 -2.77
C VAL B 97 25.14 -5.23 -2.82
N ALA B 98 24.22 -4.38 -3.28
CA ALA B 98 22.80 -4.72 -3.32
C ALA B 98 22.12 -4.55 -4.70
N PRO B 99 22.59 -5.28 -5.72
CA PRO B 99 21.99 -5.11 -7.05
C PRO B 99 20.63 -5.79 -7.19
N GLY B 100 19.87 -5.34 -8.19
CA GLY B 100 18.58 -5.91 -8.54
C GLY B 100 18.70 -6.43 -9.95
N GLU B 101 18.32 -7.68 -10.18
CA GLU B 101 18.34 -8.27 -11.51
C GLU B 101 17.36 -9.44 -11.52
N LYS B 102 16.44 -9.41 -12.48
CA LYS B 102 15.44 -10.46 -12.56
C LYS B 102 16.02 -11.74 -13.07
N VAL B 103 15.40 -12.83 -12.63
CA VAL B 103 15.72 -14.16 -13.11
C VAL B 103 15.45 -14.22 -14.59
N LEU B 104 14.29 -13.71 -15.01
CA LEU B 104 13.94 -13.57 -16.42
C LEU B 104 13.73 -12.10 -16.75
N GLY B 105 14.74 -11.49 -17.38
CA GLY B 105 14.71 -10.07 -17.71
C GLY B 105 14.33 -9.82 -19.17
N ARG B 106 14.24 -8.55 -19.54
CA ARG B 106 13.90 -8.16 -20.90
C ARG B 106 14.89 -8.78 -21.92
N GLU B 107 16.18 -8.77 -21.57
CA GLU B 107 17.23 -9.30 -22.46
C GLU B 107 17.70 -10.69 -22.11
N GLY B 108 16.86 -11.46 -21.43
CA GLY B 108 17.15 -12.88 -21.21
C GLY B 108 17.32 -13.20 -19.74
N ALA B 109 17.90 -14.36 -19.50
CA ALA B 109 18.12 -14.84 -18.14
C ALA B 109 19.14 -13.97 -17.37
N HIS B 110 18.96 -13.90 -16.05
CA HIS B 110 19.95 -13.34 -15.12
C HIS B 110 21.35 -13.82 -15.56
N LYS B 111 22.31 -12.92 -15.66
CA LYS B 111 23.66 -13.33 -16.01
C LYS B 111 24.25 -14.12 -14.86
N LEU B 112 24.95 -15.19 -15.17
CA LEU B 112 25.62 -15.97 -14.15
C LEU B 112 26.74 -15.16 -13.47
N GLU B 113 27.38 -14.30 -14.26
CA GLU B 113 28.55 -13.54 -13.80
C GLU B 113 28.13 -12.58 -12.69
N THR B 114 26.97 -11.96 -12.83
CA THR B 114 26.51 -10.96 -11.90
C THR B 114 26.07 -11.62 -10.60
N PHE B 115 25.42 -12.77 -10.71
CA PHE B 115 25.11 -13.58 -9.53
C PHE B 115 26.40 -13.93 -8.76
N THR B 116 27.36 -14.48 -9.47
CA THR B 116 28.62 -14.92 -8.90
C THR B 116 29.33 -13.79 -8.20
N ARG B 117 29.37 -12.63 -8.84
CA ARG B 117 30.01 -11.46 -8.27
C ARG B 117 29.33 -10.96 -6.98
N THR B 118 28.01 -10.94 -6.95
CA THR B 118 27.33 -10.57 -5.73
C THR B 118 27.69 -11.52 -4.56
N ILE B 119 27.72 -12.80 -4.87
CA ILE B 119 28.07 -13.84 -3.88
C ILE B 119 29.51 -13.62 -3.41
N SER B 120 30.40 -13.34 -4.35
CA SER B 120 31.82 -13.19 -4.07
C SER B 120 32.04 -12.08 -3.04
N ILE B 121 31.48 -10.91 -3.30
CA ILE B 121 31.71 -9.76 -2.43
C ILE B 121 30.97 -9.89 -1.08
N ASN B 122 29.68 -10.24 -1.13
CA ASN B 122 28.86 -10.28 0.09
C ASN B 122 29.12 -11.47 1.01
N LEU B 123 29.26 -12.65 0.43
CA LEU B 123 29.39 -13.87 1.20
C LEU B 123 30.83 -14.40 1.30
N ILE B 124 31.48 -14.60 0.18
CA ILE B 124 32.86 -15.09 0.23
C ILE B 124 33.72 -14.07 0.94
N GLY B 125 33.56 -12.80 0.60
CA GLY B 125 34.32 -11.73 1.23
C GLY B 125 34.15 -11.66 2.74
N THR B 126 32.92 -11.86 3.19
CA THR B 126 32.64 -11.92 4.61
C THR B 126 33.32 -13.12 5.25
N PHE B 127 33.19 -14.28 4.64
CA PHE B 127 33.84 -15.48 5.19
C PHE B 127 35.35 -15.29 5.24
N ASN B 128 35.91 -14.70 4.21
CA ASN B 128 37.39 -14.56 4.11
C ASN B 128 37.96 -13.70 5.26
N MET B 129 37.35 -12.53 5.49
CA MET B 129 37.78 -11.71 6.61
C MET B 129 37.50 -12.37 7.96
N LEU B 130 36.40 -13.11 8.04
CA LEU B 130 36.03 -13.79 9.27
C LEU B 130 37.04 -14.84 9.66
N ARG B 131 37.38 -15.73 8.72
CA ARG B 131 38.35 -16.81 8.98
C ARG B 131 39.70 -16.27 9.43
N LEU B 132 40.13 -15.17 8.83
CA LEU B 132 41.48 -14.60 9.12
C LEU B 132 41.49 -13.77 10.40
N ALA B 133 40.40 -13.02 10.62
CA ALA B 133 40.25 -12.29 11.91
C ALA B 133 40.22 -13.26 13.05
N ALA B 134 39.43 -14.32 12.91
CA ALA B 134 39.30 -15.33 13.94
C ALA B 134 40.67 -15.90 14.35
N GLU B 135 41.47 -16.20 13.33
CA GLU B 135 42.78 -16.78 13.53
C GLU B 135 43.63 -15.85 14.34
N ALA B 136 43.59 -14.55 14.01
CA ALA B 136 44.31 -13.54 14.81
C ALA B 136 43.77 -13.40 16.25
N MET B 137 42.43 -13.34 16.39
CA MET B 137 41.77 -13.22 17.70
C MET B 137 42.06 -14.37 18.64
N ALA B 138 42.20 -15.57 18.09
CA ALA B 138 42.51 -16.74 18.90
C ALA B 138 43.90 -16.67 19.59
N LYS B 139 44.80 -15.86 19.06
CA LYS B 139 46.08 -15.61 19.70
C LYS B 139 46.00 -14.66 20.88
N ASN B 140 44.91 -13.89 21.02
CA ASN B 140 44.78 -12.96 22.16
C ASN B 140 44.71 -13.74 23.45
N GLU B 141 45.08 -13.09 24.54
CA GLU B 141 44.95 -13.70 25.86
C GLU B 141 43.47 -13.62 26.24
N PRO B 142 42.96 -14.63 26.96
CA PRO B 142 41.54 -14.56 27.26
C PRO B 142 41.26 -13.38 28.18
N GLY B 143 40.29 -12.57 27.80
CA GLY B 143 39.98 -11.37 28.57
C GLY B 143 38.80 -11.61 29.50
N GLN B 144 38.04 -10.55 29.72
CA GLN B 144 36.86 -10.62 30.57
C GLN B 144 35.92 -11.78 30.16
N GLY B 145 35.57 -12.61 31.14
CA GLY B 145 34.68 -13.73 30.92
C GLY B 145 35.26 -14.78 29.99
N GLY B 146 36.59 -14.74 29.78
CA GLY B 146 37.26 -15.62 28.84
C GLY B 146 37.18 -15.20 27.38
N GLU B 147 36.66 -14.00 27.12
CA GLU B 147 36.43 -13.56 25.74
C GLU B 147 37.70 -13.09 25.06
N ARG B 148 37.89 -13.53 23.82
CA ARG B 148 39.05 -13.13 23.00
C ARG B 148 38.67 -12.25 21.80
N GLY B 149 37.38 -12.19 21.44
CA GLY B 149 36.97 -11.45 20.25
C GLY B 149 35.47 -11.49 19.97
N VAL B 150 35.04 -10.59 19.10
CA VAL B 150 33.68 -10.56 18.62
C VAL B 150 33.68 -10.29 17.14
N ILE B 151 32.94 -11.11 16.40
CA ILE B 151 32.79 -10.93 15.00
C ILE B 151 31.32 -10.57 14.74
N ILE B 152 31.11 -9.49 14.00
CA ILE B 152 29.80 -9.07 13.57
C ILE B 152 29.66 -8.98 12.03
N ASN B 153 28.71 -9.70 11.49
CA ASN B 153 28.47 -9.67 10.04
C ASN B 153 27.18 -8.93 9.73
N THR B 154 27.07 -8.52 8.46
CA THR B 154 25.90 -7.80 8.01
C THR B 154 25.17 -8.60 6.96
N ALA B 155 23.92 -8.95 7.25
CA ALA B 155 23.08 -9.60 6.32
C ALA B 155 22.13 -8.56 5.77
N SER B 156 20.83 -8.81 5.82
CA SER B 156 19.83 -7.90 5.27
C SER B 156 18.46 -8.53 5.46
N VAL B 157 17.41 -7.70 5.53
CA VAL B 157 16.07 -8.22 5.60
C VAL B 157 15.74 -9.00 4.33
N ALA B 158 16.52 -8.79 3.27
CA ALA B 158 16.45 -9.58 2.04
C ALA B 158 16.70 -11.06 2.26
N ALA B 159 17.35 -11.39 3.36
CA ALA B 159 17.52 -12.79 3.80
C ALA B 159 16.19 -13.43 4.21
N PHE B 160 15.19 -12.61 4.48
CA PHE B 160 13.88 -13.08 4.91
C PHE B 160 12.73 -12.71 3.97
N ASP B 161 12.77 -11.50 3.40
CA ASP B 161 11.64 -10.94 2.63
C ASP B 161 12.06 -10.55 1.21
N GLY B 162 12.92 -11.34 0.58
CA GLY B 162 13.48 -11.03 -0.71
C GLY B 162 12.44 -10.59 -1.71
N GLN B 163 12.71 -9.46 -2.36
CA GLN B 163 11.82 -8.91 -3.38
C GLN B 163 12.15 -9.47 -4.73
N ILE B 164 11.24 -9.26 -5.67
CA ILE B 164 11.47 -9.57 -7.10
C ILE B 164 12.74 -8.87 -7.55
N GLY B 165 13.68 -9.64 -8.11
CA GLY B 165 14.98 -9.09 -8.53
C GLY B 165 16.13 -9.28 -7.54
N GLN B 166 15.85 -9.85 -6.36
CA GLN B 166 16.88 -9.98 -5.33
C GLN B 166 17.35 -11.41 -5.10
N ALA B 167 17.28 -12.27 -6.13
CA ALA B 167 17.78 -13.62 -5.94
C ALA B 167 19.23 -13.60 -5.46
N ALA B 168 20.07 -12.84 -6.14
CA ALA B 168 21.51 -12.87 -5.83
C ALA B 168 21.76 -12.30 -4.45
N TYR B 169 21.17 -11.13 -4.18
CA TYR B 169 21.29 -10.45 -2.91
C TYR B 169 20.77 -11.31 -1.78
N SER B 170 19.57 -11.91 -1.95
CA SER B 170 18.98 -12.75 -0.90
C SER B 170 19.81 -13.98 -0.64
N ALA B 171 20.30 -14.60 -1.72
CA ALA B 171 21.18 -15.76 -1.61
C ALA B 171 22.45 -15.46 -0.84
N SER B 172 23.13 -14.37 -1.19
CA SER B 172 24.34 -14.01 -0.50
C SER B 172 24.05 -13.69 1.02
N LYS B 173 23.03 -12.89 1.28
CA LYS B 173 22.74 -12.49 2.68
C LYS B 173 22.12 -13.60 3.52
N GLY B 174 21.33 -14.46 2.90
CA GLY B 174 20.83 -15.65 3.58
C GLY B 174 21.98 -16.56 3.99
N GLY B 175 22.98 -16.64 3.11
CA GLY B 175 24.19 -17.40 3.39
C GLY B 175 24.97 -16.86 4.58
N VAL B 176 25.15 -15.55 4.61
CA VAL B 176 25.75 -14.90 5.79
C VAL B 176 24.97 -15.22 7.06
N ALA B 177 23.67 -14.99 7.05
CA ALA B 177 22.83 -15.32 8.20
C ALA B 177 22.97 -16.78 8.69
N ALA B 178 22.97 -17.72 7.76
CA ALA B 178 22.99 -19.13 8.12
C ALA B 178 24.34 -19.64 8.66
N MET B 179 25.43 -18.94 8.36
CA MET B 179 26.76 -19.28 8.88
C MET B 179 26.95 -18.93 10.31
N THR B 180 26.13 -18.00 10.79
CA THR B 180 26.35 -17.46 12.13
C THR B 180 26.51 -18.56 13.14
N LEU B 181 25.57 -19.49 13.15
CA LEU B 181 25.53 -20.55 14.19
C LEU B 181 26.67 -21.53 14.14
N PRO B 182 26.92 -22.16 12.96
CA PRO B 182 28.04 -23.09 12.94
C PRO B 182 29.39 -22.44 13.28
N VAL B 183 29.56 -21.18 12.89
CA VAL B 183 30.78 -20.47 13.19
C VAL B 183 30.83 -20.13 14.69
N ALA B 184 29.73 -19.62 15.22
CA ALA B 184 29.70 -19.37 16.64
C ALA B 184 30.04 -20.66 17.45
N ARG B 185 29.43 -21.76 17.05
CA ARG B 185 29.60 -23.02 17.77
C ARG B 185 31.05 -23.45 17.86
N GLU B 186 31.80 -23.24 16.81
CA GLU B 186 33.17 -23.61 16.84
C GLU B 186 33.96 -22.59 17.66
N LEU B 187 33.74 -21.31 17.40
CA LEU B 187 34.64 -20.32 17.89
C LEU B 187 34.38 -20.03 19.36
N ALA B 188 33.28 -20.58 19.88
CA ALA B 188 32.99 -20.62 21.29
C ALA B 188 34.11 -21.20 22.09
N ARG B 189 34.76 -22.23 21.54
CA ARG B 189 35.95 -22.83 22.21
C ARG B 189 37.05 -21.83 22.50
N HIS B 190 37.18 -20.81 21.64
CA HIS B 190 38.22 -19.80 21.79
C HIS B 190 37.71 -18.53 22.45
N GLY B 191 36.48 -18.51 22.91
CA GLY B 191 35.87 -17.27 23.41
C GLY B 191 35.60 -16.16 22.40
N ILE B 192 35.32 -16.54 21.16
CA ILE B 192 35.03 -15.58 20.11
C ILE B 192 33.56 -15.70 19.76
N ARG B 193 32.82 -14.61 19.96
CA ARG B 193 31.43 -14.57 19.65
C ARG B 193 31.21 -14.18 18.23
N VAL B 194 30.11 -14.66 17.70
CA VAL B 194 29.74 -14.38 16.33
C VAL B 194 28.27 -14.00 16.24
N MET B 195 28.03 -12.81 15.70
CA MET B 195 26.70 -12.24 15.58
C MET B 195 26.49 -11.65 14.19
N THR B 196 25.21 -11.50 13.86
CA THR B 196 24.82 -10.96 12.54
C THR B 196 23.70 -9.93 12.71
N ILE B 197 23.83 -8.80 12.04
CA ILE B 197 22.78 -7.77 12.01
C ILE B 197 22.15 -7.77 10.59
N ALA B 198 20.81 -7.77 10.55
CA ALA B 198 20.07 -7.75 9.31
C ALA B 198 19.35 -6.41 9.16
N PRO B 199 20.01 -5.41 8.54
CA PRO B 199 19.38 -4.12 8.38
C PRO B 199 18.25 -4.05 7.36
N GLY B 200 17.31 -3.16 7.65
CA GLY B 200 16.26 -2.78 6.71
C GLY B 200 16.76 -1.69 5.81
N ILE B 201 15.94 -0.66 5.59
CA ILE B 201 16.31 0.40 4.64
C ILE B 201 17.10 1.52 5.35
N PHE B 202 18.37 1.70 4.97
CA PHE B 202 19.25 2.70 5.56
C PHE B 202 19.76 3.72 4.53
N LYS B 203 20.10 4.90 5.01
CA LYS B 203 20.71 5.92 4.13
C LYS B 203 22.10 5.50 3.75
N THR B 204 22.20 4.65 2.73
CA THR B 204 23.49 4.21 2.15
C THR B 204 23.82 5.12 0.98
N PRO B 205 25.04 5.02 0.43
CA PRO B 205 25.38 5.71 -0.83
C PRO B 205 24.48 5.40 -2.01
N MET B 206 24.10 4.14 -2.18
CA MET B 206 23.12 3.78 -3.22
C MET B 206 21.81 4.56 -3.00
N MET B 207 21.31 4.49 -1.76
CA MET B 207 20.13 5.24 -1.35
C MET B 207 20.21 6.74 -1.61
N ALA B 208 21.29 7.38 -1.16
CA ALA B 208 21.47 8.82 -1.39
C ALA B 208 21.63 9.16 -2.88
N GLY B 209 21.99 8.18 -3.71
CA GLY B 209 21.98 8.36 -5.14
C GLY B 209 20.60 8.55 -5.75
N MET B 210 19.56 8.00 -5.13
CA MET B 210 18.18 8.10 -5.67
C MET B 210 17.61 9.52 -5.55
N PRO B 211 16.61 9.87 -6.40
CA PRO B 211 15.96 11.15 -6.23
C PRO B 211 15.13 11.20 -4.93
N GLN B 212 14.96 12.40 -4.38
CA GLN B 212 14.42 12.60 -3.05
C GLN B 212 13.02 12.04 -2.86
N GLU B 213 12.17 12.18 -3.87
CA GLU B 213 10.80 11.67 -3.78
C GLU B 213 10.79 10.14 -3.57
N VAL B 214 11.77 9.47 -4.17
CA VAL B 214 11.92 8.02 -4.08
C VAL B 214 12.48 7.62 -2.71
N GLN B 215 13.43 8.41 -2.20
CA GLN B 215 13.94 8.22 -0.84
C GLN B 215 12.80 8.36 0.20
N ASP B 216 12.11 9.48 0.16
CA ASP B 216 10.97 9.73 1.05
C ASP B 216 9.89 8.65 0.96
N ALA B 217 9.68 8.10 -0.24
CA ALA B 217 8.69 7.02 -0.42
C ALA B 217 9.15 5.71 0.25
N LEU B 218 10.45 5.39 0.17
CA LEU B 218 10.96 4.18 0.88
C LEU B 218 10.76 4.33 2.35
N GLY B 219 11.07 5.52 2.85
CA GLY B 219 10.93 5.81 4.27
C GLY B 219 9.51 5.60 4.73
N ALA B 220 8.55 6.02 3.92
CA ALA B 220 7.14 5.89 4.30
C ALA B 220 6.64 4.44 4.24
N SER B 221 7.39 3.56 3.56
CA SER B 221 7.07 2.11 3.63
C SER B 221 7.41 1.45 5.01
N VAL B 222 8.22 2.10 5.84
CA VAL B 222 8.64 1.51 7.13
C VAL B 222 7.64 1.85 8.23
N PRO B 223 7.05 0.83 8.90
CA PRO B 223 5.94 1.15 9.85
C PRO B 223 6.31 2.20 10.87
N PHE B 224 7.33 1.95 11.67
CA PHE B 224 7.83 2.97 12.59
C PHE B 224 9.25 2.65 13.02
N PRO B 225 10.16 3.65 12.98
CA PRO B 225 9.93 5.02 12.57
C PRO B 225 9.84 5.09 11.04
N PRO B 226 8.93 5.92 10.51
CA PRO B 226 8.70 5.92 9.08
C PRO B 226 9.74 6.77 8.36
N ARG B 227 11.00 6.31 8.41
CA ARG B 227 12.10 7.02 7.78
C ARG B 227 13.21 6.01 7.47
N LEU B 228 14.16 6.47 6.69
CA LEU B 228 15.38 5.74 6.44
C LEU B 228 16.13 5.60 7.74
N GLY B 229 16.77 4.46 7.93
CA GLY B 229 17.59 4.27 9.10
C GLY B 229 18.89 5.05 8.97
N GLU B 230 19.40 5.52 10.10
CA GLU B 230 20.65 6.27 10.10
C GLU B 230 21.80 5.32 10.39
N PRO B 231 22.91 5.44 9.62
CA PRO B 231 24.01 4.57 9.84
C PRO B 231 24.47 4.53 11.28
N ALA B 232 24.36 5.65 12.00
CA ALA B 232 24.77 5.70 13.41
C ALA B 232 23.88 4.77 14.29
N GLU B 233 22.64 4.49 13.87
CA GLU B 233 21.79 3.54 14.59
C GLU B 233 22.24 2.07 14.41
N TYR B 234 22.69 1.73 13.20
CA TYR B 234 23.37 0.46 12.97
C TYR B 234 24.62 0.35 13.83
N ALA B 235 25.41 1.43 13.88
CA ALA B 235 26.63 1.49 14.73
C ALA B 235 26.31 1.36 16.23
N ALA B 236 25.23 2.00 16.69
CA ALA B 236 24.82 1.85 18.09
C ALA B 236 24.53 0.35 18.40
N LEU B 237 23.91 -0.38 17.45
CA LEU B 237 23.64 -1.80 17.70
C LEU B 237 24.93 -2.57 17.76
N VAL B 238 25.87 -2.24 16.90
CA VAL B 238 27.18 -2.92 16.89
C VAL B 238 27.82 -2.77 18.24
N ARG B 239 27.78 -1.54 18.75
CA ARG B 239 28.33 -1.24 20.06
C ARG B 239 27.68 -2.13 21.09
N HIS B 240 26.35 -2.23 21.06
CA HIS B 240 25.65 -3.02 22.10
C HIS B 240 26.07 -4.48 22.07
N ILE B 241 26.22 -5.03 20.85
CA ILE B 241 26.69 -6.40 20.66
C ILE B 241 28.10 -6.60 21.24
N VAL B 242 28.96 -5.61 21.06
CA VAL B 242 30.30 -5.73 21.66
C VAL B 242 30.20 -5.71 23.18
N GLU B 243 29.32 -4.88 23.71
CA GLU B 243 29.21 -4.67 25.17
C GLU B 243 28.46 -5.78 25.88
N ASN B 244 27.50 -6.43 25.20
CA ASN B 244 26.66 -7.41 25.85
C ASN B 244 27.10 -8.83 25.52
N GLN B 245 27.70 -9.47 26.53
CA GLN B 245 28.33 -10.75 26.33
C GLN B 245 27.36 -11.91 26.07
N MET B 246 26.09 -11.76 26.46
CA MET B 246 25.14 -12.83 26.23
C MET B 246 24.62 -12.89 24.79
N LEU B 247 24.92 -11.89 23.97
CA LEU B 247 24.56 -11.92 22.58
C LEU B 247 25.53 -12.77 21.79
N ASN B 248 25.05 -13.92 21.33
CA ASN B 248 25.91 -14.80 20.48
C ASN B 248 25.05 -15.72 19.57
N GLY B 249 25.52 -15.92 18.36
CA GLY B 249 24.95 -16.91 17.42
C GLY B 249 23.59 -16.56 16.87
N GLU B 250 23.28 -15.27 16.85
CA GLU B 250 21.96 -14.74 16.54
C GLU B 250 21.98 -13.71 15.40
N VAL B 251 20.88 -13.65 14.68
CA VAL B 251 20.64 -12.64 13.62
C VAL B 251 19.58 -11.63 14.10
N ILE B 252 19.94 -10.33 14.12
CA ILE B 252 19.04 -9.30 14.71
C ILE B 252 18.55 -8.40 13.60
N ARG B 253 17.22 -8.40 13.38
CA ARG B 253 16.64 -7.51 12.38
C ARG B 253 16.60 -6.07 13.00
N LEU B 254 17.21 -5.13 12.28
CA LEU B 254 17.16 -3.70 12.56
C LEU B 254 16.44 -2.99 11.42
N ASP B 255 15.14 -2.85 11.54
CA ASP B 255 14.31 -2.58 10.35
C ASP B 255 12.96 -1.87 10.56
N GLY B 256 12.72 -1.27 11.75
CA GLY B 256 11.49 -0.52 11.99
C GLY B 256 10.19 -1.29 11.74
N ALA B 257 10.24 -2.62 11.93
CA ALA B 257 9.13 -3.53 11.63
C ALA B 257 8.80 -3.72 10.14
N LEU B 258 9.72 -3.32 9.29
CA LEU B 258 9.53 -3.45 7.82
C LEU B 258 9.39 -4.92 7.42
N ARG B 259 8.43 -5.23 6.56
CA ARG B 259 8.39 -6.51 5.86
C ARG B 259 8.21 -6.17 4.38
N MET B 260 9.28 -6.35 3.61
CA MET B 260 9.29 -5.91 2.21
C MET B 260 8.30 -6.66 1.32
N ALA B 261 7.47 -5.91 0.61
CA ALA B 261 6.54 -6.48 -0.38
C ALA B 261 7.34 -6.96 -1.57
N ALA B 262 6.66 -7.69 -2.44
CA ALA B 262 7.30 -8.31 -3.65
C ALA B 262 7.82 -7.28 -4.63
N LYS B 263 7.04 -6.20 -4.75
CA LYS B 263 7.34 -5.05 -5.61
C LYS B 263 7.54 -3.98 -4.53
N HIS C 5 -9.20 -35.69 -7.96
CA HIS C 5 -9.10 -34.47 -7.08
C HIS C 5 -8.99 -33.30 -8.02
N HIS C 6 -9.94 -32.38 -8.03
CA HIS C 6 -10.06 -31.39 -9.12
C HIS C 6 -8.79 -30.55 -9.42
N HIS C 7 -8.14 -30.03 -8.38
CA HIS C 7 -6.94 -29.15 -8.55
C HIS C 7 -5.63 -29.93 -8.39
N HIS C 8 -5.75 -31.27 -8.35
CA HIS C 8 -4.61 -32.18 -8.26
C HIS C 8 -3.83 -32.09 -9.56
N MET C 9 -2.53 -31.88 -9.45
CA MET C 9 -1.70 -31.72 -10.64
C MET C 9 -1.15 -33.08 -11.02
N GLN C 10 -1.32 -33.43 -12.28
CA GLN C 10 -0.97 -34.77 -12.73
C GLN C 10 0.52 -34.89 -13.02
N ILE C 11 1.13 -36.00 -12.61
CA ILE C 11 2.56 -36.22 -12.82
C ILE C 11 2.84 -36.90 -14.16
N GLU C 12 1.88 -37.68 -14.67
CA GLU C 12 2.06 -38.43 -15.91
C GLU C 12 2.44 -37.50 -17.05
N ASN C 13 3.43 -37.93 -17.83
CA ASN C 13 3.84 -37.20 -19.06
C ASN C 13 4.60 -35.87 -18.84
N ARG C 14 4.74 -35.41 -17.60
CA ARG C 14 5.54 -34.22 -17.40
C ARG C 14 7.02 -34.57 -17.56
N VAL C 15 7.80 -33.60 -18.00
CA VAL C 15 9.23 -33.78 -18.21
C VAL C 15 10.03 -33.23 -17.04
N PHE C 16 10.75 -34.11 -16.37
CA PHE C 16 11.64 -33.76 -15.28
C PHE C 16 13.05 -33.57 -15.79
N LEU C 17 13.70 -32.50 -15.33
CA LEU C 17 15.14 -32.33 -15.45
C LEU C 17 15.72 -32.46 -14.05
N ILE C 18 16.69 -33.37 -13.84
CA ILE C 18 17.17 -33.67 -12.48
C ILE C 18 18.68 -33.66 -12.36
N THR C 19 19.22 -32.87 -11.42
CA THR C 19 20.69 -32.82 -11.23
C THR C 19 21.15 -33.78 -10.13
N GLY C 20 22.43 -34.16 -10.15
CA GLY C 20 22.95 -35.21 -9.25
C GLY C 20 22.20 -36.53 -9.38
N ALA C 21 21.75 -36.83 -10.60
CA ALA C 21 20.79 -37.90 -10.84
C ALA C 21 21.39 -39.28 -10.90
N GLY C 22 22.71 -39.36 -10.87
CA GLY C 22 23.38 -40.66 -10.97
C GLY C 22 23.42 -41.39 -9.65
N SER C 23 23.10 -40.71 -8.55
CA SER C 23 23.09 -41.39 -7.26
C SER C 23 22.19 -40.72 -6.26
N GLY C 24 22.06 -41.39 -5.11
CA GLY C 24 21.37 -40.82 -3.94
C GLY C 24 20.01 -40.19 -4.27
N LEU C 25 19.83 -38.95 -3.82
CA LEU C 25 18.51 -38.32 -3.89
C LEU C 25 18.01 -38.18 -5.33
N GLY C 26 18.88 -37.67 -6.22
CA GLY C 26 18.53 -37.46 -7.60
C GLY C 26 18.19 -38.75 -8.34
N ALA C 27 18.90 -39.83 -8.00
CA ALA C 27 18.60 -41.14 -8.58
C ALA C 27 17.20 -41.56 -8.17
N ALA C 28 16.85 -41.39 -6.90
CA ALA C 28 15.53 -41.82 -6.38
C ALA C 28 14.42 -40.97 -6.96
N VAL C 29 14.68 -39.69 -7.16
CA VAL C 29 13.69 -38.84 -7.82
C VAL C 29 13.45 -39.30 -9.27
N SER C 30 14.54 -39.60 -9.99
CA SER C 30 14.46 -40.11 -11.37
C SER C 30 13.65 -41.39 -11.46
N LYS C 31 13.91 -42.30 -10.53
CA LYS C 31 13.19 -43.56 -10.46
C LYS C 31 11.69 -43.34 -10.20
N MET C 32 11.39 -42.52 -9.22
CA MET C 32 10.02 -42.23 -8.88
C MET C 32 9.29 -41.66 -10.08
N ALA C 33 9.92 -40.71 -10.75
CA ALA C 33 9.31 -40.00 -11.86
C ALA C 33 9.03 -40.93 -13.03
N VAL C 34 10.02 -41.74 -13.42
CA VAL C 34 9.81 -42.68 -14.51
C VAL C 34 8.70 -43.67 -14.16
N GLU C 35 8.69 -44.17 -12.94
CA GLU C 35 7.67 -45.16 -12.54
C GLU C 35 6.27 -44.58 -12.36
N ALA C 36 6.16 -43.25 -12.18
CA ALA C 36 4.84 -42.58 -12.14
C ALA C 36 4.37 -42.13 -13.54
N GLY C 37 5.14 -42.45 -14.57
CA GLY C 37 4.75 -42.20 -15.94
C GLY C 37 5.29 -40.92 -16.53
N ALA C 38 6.35 -40.38 -15.93
CA ALA C 38 6.94 -39.15 -16.43
C ALA C 38 8.19 -39.42 -17.28
N LYS C 39 8.65 -38.39 -18.00
CA LYS C 39 9.96 -38.42 -18.66
C LYS C 39 11.01 -37.80 -17.76
N VAL C 40 12.22 -38.34 -17.81
CA VAL C 40 13.35 -37.74 -17.07
C VAL C 40 14.60 -37.55 -17.92
N VAL C 41 15.19 -36.36 -17.77
CA VAL C 41 16.52 -36.11 -18.27
C VAL C 41 17.44 -36.06 -17.07
N LEU C 42 18.36 -37.01 -17.00
CA LEU C 42 19.30 -37.09 -15.90
C LEU C 42 20.51 -36.25 -16.16
N LEU C 43 20.90 -35.43 -15.19
CA LEU C 43 22.13 -34.67 -15.28
C LEU C 43 23.09 -35.06 -14.15
N ASP C 44 24.34 -35.33 -14.51
CA ASP C 44 25.38 -35.62 -13.53
C ASP C 44 26.73 -35.35 -14.15
N VAL C 45 27.71 -35.03 -13.33
CA VAL C 45 29.09 -34.86 -13.77
C VAL C 45 29.76 -36.23 -14.03
N ASN C 46 29.25 -37.28 -13.38
CA ASN C 46 29.78 -38.63 -13.59
C ASN C 46 29.03 -39.41 -14.68
N ALA C 47 29.70 -39.58 -15.82
CA ALA C 47 29.10 -40.26 -17.00
C ALA C 47 28.74 -41.73 -16.76
N GLU C 48 29.61 -42.46 -16.06
CA GLU C 48 29.38 -43.89 -15.86
C GLU C 48 28.07 -44.13 -15.11
N ALA C 49 27.92 -43.47 -13.97
CA ALA C 49 26.70 -43.55 -13.12
C ALA C 49 25.43 -43.09 -13.84
N GLY C 50 25.55 -42.00 -14.59
CA GLY C 50 24.41 -41.40 -15.27
C GLY C 50 23.90 -42.26 -16.41
N GLU C 51 24.82 -42.78 -17.19
CA GLU C 51 24.48 -43.68 -18.29
C GLU C 51 23.80 -44.94 -17.80
N ALA C 52 24.36 -45.52 -16.74
CA ALA C 52 23.83 -46.74 -16.13
C ALA C 52 22.42 -46.51 -15.60
N GLY C 53 22.17 -45.35 -14.98
CA GLY C 53 20.84 -45.01 -14.50
C GLY C 53 19.82 -44.90 -15.62
N ALA C 54 20.16 -44.12 -16.65
CA ALA C 54 19.28 -43.91 -17.78
C ALA C 54 18.99 -45.21 -18.49
N LYS C 55 20.02 -46.04 -18.59
CA LYS C 55 19.89 -47.36 -19.21
C LYS C 55 18.88 -48.21 -18.45
N ALA C 56 19.06 -48.31 -17.13
CA ALA C 56 18.17 -49.09 -16.26
C ALA C 56 16.73 -48.59 -16.23
N LEU C 57 16.52 -47.28 -16.40
CA LEU C 57 15.15 -46.71 -16.37
C LEU C 57 14.41 -46.85 -17.71
N GLY C 58 15.16 -46.94 -18.81
CA GLY C 58 14.57 -47.26 -20.12
C GLY C 58 14.25 -46.06 -21.00
N ALA C 59 13.26 -46.24 -21.88
CA ALA C 59 12.97 -45.30 -22.97
C ALA C 59 12.52 -43.93 -22.51
N SER C 60 11.94 -43.86 -21.33
CA SER C 60 11.50 -42.59 -20.78
C SER C 60 12.64 -41.78 -20.15
N ALA C 61 13.86 -42.30 -20.16
CA ALA C 61 15.01 -41.61 -19.58
C ALA C 61 16.07 -41.29 -20.61
N ARG C 62 16.73 -40.15 -20.42
CA ARG C 62 17.97 -39.79 -21.16
C ARG C 62 18.99 -39.29 -20.15
N PHE C 63 20.26 -39.34 -20.53
CA PHE C 63 21.33 -38.78 -19.73
C PHE C 63 22.11 -37.72 -20.48
N GLN C 64 22.49 -36.65 -19.78
CA GLN C 64 23.35 -35.61 -20.35
C GLN C 64 24.42 -35.18 -19.34
N ARG C 65 25.69 -35.42 -19.67
CA ARG C 65 26.79 -35.05 -18.78
C ARG C 65 26.83 -33.56 -18.55
N THR C 66 26.95 -33.14 -17.29
CA THR C 66 26.74 -31.73 -16.95
C THR C 66 27.49 -31.29 -15.69
N ASP C 67 28.25 -30.21 -15.80
CA ASP C 67 28.74 -29.46 -14.68
C ASP C 67 27.71 -28.36 -14.42
N VAL C 68 26.88 -28.56 -13.41
CA VAL C 68 25.80 -27.59 -13.08
C VAL C 68 26.23 -26.15 -12.85
N ALA C 69 27.47 -25.93 -12.48
CA ALA C 69 27.98 -24.57 -12.33
C ALA C 69 28.40 -23.91 -13.65
N SER C 70 28.40 -24.65 -14.76
CA SER C 70 28.87 -24.10 -16.04
C SER C 70 27.74 -23.53 -16.88
N ASP C 71 27.93 -22.29 -17.35
CA ASP C 71 26.96 -21.64 -18.23
C ASP C 71 26.74 -22.50 -19.49
N THR C 72 27.82 -22.89 -20.15
CA THR C 72 27.72 -23.61 -21.40
C THR C 72 27.15 -25.03 -21.21
N ASP C 73 27.55 -25.75 -20.17
CA ASP C 73 26.96 -27.06 -19.85
C ASP C 73 25.48 -26.98 -19.50
N GLY C 74 25.11 -25.92 -18.79
CA GLY C 74 23.70 -25.66 -18.41
C GLY C 74 22.82 -25.52 -19.65
N LYS C 75 23.24 -24.66 -20.57
CA LYS C 75 22.55 -24.49 -21.84
C LYS C 75 22.45 -25.75 -22.63
N ALA C 76 23.53 -26.51 -22.68
CA ALA C 76 23.56 -27.76 -23.47
C ALA C 76 22.55 -28.73 -22.86
N ALA C 77 22.44 -28.70 -21.52
CA ALA C 77 21.50 -29.59 -20.82
C ALA C 77 20.04 -29.25 -21.14
N ILE C 78 19.73 -27.96 -21.20
CA ILE C 78 18.42 -27.50 -21.60
C ILE C 78 18.15 -27.97 -23.03
N ALA C 79 19.06 -27.61 -23.94
CA ALA C 79 18.90 -27.99 -25.37
C ALA C 79 18.65 -29.49 -25.57
N ALA C 80 19.42 -30.32 -24.87
CA ALA C 80 19.25 -31.77 -24.94
C ALA C 80 17.88 -32.24 -24.42
N ALA C 81 17.35 -31.58 -23.38
CA ALA C 81 16.03 -31.96 -22.86
C ALA C 81 14.92 -31.60 -23.83
N ILE C 82 15.02 -30.42 -24.41
CA ILE C 82 14.07 -29.97 -25.43
C ILE C 82 14.12 -30.87 -26.64
N GLU C 83 15.33 -31.14 -27.15
CA GLU C 83 15.50 -32.01 -28.32
C GLU C 83 14.92 -33.40 -28.08
N ALA C 84 15.10 -33.93 -26.88
CA ALA C 84 14.61 -35.26 -26.55
C ALA C 84 13.10 -35.32 -26.31
N PHE C 85 12.58 -34.39 -25.52
CA PHE C 85 11.18 -34.46 -25.04
C PHE C 85 10.34 -33.22 -25.33
N SER C 86 10.88 -32.23 -26.01
CA SER C 86 10.12 -31.05 -26.48
C SER C 86 9.84 -29.94 -25.45
N ARG C 87 9.98 -30.25 -24.16
CA ARG C 87 9.63 -29.29 -23.12
C ARG C 87 10.26 -29.66 -21.79
N ILE C 88 10.22 -28.74 -20.85
CA ILE C 88 10.62 -29.00 -19.48
C ILE C 88 9.53 -28.54 -18.56
N ASP C 89 9.08 -29.44 -17.70
CA ASP C 89 7.99 -29.11 -16.73
C ASP C 89 8.45 -28.98 -15.28
N VAL C 90 9.47 -29.76 -14.91
CA VAL C 90 9.95 -29.81 -13.53
C VAL C 90 11.48 -29.87 -13.48
N LEU C 91 12.06 -29.00 -12.67
CA LEU C 91 13.49 -29.07 -12.34
C LEU C 91 13.62 -29.47 -10.88
N VAL C 92 14.49 -30.44 -10.62
CA VAL C 92 14.85 -30.81 -9.28
C VAL C 92 16.35 -30.75 -9.13
N ASN C 93 16.81 -29.80 -8.31
CA ASN C 93 18.22 -29.60 -8.02
C ASN C 93 18.64 -30.45 -6.80
N CYS C 94 19.36 -31.54 -7.04
CA CYS C 94 19.85 -32.41 -5.99
C CYS C 94 21.37 -32.48 -5.97
N ALA C 95 22.04 -31.83 -6.89
CA ALA C 95 23.50 -31.92 -6.94
C ALA C 95 24.01 -31.09 -5.76
N GLY C 96 24.96 -31.65 -5.03
CA GLY C 96 25.49 -31.01 -3.86
C GLY C 96 26.67 -31.73 -3.24
N VAL C 97 27.53 -30.98 -2.56
CA VAL C 97 28.65 -31.57 -1.78
C VAL C 97 28.46 -31.11 -0.32
N ALA C 98 28.81 -32.00 0.62
CA ALA C 98 28.63 -31.73 2.03
C ALA C 98 29.93 -31.89 2.86
N PRO C 99 30.97 -31.12 2.52
CA PRO C 99 32.23 -31.25 3.26
C PRO C 99 32.18 -30.61 4.67
N GLY C 100 33.11 -31.04 5.52
CA GLY C 100 33.31 -30.46 6.83
C GLY C 100 34.72 -29.91 6.91
N GLU C 101 34.86 -28.67 7.38
CA GLU C 101 36.17 -28.04 7.50
C GLU C 101 36.01 -26.90 8.52
N LYS C 102 36.88 -26.92 9.52
CA LYS C 102 36.83 -25.92 10.56
C LYS C 102 37.33 -24.59 10.08
N VAL C 103 36.78 -23.55 10.68
CA VAL C 103 37.21 -22.21 10.47
C VAL C 103 38.68 -22.10 10.87
N LEU C 104 39.05 -22.63 12.04
CA LEU C 104 40.42 -22.68 12.53
C LEU C 104 40.84 -24.12 12.72
N GLY C 105 41.64 -24.62 11.78
CA GLY C 105 41.98 -26.02 11.66
C GLY C 105 43.44 -26.31 11.94
N ARG C 106 43.83 -27.57 11.83
CA ARG C 106 45.21 -28.00 12.02
C ARG C 106 46.20 -27.22 11.13
N GLU C 107 45.80 -26.99 9.87
CA GLU C 107 46.63 -26.36 8.87
C GLU C 107 46.31 -24.86 8.70
N GLY C 108 45.70 -24.25 9.70
CA GLY C 108 45.49 -22.81 9.69
C GLY C 108 44.02 -22.53 9.50
N ALA C 109 43.73 -21.36 8.98
CA ALA C 109 42.38 -21.01 8.63
C ALA C 109 41.79 -21.89 7.53
N HIS C 110 40.46 -22.08 7.58
CA HIS C 110 39.70 -22.70 6.48
C HIS C 110 40.25 -22.16 5.15
N LYS C 111 40.51 -23.03 4.17
CA LYS C 111 40.97 -22.58 2.85
C LYS C 111 39.85 -21.83 2.15
N LEU C 112 40.19 -20.73 1.48
CA LEU C 112 39.20 -19.97 0.74
C LEU C 112 38.69 -20.75 -0.46
N GLU C 113 39.59 -21.54 -1.06
CA GLU C 113 39.29 -22.31 -2.27
C GLU C 113 38.21 -23.34 -2.02
N THR C 114 38.27 -23.96 -0.84
CA THR C 114 37.30 -25.00 -0.51
C THR C 114 35.93 -24.42 -0.21
N PHE C 115 35.92 -23.30 0.51
CA PHE C 115 34.70 -22.58 0.71
C PHE C 115 34.05 -22.21 -0.65
N THR C 116 34.83 -21.56 -1.48
CA THR C 116 34.39 -21.12 -2.78
C THR C 116 33.81 -22.25 -3.63
N ARG C 117 34.50 -23.40 -3.63
CA ARG C 117 34.03 -24.56 -4.33
C ARG C 117 32.68 -25.10 -3.82
N THR C 118 32.52 -25.16 -2.51
CA THR C 118 31.24 -25.62 -1.97
C THR C 118 30.08 -24.69 -2.36
N ILE C 119 30.33 -23.39 -2.35
CA ILE C 119 29.37 -22.37 -2.80
C ILE C 119 29.07 -22.55 -4.31
N SER C 120 30.13 -22.75 -5.09
CA SER C 120 30.00 -22.92 -6.56
C SER C 120 29.04 -24.05 -6.91
N ILE C 121 29.24 -25.22 -6.33
CA ILE C 121 28.45 -26.40 -6.70
C ILE C 121 27.05 -26.33 -6.12
N ASN C 122 26.96 -26.06 -4.83
CA ASN C 122 25.66 -26.08 -4.12
C ASN C 122 24.74 -24.93 -4.47
N LEU C 123 25.29 -23.72 -4.49
CA LEU C 123 24.46 -22.52 -4.65
C LEU C 123 24.50 -21.98 -6.10
N ILE C 124 25.69 -21.69 -6.60
CA ILE C 124 25.82 -21.11 -7.95
C ILE C 124 25.23 -22.12 -8.96
N GLY C 125 25.55 -23.39 -8.76
CA GLY C 125 25.03 -24.46 -9.60
C GLY C 125 23.51 -24.53 -9.61
N THR C 126 22.92 -24.40 -8.43
CA THR C 126 21.47 -24.46 -8.28
C THR C 126 20.84 -23.26 -8.97
N PHE C 127 21.41 -22.08 -8.73
CA PHE C 127 20.92 -20.90 -9.41
C PHE C 127 21.05 -21.00 -10.92
N ASN C 128 22.18 -21.52 -11.42
CA ASN C 128 22.40 -21.66 -12.84
C ASN C 128 21.33 -22.53 -13.54
N MET C 129 21.07 -23.71 -12.99
CA MET C 129 20.08 -24.59 -13.58
C MET C 129 18.69 -23.99 -13.46
N LEU C 130 18.46 -23.30 -12.34
CA LEU C 130 17.17 -22.65 -12.10
C LEU C 130 16.84 -21.58 -13.13
N ARG C 131 17.77 -20.65 -13.33
CA ARG C 131 17.59 -19.57 -14.29
C ARG C 131 17.31 -20.12 -15.72
N LEU C 132 18.01 -21.17 -16.12
CA LEU C 132 17.89 -21.71 -17.46
C LEU C 132 16.65 -22.58 -17.64
N ALA C 133 16.32 -23.35 -16.61
CA ALA C 133 15.06 -24.11 -16.61
C ALA C 133 13.87 -23.19 -16.67
N ALA C 134 13.90 -22.14 -15.87
CA ALA C 134 12.81 -21.17 -15.81
C ALA C 134 12.56 -20.56 -17.17
N GLU C 135 13.64 -20.17 -17.82
CA GLU C 135 13.55 -19.59 -19.16
C GLU C 135 12.86 -20.56 -20.13
N ALA C 136 13.23 -21.83 -20.10
CA ALA C 136 12.56 -22.84 -20.93
C ALA C 136 11.08 -23.01 -20.55
N MET C 137 10.80 -23.14 -19.26
CA MET C 137 9.45 -23.35 -18.76
C MET C 137 8.49 -22.23 -19.15
N ALA C 138 9.01 -21.00 -19.21
CA ALA C 138 8.18 -19.85 -19.56
C ALA C 138 7.63 -19.93 -20.98
N LYS C 139 8.27 -20.70 -21.85
CA LYS C 139 7.81 -20.92 -23.23
C LYS C 139 6.66 -21.93 -23.30
N ASN C 140 6.44 -22.72 -22.24
CA ASN C 140 5.34 -23.67 -22.23
C ASN C 140 4.02 -22.94 -22.29
N GLU C 141 3.00 -23.62 -22.80
CA GLU C 141 1.67 -23.07 -22.79
C GLU C 141 1.14 -23.20 -21.35
N PRO C 142 0.33 -22.23 -20.89
CA PRO C 142 -0.14 -22.38 -19.49
C PRO C 142 -1.03 -23.60 -19.38
N GLY C 143 -0.75 -24.43 -18.39
CA GLY C 143 -1.50 -25.66 -18.17
C GLY C 143 -2.55 -25.48 -17.09
N GLN C 144 -2.83 -26.57 -16.39
CA GLN C 144 -3.81 -26.59 -15.29
C GLN C 144 -3.56 -25.45 -14.28
N GLY C 145 -4.59 -24.67 -14.02
CA GLY C 145 -4.51 -23.54 -13.10
C GLY C 145 -3.60 -22.42 -13.57
N GLY C 146 -3.23 -22.43 -14.87
CA GLY C 146 -2.25 -21.50 -15.42
C GLY C 146 -0.78 -21.87 -15.21
N GLU C 147 -0.51 -23.06 -14.69
CA GLU C 147 0.86 -23.46 -14.31
C GLU C 147 1.71 -23.88 -15.49
N ARG C 148 2.95 -23.39 -15.53
CA ARG C 148 3.89 -23.70 -16.61
C ARG C 148 5.07 -24.53 -16.14
N GLY C 149 5.28 -24.62 -14.84
CA GLY C 149 6.44 -25.35 -14.32
C GLY C 149 6.57 -25.34 -12.81
N VAL C 150 7.42 -26.22 -12.30
CA VAL C 150 7.74 -26.29 -10.89
C VAL C 150 9.25 -26.48 -10.74
N ILE C 151 9.86 -25.64 -9.91
CA ILE C 151 11.29 -25.78 -9.59
C ILE C 151 11.44 -26.16 -8.13
N ILE C 152 12.17 -27.24 -7.87
CA ILE C 152 12.43 -27.72 -6.51
C ILE C 152 13.92 -27.79 -6.20
N ASN C 153 14.35 -27.03 -5.20
CA ASN C 153 15.74 -27.04 -4.82
C ASN C 153 15.94 -27.81 -3.53
N THR C 154 17.18 -28.18 -3.28
CA THR C 154 17.52 -28.95 -2.11
C THR C 154 18.45 -28.13 -1.26
N ALA C 155 17.99 -27.81 -0.05
CA ALA C 155 18.84 -27.16 0.91
C ALA C 155 19.30 -28.25 1.88
N SER C 156 19.12 -28.04 3.17
CA SER C 156 19.60 -28.97 4.19
C SER C 156 19.21 -28.39 5.52
N VAL C 157 19.07 -29.27 6.52
CA VAL C 157 18.89 -28.80 7.90
C VAL C 157 20.09 -28.00 8.40
N ALA C 158 21.21 -28.13 7.73
CA ALA C 158 22.41 -27.28 7.95
C ALA C 158 22.13 -25.80 7.73
N ALA C 159 21.11 -25.49 6.95
CA ALA C 159 20.67 -24.11 6.79
C ALA C 159 20.12 -23.51 8.10
N PHE C 160 19.78 -24.35 9.05
CA PHE C 160 19.15 -23.93 10.32
C PHE C 160 19.97 -24.30 11.55
N ASP C 161 20.59 -25.48 11.54
CA ASP C 161 21.27 -26.04 12.71
C ASP C 161 22.71 -26.43 12.37
N GLY C 162 23.37 -25.62 11.56
CA GLY C 162 24.75 -25.88 11.20
C GLY C 162 25.65 -26.30 12.37
N GLN C 163 26.40 -27.37 12.11
CA GLN C 163 27.35 -27.92 13.07
C GLN C 163 28.74 -27.34 12.91
N ILE C 164 29.58 -27.57 13.90
CA ILE C 164 30.96 -27.19 13.83
C ILE C 164 31.53 -27.82 12.55
N GLY C 165 32.16 -26.98 11.70
CA GLY C 165 32.77 -27.47 10.47
C GLY C 165 31.91 -27.28 9.23
N GLN C 166 30.68 -26.79 9.40
CA GLN C 166 29.78 -26.63 8.29
C GLN C 166 29.56 -25.19 7.83
N ALA C 167 30.52 -24.30 8.08
CA ALA C 167 30.34 -22.91 7.63
C ALA C 167 30.02 -22.88 6.14
N ALA C 168 30.84 -23.56 5.33
CA ALA C 168 30.64 -23.55 3.89
C ALA C 168 29.31 -24.14 3.50
N TYR C 169 29.03 -25.33 4.01
CA TYR C 169 27.82 -26.08 3.68
C TYR C 169 26.59 -25.27 4.10
N SER C 170 26.62 -24.74 5.34
CA SER C 170 25.47 -23.94 5.84
C SER C 170 25.28 -22.70 5.04
N ALA C 171 26.37 -22.03 4.70
CA ALA C 171 26.28 -20.85 3.85
C ALA C 171 25.64 -21.15 2.50
N SER C 172 26.09 -22.22 1.84
CA SER C 172 25.55 -22.52 0.54
C SER C 172 24.06 -22.92 0.62
N LYS C 173 23.70 -23.75 1.58
CA LYS C 173 22.32 -24.21 1.70
C LYS C 173 21.39 -23.15 2.29
N GLY C 174 21.91 -22.30 3.17
CA GLY C 174 21.13 -21.16 3.64
C GLY C 174 20.82 -20.22 2.46
N GLY C 175 21.76 -20.13 1.53
CA GLY C 175 21.61 -19.29 0.35
C GLY C 175 20.53 -19.82 -0.54
N VAL C 176 20.56 -21.11 -0.78
CA VAL C 176 19.48 -21.77 -1.51
C VAL C 176 18.11 -21.50 -0.85
N ALA C 177 18.01 -21.75 0.45
CA ALA C 177 16.72 -21.53 1.16
C ALA C 177 16.19 -20.11 1.02
N ALA C 178 17.08 -19.13 1.17
CA ALA C 178 16.69 -17.73 1.15
C ALA C 178 16.32 -17.18 -0.21
N MET C 179 16.80 -17.81 -1.30
CA MET C 179 16.36 -17.47 -2.66
C MET C 179 14.90 -17.84 -3.00
N THR C 180 14.35 -18.81 -2.29
CA THR C 180 13.12 -19.42 -2.68
C THR C 180 12.03 -18.36 -2.88
N LEU C 181 11.86 -17.48 -1.91
CA LEU C 181 10.81 -16.44 -1.96
C LEU C 181 10.99 -15.38 -3.09
N PRO C 182 12.18 -14.77 -3.22
CA PRO C 182 12.30 -13.77 -4.29
C PRO C 182 12.14 -14.35 -5.65
N VAL C 183 12.60 -15.59 -5.81
CA VAL C 183 12.45 -16.27 -7.09
C VAL C 183 10.96 -16.62 -7.30
N ALA C 184 10.30 -17.19 -6.30
CA ALA C 184 8.89 -17.52 -6.42
C ALA C 184 8.05 -16.31 -6.77
N ARG C 185 8.35 -15.21 -6.10
CA ARG C 185 7.64 -13.96 -6.35
C ARG C 185 7.71 -13.50 -7.80
N GLU C 186 8.87 -13.60 -8.42
CA GLU C 186 9.01 -13.16 -9.81
C GLU C 186 8.38 -14.17 -10.76
N LEU C 187 8.66 -15.46 -10.54
CA LEU C 187 8.25 -16.47 -11.50
C LEU C 187 6.75 -16.79 -11.42
N ALA C 188 6.09 -16.29 -10.37
CA ALA C 188 4.63 -16.37 -10.24
C ALA C 188 3.92 -15.79 -11.45
N ARG C 189 4.46 -14.72 -12.01
CA ARG C 189 3.86 -14.09 -13.17
C ARG C 189 3.79 -15.04 -14.39
N HIS C 190 4.73 -15.98 -14.46
CA HIS C 190 4.73 -17.02 -15.51
C HIS C 190 4.10 -18.34 -15.10
N GLY C 191 3.54 -18.42 -13.90
CA GLY C 191 2.98 -19.68 -13.41
C GLY C 191 4.01 -20.76 -13.11
N ILE C 192 5.21 -20.34 -12.71
CA ILE C 192 6.25 -21.27 -12.30
C ILE C 192 6.42 -21.21 -10.76
N ARG C 193 6.16 -22.32 -10.09
CA ARG C 193 6.29 -22.40 -8.63
C ARG C 193 7.68 -22.79 -8.25
N VAL C 194 8.08 -22.33 -7.08
CA VAL C 194 9.44 -22.55 -6.59
C VAL C 194 9.39 -22.95 -5.13
N MET C 195 9.95 -24.13 -4.85
CA MET C 195 9.94 -24.75 -3.54
C MET C 195 11.30 -25.30 -3.20
N THR C 196 11.53 -25.44 -1.91
CA THR C 196 12.78 -25.97 -1.40
C THR C 196 12.49 -27.05 -0.36
N ILE C 197 13.23 -28.17 -0.47
CA ILE C 197 13.24 -29.21 0.56
C ILE C 197 14.57 -29.17 1.33
N ALA C 198 14.48 -29.25 2.65
CA ALA C 198 15.64 -29.24 3.54
C ALA C 198 15.73 -30.61 4.20
N PRO C 199 16.45 -31.57 3.56
CA PRO C 199 16.63 -32.88 4.19
C PRO C 199 17.51 -32.90 5.47
N GLY C 200 17.17 -33.82 6.37
CA GLY C 200 18.01 -34.23 7.48
C GLY C 200 19.06 -35.28 7.04
N ILE C 201 19.22 -36.34 7.82
CA ILE C 201 20.22 -37.32 7.55
C ILE C 201 19.61 -38.44 6.65
N PHE C 202 20.16 -38.57 5.43
CA PHE C 202 19.69 -39.60 4.50
C PHE C 202 20.79 -40.61 4.12
N LYS C 203 20.37 -41.81 3.77
CA LYS C 203 21.32 -42.84 3.25
C LYS C 203 21.87 -42.42 1.86
N THR C 204 22.87 -41.55 1.86
CA THR C 204 23.55 -41.10 0.64
C THR C 204 24.72 -42.03 0.40
N PRO C 205 25.36 -41.95 -0.78
CA PRO C 205 26.64 -42.66 -0.98
C PRO C 205 27.73 -42.41 0.07
N MET C 206 27.94 -41.16 0.49
CA MET C 206 28.95 -40.86 1.53
C MET C 206 28.54 -41.63 2.78
N MET C 207 27.27 -41.51 3.16
CA MET C 207 26.72 -42.23 4.32
C MET C 207 26.92 -43.74 4.28
N ALA C 208 26.53 -44.37 3.17
CA ALA C 208 26.69 -45.83 3.02
C ALA C 208 28.16 -46.24 3.03
N GLY C 209 29.06 -45.31 2.72
CA GLY C 209 30.49 -45.57 2.85
C GLY C 209 30.98 -45.75 4.29
N MET C 210 30.28 -45.16 5.25
CA MET C 210 30.68 -45.18 6.65
C MET C 210 30.52 -46.57 7.26
N PRO C 211 31.32 -46.88 8.31
CA PRO C 211 31.11 -48.13 9.03
C PRO C 211 29.77 -48.15 9.77
N GLN C 212 29.25 -49.34 9.96
CA GLN C 212 27.86 -49.55 10.39
C GLN C 212 27.55 -48.93 11.75
N GLU C 213 28.50 -49.03 12.67
CA GLU C 213 28.26 -48.47 14.01
C GLU C 213 28.07 -46.93 13.93
N VAL C 214 28.72 -46.29 12.96
CA VAL C 214 28.62 -44.87 12.76
C VAL C 214 27.29 -44.51 12.10
N GLN C 215 26.86 -45.33 11.15
CA GLN C 215 25.58 -45.16 10.49
C GLN C 215 24.47 -45.25 11.52
N ASP C 216 24.48 -46.35 12.27
CA ASP C 216 23.49 -46.61 13.31
C ASP C 216 23.47 -45.49 14.33
N ALA C 217 24.62 -44.90 14.66
CA ALA C 217 24.69 -43.83 15.63
C ALA C 217 24.03 -42.55 15.11
N LEU C 218 24.25 -42.24 13.83
CA LEU C 218 23.59 -41.08 13.19
C LEU C 218 22.09 -41.24 13.21
N GLY C 219 21.65 -42.46 12.86
CA GLY C 219 20.24 -42.79 12.90
C GLY C 219 19.65 -42.59 14.30
N ALA C 220 20.36 -42.98 15.34
CA ALA C 220 19.83 -42.89 16.70
C ALA C 220 19.82 -41.45 17.23
N SER C 221 20.53 -40.54 16.57
CA SER C 221 20.37 -39.11 16.86
C SER C 221 19.03 -38.49 16.37
N VAL C 222 18.30 -39.17 15.49
CA VAL C 222 17.00 -38.66 14.93
C VAL C 222 15.80 -39.07 15.81
N PRO C 223 15.02 -38.11 16.31
CA PRO C 223 14.00 -38.46 17.31
C PRO C 223 13.05 -39.57 16.78
N PHE C 224 12.37 -39.31 15.67
CA PHE C 224 11.53 -40.34 15.08
C PHE C 224 11.20 -40.05 13.64
N PRO C 225 11.38 -41.03 12.73
CA PRO C 225 11.86 -42.37 12.95
C PRO C 225 13.38 -42.38 13.23
N PRO C 226 13.84 -43.16 14.23
CA PRO C 226 15.24 -43.09 14.63
C PRO C 226 16.13 -43.89 13.65
N ARG C 227 16.18 -43.44 12.41
CA ARG C 227 16.93 -44.09 11.38
C ARG C 227 17.33 -43.09 10.31
N LEU C 228 18.21 -43.53 9.41
CA LEU C 228 18.53 -42.77 8.22
C LEU C 228 17.34 -42.67 7.29
N GLY C 229 17.18 -41.53 6.65
CA GLY C 229 16.05 -41.34 5.72
C GLY C 229 16.32 -42.08 4.45
N GLU C 230 15.26 -42.57 3.80
CA GLU C 230 15.44 -43.30 2.53
C GLU C 230 15.25 -42.33 1.38
N PRO C 231 16.13 -42.37 0.38
CA PRO C 231 16.02 -41.47 -0.75
C PRO C 231 14.62 -41.48 -1.40
N ALA C 232 13.95 -42.63 -1.41
CA ALA C 232 12.58 -42.69 -1.94
C ALA C 232 11.60 -41.83 -1.12
N GLU C 233 11.87 -41.59 0.17
CA GLU C 233 11.00 -40.70 0.97
C GLU C 233 11.17 -39.22 0.53
N TYR C 234 12.41 -38.82 0.23
CA TYR C 234 12.68 -37.49 -0.35
C TYR C 234 11.94 -37.37 -1.70
N ALA C 235 12.01 -38.41 -2.53
CA ALA C 235 11.29 -38.47 -3.80
C ALA C 235 9.76 -38.41 -3.66
N ALA C 236 9.22 -39.09 -2.67
CA ALA C 236 7.80 -38.97 -2.37
C ALA C 236 7.38 -37.53 -2.05
N LEU C 237 8.22 -36.79 -1.32
CA LEU C 237 7.90 -35.37 -1.06
C LEU C 237 7.95 -34.54 -2.34
N VAL C 238 8.97 -34.77 -3.17
CA VAL C 238 9.09 -34.09 -4.47
C VAL C 238 7.81 -34.29 -5.30
N ARG C 239 7.31 -35.51 -5.29
CA ARG C 239 6.07 -35.84 -5.98
C ARG C 239 4.93 -35.04 -5.43
N HIS C 240 4.80 -35.00 -4.12
CA HIS C 240 3.70 -34.27 -3.53
C HIS C 240 3.72 -32.78 -3.90
N ILE C 241 4.91 -32.19 -3.91
CA ILE C 241 5.09 -30.78 -4.30
C ILE C 241 4.66 -30.57 -5.75
N VAL C 242 5.01 -31.49 -6.62
CA VAL C 242 4.56 -31.36 -8.00
C VAL C 242 3.01 -31.43 -8.07
N GLU C 243 2.41 -32.31 -7.26
CA GLU C 243 0.96 -32.54 -7.30
C GLU C 243 0.14 -31.48 -6.61
N ASN C 244 0.70 -30.85 -5.58
CA ASN C 244 -0.06 -29.90 -4.75
C ASN C 244 0.26 -28.46 -5.09
N GLN C 245 -0.67 -27.85 -5.80
CA GLN C 245 -0.45 -26.54 -6.40
C GLN C 245 -0.37 -25.42 -5.39
N MET C 246 -0.90 -25.62 -4.18
CA MET C 246 -0.81 -24.58 -3.17
C MET C 246 0.58 -24.49 -2.52
N LEU C 247 1.45 -25.45 -2.77
CA LEU C 247 2.80 -25.39 -2.21
C LEU C 247 3.68 -24.49 -3.05
N ASN C 248 4.06 -23.33 -2.49
CA ASN C 248 4.91 -22.37 -3.18
C ASN C 248 5.65 -21.44 -2.23
N GLY C 249 6.92 -21.19 -2.57
CA GLY C 249 7.75 -20.19 -1.88
C GLY C 249 8.15 -20.55 -0.46
N GLU C 250 8.14 -21.85 -0.20
CA GLU C 250 8.33 -22.44 1.13
C GLU C 250 9.51 -23.43 1.18
N VAL C 251 10.13 -23.49 2.37
CA VAL C 251 11.19 -24.48 2.68
C VAL C 251 10.61 -25.53 3.64
N ILE C 252 10.67 -26.80 3.22
CA ILE C 252 10.11 -27.90 4.03
C ILE C 252 11.22 -28.76 4.63
N ARG C 253 11.26 -28.81 5.96
CA ARG C 253 12.20 -29.70 6.63
C ARG C 253 11.69 -31.14 6.60
N LEU C 254 12.51 -32.01 6.02
CA LEU C 254 12.27 -33.49 5.99
C LEU C 254 13.37 -34.19 6.81
N ASP C 255 13.12 -34.39 8.11
CA ASP C 255 14.23 -34.65 9.01
C ASP C 255 13.94 -35.39 10.31
N GLY C 256 12.77 -36.00 10.42
CA GLY C 256 12.40 -36.77 11.62
C GLY C 256 12.50 -36.00 12.94
N ALA C 257 12.31 -34.70 12.86
CA ALA C 257 12.42 -33.79 14.06
C ALA C 257 13.84 -33.57 14.55
N LEU C 258 14.82 -33.93 13.76
CA LEU C 258 16.21 -33.75 14.11
C LEU C 258 16.55 -32.28 14.32
N ARG C 259 17.31 -31.99 15.34
CA ARG C 259 17.94 -30.67 15.51
C ARG C 259 19.40 -30.94 15.82
N MET C 260 20.26 -30.72 14.86
CA MET C 260 21.64 -31.13 14.98
C MET C 260 22.37 -30.39 16.06
N ALA C 261 23.01 -31.17 16.93
CA ALA C 261 23.94 -30.64 17.93
C ALA C 261 25.14 -30.03 17.27
N ALA C 262 25.92 -29.31 18.05
CA ALA C 262 27.14 -28.68 17.57
C ALA C 262 28.19 -29.69 17.07
N LYS C 263 28.27 -30.82 17.75
CA LYS C 263 29.24 -31.83 17.48
C LYS C 263 28.51 -33.13 17.78
N HIS D 3 5.71 -50.69 -7.55
CA HIS D 3 4.75 -50.92 -6.46
C HIS D 3 4.70 -49.59 -5.69
N HIS D 4 4.99 -49.63 -4.39
CA HIS D 4 5.15 -48.43 -3.57
C HIS D 4 6.32 -48.67 -2.63
N HIS D 5 7.06 -47.60 -2.33
CA HIS D 5 8.37 -47.80 -1.70
C HIS D 5 8.22 -48.35 -0.27
N HIS D 6 9.31 -48.97 0.17
CA HIS D 6 9.32 -49.79 1.40
C HIS D 6 8.86 -49.05 2.65
N HIS D 7 9.29 -47.80 2.81
CA HIS D 7 8.93 -47.00 4.00
C HIS D 7 7.63 -46.18 3.85
N HIS D 8 6.90 -46.34 2.74
CA HIS D 8 5.63 -45.64 2.48
C HIS D 8 4.58 -46.09 3.47
N MET D 9 3.92 -45.17 4.16
CA MET D 9 2.95 -45.52 5.20
C MET D 9 1.56 -45.56 4.60
N GLN D 10 0.85 -46.65 4.80
CA GLN D 10 -0.46 -46.84 4.15
C GLN D 10 -1.56 -46.10 4.95
N ILE D 11 -2.48 -45.48 4.24
CA ILE D 11 -3.61 -44.75 4.81
C ILE D 11 -4.80 -45.69 5.06
N GLU D 12 -4.91 -46.79 4.31
CA GLU D 12 -6.03 -47.73 4.42
C GLU D 12 -6.19 -48.28 5.81
N ASN D 13 -7.43 -48.26 6.31
CA ASN D 13 -7.78 -48.78 7.63
C ASN D 13 -7.30 -47.99 8.86
N ARG D 14 -6.55 -46.91 8.68
CA ARG D 14 -6.13 -46.08 9.83
C ARG D 14 -7.35 -45.30 10.32
N VAL D 15 -7.43 -45.09 11.62
CA VAL D 15 -8.56 -44.38 12.22
C VAL D 15 -8.18 -42.92 12.46
N PHE D 16 -8.89 -42.01 11.79
CA PHE D 16 -8.68 -40.59 11.92
C PHE D 16 -9.67 -40.04 12.94
N LEU D 17 -9.18 -39.20 13.82
CA LEU D 17 -10.00 -38.34 14.64
C LEU D 17 -9.81 -36.91 14.13
N ILE D 18 -10.89 -36.22 13.77
CA ILE D 18 -10.79 -34.91 13.12
C ILE D 18 -11.68 -33.85 13.80
N THR D 19 -11.07 -32.73 14.21
CA THR D 19 -11.87 -31.60 14.78
C THR D 19 -12.28 -30.57 13.73
N GLY D 20 -13.29 -29.77 14.04
CA GLY D 20 -13.91 -28.83 13.05
C GLY D 20 -14.37 -29.54 11.75
N ALA D 21 -14.81 -30.78 11.90
CA ALA D 21 -14.99 -31.67 10.79
C ALA D 21 -16.29 -31.45 10.03
N GLY D 22 -17.16 -30.60 10.55
CA GLY D 22 -18.44 -30.33 9.91
C GLY D 22 -18.34 -29.36 8.75
N SER D 23 -17.18 -28.69 8.60
CA SER D 23 -17.03 -27.77 7.48
C SER D 23 -15.60 -27.58 7.07
N GLY D 24 -15.41 -26.86 5.95
CA GLY D 24 -14.14 -26.34 5.55
C GLY D 24 -13.04 -27.37 5.55
N LEU D 25 -11.92 -27.03 6.19
CA LEU D 25 -10.75 -27.88 6.15
C LEU D 25 -11.02 -29.29 6.72
N GLY D 26 -11.64 -29.35 7.90
CA GLY D 26 -11.90 -30.63 8.55
C GLY D 26 -12.85 -31.53 7.79
N ALA D 27 -13.86 -30.93 7.16
CA ALA D 27 -14.74 -31.68 6.28
C ALA D 27 -13.94 -32.32 5.15
N ALA D 28 -13.06 -31.55 4.53
CA ALA D 28 -12.32 -32.05 3.36
C ALA D 28 -11.33 -33.14 3.76
N VAL D 29 -10.73 -33.02 4.95
CA VAL D 29 -9.87 -34.09 5.47
C VAL D 29 -10.65 -35.38 5.71
N SER D 30 -11.84 -35.26 6.28
CA SER D 30 -12.76 -36.39 6.51
C SER D 30 -13.16 -37.11 5.22
N LYS D 31 -13.49 -36.32 4.22
CA LYS D 31 -13.77 -36.85 2.90
C LYS D 31 -12.58 -37.60 2.27
N MET D 32 -11.42 -36.94 2.29
CA MET D 32 -10.20 -37.56 1.74
C MET D 32 -9.92 -38.90 2.43
N ALA D 33 -10.02 -38.90 3.74
CA ALA D 33 -9.70 -40.08 4.53
C ALA D 33 -10.65 -41.23 4.25
N VAL D 34 -11.94 -40.96 4.27
CA VAL D 34 -12.91 -42.02 3.97
C VAL D 34 -12.67 -42.57 2.57
N GLU D 35 -12.43 -41.69 1.60
CA GLU D 35 -12.27 -42.13 0.22
C GLU D 35 -10.97 -42.89 -0.05
N ALA D 36 -10.00 -42.72 0.84
CA ALA D 36 -8.74 -43.44 0.73
C ALA D 36 -8.76 -44.74 1.52
N GLY D 37 -9.91 -45.06 2.10
CA GLY D 37 -10.11 -46.34 2.76
C GLY D 37 -9.90 -46.31 4.24
N ALA D 38 -9.98 -45.12 4.85
CA ALA D 38 -9.78 -45.00 6.28
C ALA D 38 -11.10 -44.86 7.03
N LYS D 39 -11.04 -45.00 8.35
CA LYS D 39 -12.18 -44.67 9.24
C LYS D 39 -12.04 -43.25 9.77
N VAL D 40 -13.16 -42.54 9.91
CA VAL D 40 -13.15 -41.20 10.50
C VAL D 40 -14.17 -41.03 11.60
N VAL D 41 -13.72 -40.43 12.70
CA VAL D 41 -14.60 -39.91 13.72
C VAL D 41 -14.58 -38.40 13.61
N LEU D 42 -15.72 -37.83 13.23
CA LEU D 42 -15.87 -36.39 13.08
C LEU D 42 -16.20 -35.74 14.42
N LEU D 43 -15.47 -34.70 14.77
CA LEU D 43 -15.77 -33.90 15.96
C LEU D 43 -16.06 -32.46 15.56
N ASP D 44 -17.16 -31.94 16.08
CA ASP D 44 -17.56 -30.54 15.83
C ASP D 44 -18.52 -30.12 16.94
N VAL D 45 -18.55 -28.83 17.24
CA VAL D 45 -19.50 -28.29 18.23
C VAL D 45 -20.90 -28.17 17.60
N ASN D 46 -20.96 -28.07 16.27
CA ASN D 46 -22.25 -28.01 15.56
C ASN D 46 -22.79 -29.38 15.13
N ALA D 47 -23.81 -29.86 15.83
CA ALA D 47 -24.41 -31.18 15.59
C ALA D 47 -25.01 -31.33 14.21
N GLU D 48 -25.69 -30.30 13.70
CA GLU D 48 -26.38 -30.41 12.41
C GLU D 48 -25.39 -30.73 11.30
N ALA D 49 -24.34 -29.91 11.22
CA ALA D 49 -23.27 -30.05 10.21
C ALA D 49 -22.51 -31.38 10.32
N GLY D 50 -22.22 -31.78 11.56
CA GLY D 50 -21.48 -32.99 11.83
C GLY D 50 -22.23 -34.27 11.49
N GLU D 51 -23.50 -34.30 11.88
CA GLU D 51 -24.37 -35.44 11.53
C GLU D 51 -24.48 -35.60 10.02
N ALA D 52 -24.71 -34.48 9.35
CA ALA D 52 -24.91 -34.47 7.90
C ALA D 52 -23.68 -34.96 7.18
N GLY D 53 -22.50 -34.55 7.66
CA GLY D 53 -21.24 -35.03 7.10
C GLY D 53 -21.04 -36.53 7.25
N ALA D 54 -21.21 -37.01 8.47
CA ALA D 54 -21.05 -38.44 8.79
C ALA D 54 -22.04 -39.27 8.01
N LYS D 55 -23.27 -38.73 7.86
CA LYS D 55 -24.31 -39.39 7.10
C LYS D 55 -23.87 -39.56 5.65
N ALA D 56 -23.44 -38.46 5.03
CA ALA D 56 -22.98 -38.46 3.63
C ALA D 56 -21.76 -39.33 3.34
N LEU D 57 -20.87 -39.48 4.33
CA LEU D 57 -19.66 -40.29 4.16
C LEU D 57 -19.90 -41.79 4.35
N GLY D 58 -20.92 -42.16 5.14
CA GLY D 58 -21.35 -43.55 5.25
C GLY D 58 -20.80 -44.33 6.44
N ALA D 59 -20.72 -45.64 6.29
CA ALA D 59 -20.45 -46.57 7.39
C ALA D 59 -19.06 -46.43 8.03
N SER D 60 -18.09 -45.93 7.25
CA SER D 60 -16.76 -45.64 7.74
C SER D 60 -16.64 -44.35 8.55
N ALA D 61 -17.74 -43.61 8.70
CA ALA D 61 -17.76 -42.35 9.47
C ALA D 61 -18.69 -42.42 10.68
N ARG D 62 -18.28 -41.76 11.77
CA ARG D 62 -19.14 -41.49 12.91
C ARG D 62 -19.01 -40.01 13.25
N PHE D 63 -19.99 -39.49 13.97
CA PHE D 63 -19.91 -38.14 14.52
C PHE D 63 -20.08 -38.11 16.04
N GLN D 64 -19.31 -37.24 16.70
CA GLN D 64 -19.44 -37.04 18.14
C GLN D 64 -19.37 -35.54 18.44
N ARG D 65 -20.45 -34.98 18.97
CA ARG D 65 -20.51 -33.56 19.35
C ARG D 65 -19.42 -33.26 20.40
N THR D 66 -18.61 -32.24 20.17
CA THR D 66 -17.44 -32.00 21.04
C THR D 66 -17.03 -30.51 21.13
N ASP D 67 -16.86 -30.02 22.36
CA ASP D 67 -16.18 -28.75 22.61
C ASP D 67 -14.73 -29.09 22.87
N VAL D 68 -13.88 -28.88 21.87
CA VAL D 68 -12.46 -29.26 21.95
C VAL D 68 -11.72 -28.71 23.16
N ALA D 69 -12.21 -27.62 23.73
CA ALA D 69 -11.54 -27.03 24.89
C ALA D 69 -11.94 -27.69 26.20
N SER D 70 -12.89 -28.62 26.16
CA SER D 70 -13.38 -29.22 27.39
C SER D 70 -12.67 -30.53 27.69
N ASP D 71 -12.17 -30.64 28.91
CA ASP D 71 -11.59 -31.89 29.41
C ASP D 71 -12.61 -33.07 29.21
N THR D 72 -13.81 -32.90 29.74
CA THR D 72 -14.77 -34.03 29.73
C THR D 72 -15.26 -34.37 28.31
N ASP D 73 -15.53 -33.37 27.48
CA ASP D 73 -15.86 -33.60 26.07
C ASP D 73 -14.74 -34.30 25.28
N GLY D 74 -13.50 -33.89 25.58
CA GLY D 74 -12.32 -34.48 24.97
C GLY D 74 -12.21 -35.97 25.26
N LYS D 75 -12.31 -36.30 26.55
CA LYS D 75 -12.37 -37.71 26.96
C LYS D 75 -13.53 -38.52 26.33
N ALA D 76 -14.72 -37.93 26.26
CA ALA D 76 -15.87 -38.59 25.68
C ALA D 76 -15.61 -38.85 24.20
N ALA D 77 -14.94 -37.91 23.54
CA ALA D 77 -14.62 -38.07 22.13
C ALA D 77 -13.64 -39.23 21.89
N ILE D 78 -12.65 -39.36 22.75
CA ILE D 78 -11.71 -40.48 22.68
C ILE D 78 -12.49 -41.77 22.88
N ALA D 79 -13.25 -41.86 23.97
CA ALA D 79 -14.03 -43.07 24.28
C ALA D 79 -14.93 -43.49 23.12
N ALA D 80 -15.59 -42.52 22.48
CA ALA D 80 -16.48 -42.80 21.34
C ALA D 80 -15.74 -43.34 20.14
N ALA D 81 -14.52 -42.84 19.92
CA ALA D 81 -13.71 -43.34 18.82
C ALA D 81 -13.25 -44.81 19.05
N ILE D 82 -12.82 -45.08 20.28
CA ILE D 82 -12.36 -46.41 20.66
C ILE D 82 -13.52 -47.37 20.56
N GLU D 83 -14.66 -46.99 21.13
CA GLU D 83 -15.87 -47.81 21.09
C GLU D 83 -16.31 -48.14 19.65
N ALA D 84 -16.24 -47.16 18.76
CA ALA D 84 -16.63 -47.34 17.37
C ALA D 84 -15.61 -48.13 16.55
N PHE D 85 -14.33 -47.79 16.67
CA PHE D 85 -13.29 -48.34 15.78
C PHE D 85 -12.07 -48.96 16.48
N SER D 86 -12.09 -49.04 17.79
CA SER D 86 -11.09 -49.82 18.56
C SER D 86 -9.72 -49.16 18.78
N ARG D 87 -9.40 -48.12 18.00
CA ARG D 87 -8.10 -47.47 18.09
C ARG D 87 -8.13 -46.09 17.46
N ILE D 88 -7.07 -45.31 17.68
CA ILE D 88 -6.89 -44.02 17.02
C ILE D 88 -5.49 -43.98 16.44
N ASP D 89 -5.40 -43.68 15.17
CA ASP D 89 -4.10 -43.65 14.49
C ASP D 89 -3.65 -42.26 14.08
N VAL D 90 -4.62 -41.40 13.76
CA VAL D 90 -4.33 -40.03 13.32
C VAL D 90 -5.29 -39.02 13.96
N LEU D 91 -4.72 -37.93 14.50
CA LEU D 91 -5.49 -36.76 14.93
C LEU D 91 -5.18 -35.59 14.00
N VAL D 92 -6.22 -34.92 13.52
CA VAL D 92 -6.05 -33.72 12.74
C VAL D 92 -6.89 -32.64 13.40
N ASN D 93 -6.20 -31.63 13.95
CA ASN D 93 -6.83 -30.47 14.59
C ASN D 93 -7.06 -29.37 13.56
N CYS D 94 -8.34 -29.19 13.17
CA CYS D 94 -8.76 -28.12 12.23
C CYS D 94 -9.69 -27.12 12.85
N ALA D 95 -10.10 -27.34 14.09
CA ALA D 95 -11.07 -26.44 14.71
C ALA D 95 -10.39 -25.15 15.02
N GLY D 96 -11.03 -24.03 14.70
CA GLY D 96 -10.42 -22.73 14.87
C GLY D 96 -11.36 -21.56 14.60
N VAL D 97 -11.05 -20.39 15.21
CA VAL D 97 -11.73 -19.13 14.89
C VAL D 97 -10.68 -18.11 14.48
N ALA D 98 -11.03 -17.22 13.52
CA ALA D 98 -10.08 -16.22 12.96
C ALA D 98 -10.57 -14.78 13.03
N PRO D 99 -10.82 -14.27 14.24
CA PRO D 99 -11.40 -12.95 14.36
C PRO D 99 -10.34 -11.87 14.12
N GLY D 100 -10.80 -10.68 13.81
CA GLY D 100 -9.95 -9.48 13.71
C GLY D 100 -10.43 -8.48 14.73
N GLU D 101 -9.51 -7.98 15.58
CA GLU D 101 -9.87 -6.99 16.59
C GLU D 101 -8.56 -6.24 16.91
N LYS D 102 -8.63 -4.93 16.78
CA LYS D 102 -7.50 -4.12 17.05
C LYS D 102 -7.19 -4.05 18.52
N VAL D 103 -5.92 -3.86 18.80
CA VAL D 103 -5.46 -3.60 20.16
C VAL D 103 -6.08 -2.33 20.68
N LEU D 104 -6.06 -1.25 19.89
CA LEU D 104 -6.78 0.01 20.21
C LEU D 104 -7.85 0.26 19.16
N GLY D 105 -9.12 0.03 19.54
CA GLY D 105 -10.26 0.11 18.62
C GLY D 105 -11.04 1.37 18.85
N ARG D 106 -12.05 1.58 18.02
CA ARG D 106 -12.89 2.77 18.11
C ARG D 106 -13.55 2.91 19.51
N GLU D 107 -13.99 1.79 20.08
CA GLU D 107 -14.67 1.81 21.45
C GLU D 107 -13.72 1.74 22.68
N GLY D 108 -12.44 1.49 22.42
CA GLY D 108 -11.50 1.17 23.48
C GLY D 108 -10.56 0.03 23.18
N ALA D 109 -9.87 -0.45 24.23
CA ALA D 109 -8.93 -1.52 24.11
C ALA D 109 -9.58 -2.83 23.69
N HIS D 110 -8.82 -3.67 22.98
CA HIS D 110 -9.17 -5.07 22.68
C HIS D 110 -9.74 -5.72 23.94
N LYS D 111 -10.88 -6.37 23.83
CA LYS D 111 -11.51 -6.97 25.04
C LYS D 111 -10.63 -8.14 25.43
N LEU D 112 -10.44 -8.30 26.73
CA LEU D 112 -9.69 -9.44 27.23
C LEU D 112 -10.41 -10.77 27.00
N GLU D 113 -11.74 -10.73 27.08
CA GLU D 113 -12.59 -11.90 26.91
C GLU D 113 -12.47 -12.48 25.52
N THR D 114 -12.39 -11.63 24.51
CA THR D 114 -12.30 -12.07 23.13
C THR D 114 -10.92 -12.66 22.82
N PHE D 115 -9.87 -12.04 23.34
CA PHE D 115 -8.51 -12.59 23.25
C PHE D 115 -8.48 -14.00 23.87
N THR D 116 -8.97 -14.09 25.10
CA THR D 116 -8.98 -15.35 25.86
C THR D 116 -9.74 -16.45 25.10
N ARG D 117 -10.89 -16.12 24.52
CA ARG D 117 -11.73 -17.07 23.80
C ARG D 117 -11.04 -17.58 22.52
N THR D 118 -10.36 -16.70 21.80
CA THR D 118 -9.60 -17.15 20.63
C THR D 118 -8.49 -18.14 21.02
N ILE D 119 -7.84 -17.85 22.13
CA ILE D 119 -6.77 -18.70 22.66
C ILE D 119 -7.35 -20.05 23.07
N SER D 120 -8.46 -19.99 23.75
CA SER D 120 -9.13 -21.19 24.29
C SER D 120 -9.45 -22.18 23.16
N ILE D 121 -10.10 -21.70 22.11
CA ILE D 121 -10.52 -22.59 21.01
C ILE D 121 -9.33 -23.06 20.13
N ASN D 122 -8.52 -22.11 19.69
CA ASN D 122 -7.41 -22.43 18.77
C ASN D 122 -6.24 -23.18 19.41
N LEU D 123 -5.83 -22.77 20.62
CA LEU D 123 -4.61 -23.29 21.23
C LEU D 123 -4.91 -24.31 22.35
N ILE D 124 -5.70 -23.92 23.34
CA ILE D 124 -5.99 -24.83 24.42
C ILE D 124 -6.75 -26.04 23.88
N GLY D 125 -7.71 -25.80 23.00
CA GLY D 125 -8.46 -26.86 22.34
C GLY D 125 -7.58 -27.83 21.56
N THR D 126 -6.60 -27.28 20.85
CA THR D 126 -5.67 -28.11 20.11
C THR D 126 -4.83 -28.94 21.08
N PHE D 127 -4.32 -28.31 22.13
CA PHE D 127 -3.51 -29.03 23.10
C PHE D 127 -4.32 -30.13 23.79
N ASN D 128 -5.57 -29.81 24.14
CA ASN D 128 -6.43 -30.79 24.80
C ASN D 128 -6.64 -32.06 23.97
N MET D 129 -7.02 -31.91 22.73
CA MET D 129 -7.22 -33.08 21.86
C MET D 129 -5.91 -33.81 21.61
N LEU D 130 -4.83 -33.07 21.50
CA LEU D 130 -3.50 -33.65 21.30
C LEU D 130 -3.05 -34.54 22.47
N ARG D 131 -3.15 -34.04 23.69
CA ARG D 131 -2.75 -34.80 24.87
C ARG D 131 -3.55 -36.11 24.99
N LEU D 132 -4.83 -36.06 24.68
CA LEU D 132 -5.72 -37.21 24.86
C LEU D 132 -5.61 -38.21 23.73
N ALA D 133 -5.47 -37.71 22.51
CA ALA D 133 -5.21 -38.57 21.37
C ALA D 133 -3.89 -39.29 21.55
N ALA D 134 -2.87 -38.55 21.94
CA ALA D 134 -1.54 -39.13 22.17
C ALA D 134 -1.61 -40.30 23.18
N GLU D 135 -2.31 -40.06 24.30
CA GLU D 135 -2.47 -41.06 25.32
C GLU D 135 -3.08 -42.34 24.71
N ALA D 136 -4.13 -42.19 23.90
CA ALA D 136 -4.75 -43.33 23.25
C ALA D 136 -3.81 -44.00 22.25
N MET D 137 -3.16 -43.20 21.40
CA MET D 137 -2.18 -43.72 20.41
C MET D 137 -1.01 -44.50 21.00
N ALA D 138 -0.56 -44.11 22.19
CA ALA D 138 0.51 -44.81 22.88
C ALA D 138 0.14 -46.29 23.23
N LYS D 139 -1.16 -46.59 23.34
CA LYS D 139 -1.63 -47.94 23.62
C LYS D 139 -1.61 -48.83 22.38
N ASN D 140 -1.49 -48.24 21.19
CA ASN D 140 -1.43 -49.05 19.98
C ASN D 140 -0.18 -49.89 19.97
N GLU D 141 -0.22 -51.01 19.23
CA GLU D 141 0.98 -51.79 19.01
C GLU D 141 1.87 -51.00 18.04
N PRO D 142 3.18 -51.13 18.18
CA PRO D 142 4.00 -50.40 17.21
C PRO D 142 3.81 -50.98 15.83
N GLY D 143 3.56 -50.12 14.87
CA GLY D 143 3.31 -50.56 13.51
C GLY D 143 4.54 -50.42 12.65
N GLN D 144 4.32 -50.14 11.38
CA GLN D 144 5.39 -49.98 10.44
C GLN D 144 6.44 -48.96 10.91
N GLY D 145 7.70 -49.35 10.89
CA GLY D 145 8.80 -48.51 11.33
C GLY D 145 8.72 -48.15 12.79
N GLY D 146 7.90 -48.88 13.56
CA GLY D 146 7.68 -48.57 15.00
C GLY D 146 6.66 -47.48 15.29
N GLU D 147 5.94 -47.04 14.27
CA GLU D 147 5.04 -45.92 14.40
C GLU D 147 3.74 -46.31 15.03
N ARG D 148 3.31 -45.50 15.99
CA ARG D 148 2.01 -45.70 16.68
C ARG D 148 0.94 -44.65 16.37
N GLY D 149 1.32 -43.53 15.78
CA GLY D 149 0.35 -42.46 15.49
C GLY D 149 0.95 -41.24 14.85
N VAL D 150 0.08 -40.39 14.32
CA VAL D 150 0.47 -39.11 13.76
C VAL D 150 -0.50 -38.06 14.24
N ILE D 151 0.02 -36.95 14.74
CA ILE D 151 -0.80 -35.82 15.10
C ILE D 151 -0.46 -34.65 14.18
N ILE D 152 -1.50 -34.07 13.55
CA ILE D 152 -1.35 -32.92 12.67
C ILE D 152 -2.16 -31.72 13.15
N ASN D 153 -1.47 -30.61 13.46
CA ASN D 153 -2.16 -29.40 13.94
C ASN D 153 -2.23 -28.34 12.85
N THR D 154 -3.16 -27.40 13.01
CA THR D 154 -3.34 -26.36 12.01
C THR D 154 -2.99 -25.04 12.66
N ALA D 155 -1.97 -24.39 12.13
CA ALA D 155 -1.63 -23.05 12.52
C ALA D 155 -2.20 -22.11 11.44
N SER D 156 -1.37 -21.23 10.88
CA SER D 156 -1.81 -20.21 9.93
C SER D 156 -0.60 -19.39 9.59
N VAL D 157 -0.59 -18.85 8.39
CA VAL D 157 0.45 -17.89 7.99
C VAL D 157 0.44 -16.66 8.91
N ALA D 158 -0.67 -16.45 9.63
CA ALA D 158 -0.75 -15.43 10.71
C ALA D 158 0.29 -15.64 11.85
N ALA D 159 0.80 -16.87 11.95
CA ALA D 159 1.89 -17.17 12.88
C ALA D 159 3.19 -16.48 12.49
N PHE D 160 3.28 -16.06 11.25
CA PHE D 160 4.48 -15.49 10.70
C PHE D 160 4.33 -14.07 10.16
N ASP D 161 3.18 -13.77 9.55
CA ASP D 161 2.93 -12.49 8.90
C ASP D 161 1.68 -11.78 9.45
N GLY D 162 1.44 -11.86 10.76
CA GLY D 162 0.25 -11.32 11.38
C GLY D 162 -0.07 -9.88 10.97
N GLN D 163 -1.29 -9.67 10.54
CA GLN D 163 -1.77 -8.39 10.09
C GLN D 163 -2.35 -7.57 11.26
N ILE D 164 -2.55 -6.30 11.02
CA ILE D 164 -3.20 -5.40 11.96
C ILE D 164 -4.55 -6.02 12.33
N GLY D 165 -4.77 -6.23 13.62
CA GLY D 165 -6.02 -6.82 14.12
C GLY D 165 -5.92 -8.31 14.47
N GLN D 166 -4.77 -8.92 14.19
CA GLN D 166 -4.63 -10.37 14.40
C GLN D 166 -3.78 -10.75 15.61
N ALA D 167 -3.70 -9.90 16.64
CA ALA D 167 -2.90 -10.24 17.82
C ALA D 167 -3.37 -11.55 18.39
N ALA D 168 -4.68 -11.69 18.58
CA ALA D 168 -5.22 -12.90 19.21
C ALA D 168 -5.00 -14.12 18.35
N TYR D 169 -5.41 -14.01 17.09
CA TYR D 169 -5.22 -15.07 16.10
C TYR D 169 -3.76 -15.46 15.94
N SER D 170 -2.88 -14.48 15.79
CA SER D 170 -1.42 -14.77 15.63
C SER D 170 -0.86 -15.43 16.87
N ALA D 171 -1.24 -14.93 18.05
CA ALA D 171 -0.80 -15.51 19.32
C ALA D 171 -1.20 -16.98 19.44
N SER D 172 -2.45 -17.28 19.11
CA SER D 172 -2.93 -18.62 19.22
C SER D 172 -2.23 -19.56 18.20
N LYS D 173 -2.12 -19.12 16.96
CA LYS D 173 -1.50 -19.96 15.93
C LYS D 173 0.02 -20.04 16.04
N GLY D 174 0.65 -18.98 16.53
CA GLY D 174 2.07 -19.04 16.83
C GLY D 174 2.35 -20.07 17.93
N GLY D 175 1.45 -20.12 18.89
CA GLY D 175 1.54 -21.06 19.99
C GLY D 175 1.43 -22.50 19.55
N VAL D 176 0.46 -22.79 18.69
CA VAL D 176 0.36 -24.07 18.04
C VAL D 176 1.69 -24.41 17.31
N ALA D 177 2.19 -23.51 16.45
CA ALA D 177 3.44 -23.76 15.70
C ALA D 177 4.61 -24.08 16.61
N ALA D 178 4.76 -23.32 17.70
CA ALA D 178 5.91 -23.51 18.54
C ALA D 178 5.89 -24.78 19.40
N MET D 179 4.72 -25.35 19.65
CA MET D 179 4.56 -26.60 20.40
C MET D 179 5.01 -27.81 19.63
N THR D 180 5.10 -27.70 18.31
CA THR D 180 5.31 -28.83 17.46
C THR D 180 6.55 -29.58 17.87
N LEU D 181 7.66 -28.86 18.07
CA LEU D 181 8.95 -29.48 18.40
C LEU D 181 8.99 -30.16 19.79
N PRO D 182 8.56 -29.45 20.88
CA PRO D 182 8.73 -30.09 22.17
C PRO D 182 7.83 -31.28 22.31
N VAL D 183 6.67 -31.22 21.66
CA VAL D 183 5.75 -32.34 21.67
C VAL D 183 6.33 -33.48 20.81
N ALA D 184 6.82 -33.17 19.61
CA ALA D 184 7.43 -34.22 18.76
C ALA D 184 8.60 -34.90 19.47
N ARG D 185 9.42 -34.08 20.15
CA ARG D 185 10.57 -34.63 20.89
C ARG D 185 10.16 -35.65 21.93
N GLU D 186 9.09 -35.38 22.67
CA GLU D 186 8.69 -36.33 23.71
C GLU D 186 8.03 -37.56 23.11
N LEU D 187 7.14 -37.32 22.15
CA LEU D 187 6.28 -38.39 21.67
C LEU D 187 7.03 -39.31 20.71
N ALA D 188 8.23 -38.89 20.29
CA ALA D 188 9.16 -39.72 19.52
C ALA D 188 9.44 -41.07 20.23
N ARG D 189 9.53 -41.05 21.56
CA ARG D 189 9.71 -42.29 22.35
C ARG D 189 8.64 -43.33 22.11
N HIS D 190 7.42 -42.87 21.85
CA HIS D 190 6.29 -43.75 21.59
C HIS D 190 6.03 -44.01 20.10
N GLY D 191 6.86 -43.47 19.23
CA GLY D 191 6.60 -43.52 17.79
C GLY D 191 5.41 -42.73 17.31
N ILE D 192 5.11 -41.62 17.96
CA ILE D 192 4.07 -40.71 17.51
C ILE D 192 4.71 -39.46 16.91
N ARG D 193 4.46 -39.21 15.63
CA ARG D 193 4.93 -38.02 14.93
C ARG D 193 3.97 -36.85 15.13
N VAL D 194 4.54 -35.64 15.15
CA VAL D 194 3.77 -34.42 15.35
C VAL D 194 4.16 -33.36 14.36
N MET D 195 3.17 -32.88 13.60
CA MET D 195 3.39 -31.98 12.47
C MET D 195 2.37 -30.88 12.49
N THR D 196 2.69 -29.82 11.80
CA THR D 196 1.80 -28.64 11.76
C THR D 196 1.76 -28.06 10.35
N ILE D 197 0.55 -27.70 9.91
CA ILE D 197 0.33 -27.07 8.62
C ILE D 197 -0.13 -25.64 8.87
N ALA D 198 0.45 -24.70 8.16
CA ALA D 198 0.15 -23.29 8.29
C ALA D 198 -0.48 -22.84 6.98
N PRO D 199 -1.81 -22.93 6.89
CA PRO D 199 -2.49 -22.49 5.65
C PRO D 199 -2.53 -20.96 5.41
N GLY D 200 -2.49 -20.59 4.13
CA GLY D 200 -2.73 -19.23 3.68
C GLY D 200 -4.24 -19.02 3.53
N ILE D 201 -4.67 -18.42 2.44
CA ILE D 201 -6.06 -18.02 2.27
C ILE D 201 -6.86 -19.13 1.53
N PHE D 202 -7.84 -19.70 2.22
CA PHE D 202 -8.60 -20.81 1.71
C PHE D 202 -10.08 -20.46 1.59
N LYS D 203 -10.75 -21.09 0.63
CA LYS D 203 -12.23 -20.94 0.45
C LYS D 203 -13.16 -21.64 1.43
N THR D 204 -14.38 -21.08 1.44
CA THR D 204 -15.34 -21.24 2.54
C THR D 204 -16.81 -21.38 2.04
N ALA D 217 -10.15 -12.85 -7.30
CA ALA D 217 -10.00 -11.43 -6.85
C ALA D 217 -9.67 -11.29 -5.34
N LEU D 218 -10.28 -12.13 -4.51
CA LEU D 218 -9.85 -12.42 -3.12
C LEU D 218 -8.53 -13.24 -3.09
N GLY D 219 -8.27 -13.93 -4.20
CA GLY D 219 -7.04 -14.65 -4.50
C GLY D 219 -5.95 -13.80 -5.11
N ALA D 220 -6.20 -12.55 -5.49
CA ALA D 220 -5.25 -11.85 -6.36
C ALA D 220 -4.06 -11.31 -5.58
N SER D 221 -4.16 -11.29 -4.25
CA SER D 221 -2.96 -11.03 -3.42
C SER D 221 -1.93 -12.21 -3.35
N VAL D 222 -2.33 -13.41 -3.79
CA VAL D 222 -1.47 -14.61 -3.68
C VAL D 222 -0.62 -14.72 -4.94
N PRO D 223 0.71 -14.73 -4.79
CA PRO D 223 1.58 -14.79 -5.99
C PRO D 223 1.23 -15.88 -7.00
N PHE D 224 1.30 -17.14 -6.61
CA PHE D 224 0.85 -18.20 -7.49
C PHE D 224 0.57 -19.46 -6.68
N PRO D 225 -0.58 -20.11 -6.91
CA PRO D 225 -1.61 -19.75 -7.85
C PRO D 225 -2.40 -18.56 -7.32
N PRO D 226 -2.78 -17.62 -8.18
CA PRO D 226 -3.44 -16.40 -7.68
C PRO D 226 -4.94 -16.63 -7.44
N ARG D 227 -5.23 -17.49 -6.48
CA ARG D 227 -6.61 -17.82 -6.15
C ARG D 227 -6.68 -18.26 -4.69
N LEU D 228 -7.91 -18.40 -4.20
CA LEU D 228 -8.17 -19.04 -2.92
C LEU D 228 -7.73 -20.50 -2.97
N GLY D 229 -7.17 -20.99 -1.88
CA GLY D 229 -6.85 -22.40 -1.79
C GLY D 229 -8.12 -23.24 -1.66
N GLU D 230 -8.09 -24.46 -2.20
CA GLU D 230 -9.20 -25.41 -2.02
C GLU D 230 -8.96 -26.32 -0.84
N PRO D 231 -10.00 -26.54 -0.02
CA PRO D 231 -9.84 -27.41 1.14
C PRO D 231 -9.26 -28.79 0.83
N ALA D 232 -9.60 -29.36 -0.34
CA ALA D 232 -9.05 -30.63 -0.74
C ALA D 232 -7.51 -30.57 -0.90
N GLU D 233 -6.96 -29.39 -1.18
CA GLU D 233 -5.49 -29.25 -1.26
C GLU D 233 -4.82 -29.32 0.13
N TYR D 234 -5.47 -28.73 1.12
CA TYR D 234 -5.05 -28.90 2.51
C TYR D 234 -5.12 -30.41 2.92
N ALA D 235 -6.21 -31.06 2.58
CA ALA D 235 -6.37 -32.52 2.79
C ALA D 235 -5.32 -33.37 2.08
N ALA D 236 -4.96 -32.99 0.85
CA ALA D 236 -3.89 -33.70 0.15
C ALA D 236 -2.56 -33.62 0.96
N LEU D 237 -2.27 -32.46 1.54
CA LEU D 237 -1.04 -32.32 2.32
C LEU D 237 -1.11 -33.17 3.58
N VAL D 238 -2.26 -33.23 4.22
CA VAL D 238 -2.46 -34.10 5.39
C VAL D 238 -2.18 -35.57 5.06
N ARG D 239 -2.71 -36.02 3.92
CA ARG D 239 -2.47 -37.33 3.41
C ARG D 239 -0.97 -37.60 3.23
N HIS D 240 -0.29 -36.66 2.61
CA HIS D 240 1.13 -36.82 2.41
C HIS D 240 1.94 -36.94 3.70
N ILE D 241 1.59 -36.12 4.70
CA ILE D 241 2.18 -36.22 6.02
C ILE D 241 1.95 -37.62 6.65
N VAL D 242 0.75 -38.16 6.50
CA VAL D 242 0.50 -39.47 7.09
C VAL D 242 1.32 -40.56 6.36
N GLU D 243 1.46 -40.42 5.04
CA GLU D 243 2.23 -41.35 4.23
C GLU D 243 3.74 -41.25 4.32
N ASN D 244 4.28 -40.04 4.58
CA ASN D 244 5.72 -39.84 4.58
C ASN D 244 6.31 -39.77 5.98
N GLN D 245 6.99 -40.85 6.35
CA GLN D 245 7.41 -41.04 7.71
C GLN D 245 8.54 -40.11 8.12
N MET D 246 9.31 -39.58 7.15
CA MET D 246 10.39 -38.65 7.50
C MET D 246 9.89 -37.21 7.85
N LEU D 247 8.61 -36.92 7.61
CA LEU D 247 8.04 -35.65 8.08
C LEU D 247 7.71 -35.69 9.59
N ASN D 248 8.45 -34.91 10.37
CA ASN D 248 8.20 -34.81 11.78
C ASN D 248 8.76 -33.51 12.37
N GLY D 249 8.01 -32.92 13.30
CA GLY D 249 8.48 -31.77 14.11
C GLY D 249 8.62 -30.47 13.35
N GLU D 250 7.87 -30.37 12.23
CA GLU D 250 7.99 -29.29 11.26
C GLU D 250 6.62 -28.57 11.02
N VAL D 251 6.71 -27.28 10.70
CA VAL D 251 5.58 -26.44 10.28
C VAL D 251 5.68 -26.17 8.78
N ILE D 252 4.65 -26.53 8.02
CA ILE D 252 4.67 -26.40 6.57
C ILE D 252 3.70 -25.34 6.15
N ARG D 253 4.22 -24.30 5.50
CA ARG D 253 3.36 -23.26 4.94
C ARG D 253 2.73 -23.73 3.64
N LEU D 254 1.40 -23.67 3.60
CA LEU D 254 0.60 -23.99 2.39
C LEU D 254 -0.15 -22.77 1.95
N ASP D 255 0.47 -21.96 1.08
CA ASP D 255 0.04 -20.55 0.93
C ASP D 255 0.30 -19.84 -0.38
N GLY D 256 0.70 -20.57 -1.44
CA GLY D 256 1.02 -19.98 -2.74
C GLY D 256 2.06 -18.88 -2.73
N ALA D 257 3.00 -18.94 -1.77
CA ALA D 257 4.03 -17.90 -1.61
C ALA D 257 3.53 -16.57 -1.04
N LEU D 258 2.32 -16.57 -0.47
CA LEU D 258 1.73 -15.39 0.13
C LEU D 258 2.55 -14.88 1.31
N ARG D 259 2.77 -13.58 1.38
CA ARG D 259 3.31 -12.93 2.58
C ARG D 259 2.36 -11.78 2.84
N MET D 260 1.54 -11.91 3.87
CA MET D 260 0.48 -10.94 4.15
C MET D 260 1.04 -9.57 4.52
N ALA D 261 0.56 -8.54 3.82
CA ALA D 261 0.80 -7.16 4.18
C ALA D 261 0.10 -6.81 5.51
N ALA D 262 0.44 -5.65 6.04
CA ALA D 262 -0.11 -5.15 7.33
C ALA D 262 -1.60 -4.84 7.31
N LYS D 263 -2.02 -4.21 6.19
CA LYS D 263 -3.26 -3.39 6.17
C LYS D 263 -4.54 -4.17 6.02
N HIS E 7 -21.93 7.76 15.98
CA HIS E 7 -20.77 8.23 15.10
C HIS E 7 -20.74 9.74 14.85
N HIS E 8 -21.86 10.35 15.24
CA HIS E 8 -22.06 11.79 15.23
C HIS E 8 -21.02 12.42 16.18
N MET E 9 -20.29 13.41 15.71
CA MET E 9 -19.26 14.06 16.53
C MET E 9 -19.88 15.23 17.25
N GLN E 10 -19.64 15.33 18.56
CA GLN E 10 -20.24 16.39 19.36
C GLN E 10 -19.45 17.68 19.21
N ILE E 11 -20.15 18.80 19.15
CA ILE E 11 -19.53 20.14 19.08
C ILE E 11 -19.30 20.76 20.49
N GLU E 12 -20.08 20.36 21.48
CA GLU E 12 -20.02 20.94 22.83
C GLU E 12 -18.61 20.78 23.45
N ASN E 13 -18.10 21.88 24.02
CA ASN E 13 -16.81 21.92 24.73
C ASN E 13 -15.55 21.78 23.85
N ARG E 14 -15.70 21.63 22.55
CA ARG E 14 -14.50 21.71 21.70
C ARG E 14 -14.03 23.12 21.55
N VAL E 15 -12.73 23.28 21.41
CA VAL E 15 -12.11 24.59 21.31
C VAL E 15 -11.85 24.95 19.82
N PHE E 16 -12.48 26.02 19.36
CA PHE E 16 -12.30 26.55 18.04
C PHE E 16 -11.27 27.68 18.05
N LEU E 17 -10.37 27.66 17.08
CA LEU E 17 -9.52 28.76 16.75
C LEU E 17 -10.03 29.26 15.40
N ILE E 18 -10.36 30.55 15.30
CA ILE E 18 -10.95 31.10 14.09
C ILE E 18 -10.28 32.39 13.61
N THR E 19 -9.81 32.40 12.34
CA THR E 19 -9.21 33.60 11.76
C THR E 19 -10.25 34.47 11.03
N GLY E 20 -9.94 35.78 10.87
CA GLY E 20 -10.86 36.75 10.31
C GLY E 20 -12.15 36.84 11.11
N ALA E 21 -12.02 36.66 12.43
CA ALA E 21 -13.18 36.38 13.28
C ALA E 21 -13.92 37.62 13.70
N GLY E 22 -13.38 38.77 13.36
CA GLY E 22 -14.01 40.03 13.74
C GLY E 22 -15.16 40.41 12.83
N SER E 23 -15.30 39.74 11.68
CA SER E 23 -16.36 40.10 10.78
C SER E 23 -16.77 38.97 9.88
N GLY E 24 -17.86 39.17 9.16
CA GLY E 24 -18.28 38.27 8.09
C GLY E 24 -18.28 36.81 8.49
N LEU E 25 -17.64 35.99 7.68
CA LEU E 25 -17.74 34.54 7.83
C LEU E 25 -17.20 34.08 9.17
N GLY E 26 -16.01 34.55 9.54
CA GLY E 26 -15.40 34.18 10.80
C GLY E 26 -16.19 34.60 12.05
N ALA E 27 -16.82 35.77 11.99
CA ALA E 27 -17.68 36.23 13.07
C ALA E 27 -18.84 35.26 13.23
N ALA E 28 -19.44 34.85 12.11
CA ALA E 28 -20.60 33.97 12.17
C ALA E 28 -20.24 32.56 12.66
N VAL E 29 -19.07 32.06 12.25
CA VAL E 29 -18.61 30.80 12.78
C VAL E 29 -18.40 30.88 14.32
N SER E 30 -17.81 31.99 14.79
CA SER E 30 -17.58 32.22 16.24
C SER E 30 -18.88 32.23 17.03
N LYS E 31 -19.86 32.92 16.49
CA LYS E 31 -21.17 32.97 17.05
C LYS E 31 -21.81 31.59 17.12
N MET E 32 -21.76 30.87 16.00
CA MET E 32 -22.36 29.54 15.95
C MET E 32 -21.73 28.64 17.00
N ALA E 33 -20.41 28.70 17.08
CA ALA E 33 -19.64 27.84 17.96
C ALA E 33 -19.93 28.10 19.43
N VAL E 34 -19.92 29.36 19.82
CA VAL E 34 -20.26 29.71 21.21
C VAL E 34 -21.68 29.29 21.56
N GLU E 35 -22.63 29.52 20.66
CA GLU E 35 -24.03 29.18 20.93
C GLU E 35 -24.33 27.69 20.94
N ALA E 36 -23.45 26.90 20.33
CA ALA E 36 -23.58 25.44 20.36
C ALA E 36 -22.82 24.82 21.53
N GLY E 37 -22.24 25.66 22.38
CA GLY E 37 -21.61 25.23 23.61
C GLY E 37 -20.10 25.05 23.52
N ALA E 38 -19.46 25.66 22.52
CA ALA E 38 -18.03 25.48 22.33
C ALA E 38 -17.27 26.69 22.86
N LYS E 39 -15.96 26.54 23.01
CA LYS E 39 -15.05 27.68 23.28
C LYS E 39 -14.50 28.23 21.97
N VAL E 40 -14.36 29.55 21.88
CA VAL E 40 -13.69 30.15 20.71
C VAL E 40 -12.59 31.12 21.08
N VAL E 41 -11.49 31.00 20.34
CA VAL E 41 -10.44 32.01 20.34
C VAL E 41 -10.50 32.73 19.00
N LEU E 42 -10.83 34.00 19.05
CA LEU E 42 -10.96 34.83 17.85
C LEU E 42 -9.64 35.44 17.46
N LEU E 43 -9.26 35.29 16.21
CA LEU E 43 -8.07 35.91 15.69
C LEU E 43 -8.41 36.86 14.55
N ASP E 44 -7.86 38.07 14.65
CA ASP E 44 -8.06 39.07 13.63
C ASP E 44 -6.97 40.11 13.76
N VAL E 45 -6.65 40.76 12.63
CA VAL E 45 -5.64 41.83 12.62
C VAL E 45 -6.25 43.10 13.17
N ASN E 46 -7.56 43.22 13.10
CA ASN E 46 -8.26 44.40 13.63
C ASN E 46 -8.71 44.21 15.07
N ALA E 47 -8.02 44.88 16.00
CA ALA E 47 -8.29 44.76 17.43
C ALA E 47 -9.69 45.21 17.81
N GLU E 48 -10.16 46.29 17.22
CA GLU E 48 -11.43 46.87 17.63
C GLU E 48 -12.56 45.87 17.43
N ALA E 49 -12.66 45.38 16.21
CA ALA E 49 -13.68 44.42 15.81
C ALA E 49 -13.60 43.10 16.59
N GLY E 50 -12.37 42.63 16.81
CA GLY E 50 -12.13 41.40 17.54
C GLY E 50 -12.52 41.46 19.01
N GLU E 51 -12.13 42.56 19.66
CA GLU E 51 -12.44 42.75 21.07
C GLU E 51 -13.95 42.86 21.29
N ALA E 52 -14.62 43.59 20.38
CA ALA E 52 -16.04 43.77 20.43
C ALA E 52 -16.78 42.43 20.26
N GLY E 53 -16.30 41.59 19.35
CA GLY E 53 -16.88 40.27 19.14
C GLY E 53 -16.76 39.36 20.36
N ALA E 54 -15.56 39.28 20.89
CA ALA E 54 -15.29 38.45 22.08
C ALA E 54 -16.10 38.94 23.27
N LYS E 55 -16.23 40.26 23.37
CA LYS E 55 -16.98 40.91 24.44
C LYS E 55 -18.45 40.50 24.37
N ALA E 56 -19.03 40.65 23.20
CA ALA E 56 -20.44 40.27 22.94
C ALA E 56 -20.74 38.77 23.12
N LEU E 57 -19.78 37.90 22.85
CA LEU E 57 -20.00 36.46 22.96
C LEU E 57 -19.85 35.94 24.39
N GLY E 58 -19.05 36.63 25.21
CA GLY E 58 -18.97 36.34 26.64
C GLY E 58 -17.81 35.46 27.07
N ALA E 59 -18.01 34.74 28.18
CA ALA E 59 -16.92 34.02 28.88
C ALA E 59 -16.28 32.88 28.07
N SER E 60 -17.05 32.31 27.15
CA SER E 60 -16.54 31.25 26.28
C SER E 60 -15.71 31.76 25.08
N ALA E 61 -15.53 33.07 24.96
CA ALA E 61 -14.73 33.67 23.91
C ALA E 61 -13.53 34.44 24.45
N ARG E 62 -12.43 34.36 23.70
CA ARG E 62 -11.27 35.23 23.90
C ARG E 62 -10.87 35.81 22.56
N PHE E 63 -10.12 36.89 22.60
CA PHE E 63 -9.54 37.48 21.40
C PHE E 63 -8.03 37.57 21.49
N GLN E 64 -7.37 37.33 20.37
CA GLN E 64 -5.94 37.54 20.26
C GLN E 64 -5.62 38.20 18.91
N ARG E 65 -5.03 39.39 18.95
CA ARG E 65 -4.62 40.09 17.74
C ARG E 65 -3.59 39.29 16.98
N THR E 66 -3.77 39.14 15.67
CA THR E 66 -2.92 38.22 14.91
C THR E 66 -2.80 38.55 13.43
N ASP E 67 -1.57 38.61 12.94
CA ASP E 67 -1.31 38.64 11.52
C ASP E 67 -1.07 37.20 11.12
N VAL E 68 -2.07 36.59 10.48
CA VAL E 68 -2.08 35.17 10.11
C VAL E 68 -0.85 34.77 9.31
N ALA E 69 -0.26 35.71 8.60
CA ALA E 69 0.94 35.40 7.79
C ALA E 69 2.26 35.46 8.60
N SER E 70 2.20 35.85 9.87
CA SER E 70 3.44 35.94 10.66
C SER E 70 3.71 34.67 11.46
N ASP E 71 4.93 34.18 11.36
CA ASP E 71 5.38 33.04 12.18
C ASP E 71 5.17 33.36 13.69
N THR E 72 5.71 34.49 14.14
CA THR E 72 5.70 34.79 15.58
C THR E 72 4.26 35.05 16.09
N ASP E 73 3.44 35.76 15.31
CA ASP E 73 2.03 35.98 15.68
C ASP E 73 1.23 34.67 15.74
N GLY E 74 1.53 33.80 14.80
CA GLY E 74 0.88 32.45 14.73
C GLY E 74 1.15 31.68 16.01
N LYS E 75 2.43 31.60 16.40
CA LYS E 75 2.81 30.93 17.61
C LYS E 75 2.17 31.53 18.84
N ALA E 76 2.13 32.86 18.90
CA ALA E 76 1.53 33.57 20.04
C ALA E 76 0.04 33.23 20.10
N ALA E 77 -0.59 33.09 18.94
CA ALA E 77 -2.03 32.73 18.89
C ALA E 77 -2.33 31.32 19.38
N ILE E 78 -1.46 30.38 19.03
CA ILE E 78 -1.52 29.05 19.60
C ILE E 78 -1.33 29.11 21.12
N ALA E 79 -0.22 29.70 21.57
CA ALA E 79 0.06 29.78 23.03
C ALA E 79 -1.09 30.39 23.84
N ALA E 80 -1.68 31.45 23.33
CA ALA E 80 -2.81 32.11 23.96
C ALA E 80 -4.05 31.22 24.02
N ALA E 81 -4.28 30.42 22.99
CA ALA E 81 -5.41 29.49 23.01
C ALA E 81 -5.20 28.39 24.07
N ILE E 82 -3.98 27.83 24.10
CA ILE E 82 -3.65 26.77 25.04
C ILE E 82 -3.76 27.31 26.47
N GLU E 83 -3.17 28.48 26.71
CA GLU E 83 -3.21 29.11 28.03
C GLU E 83 -4.66 29.37 28.48
N ALA E 84 -5.52 29.77 27.55
CA ALA E 84 -6.90 30.08 27.89
C ALA E 84 -7.76 28.84 28.08
N PHE E 85 -7.66 27.88 27.18
CA PHE E 85 -8.57 26.74 27.14
C PHE E 85 -7.92 25.35 27.13
N SER E 86 -6.61 25.27 27.24
CA SER E 86 -5.87 24.03 27.40
C SER E 86 -5.62 23.18 26.14
N ARG E 87 -6.36 23.44 25.06
CA ARG E 87 -6.30 22.62 23.86
C ARG E 87 -6.88 23.34 22.67
N ILE E 88 -6.63 22.77 21.48
CA ILE E 88 -7.26 23.21 20.27
C ILE E 88 -7.83 22.04 19.52
N ASP E 89 -9.12 22.12 19.18
CA ASP E 89 -9.82 21.04 18.52
C ASP E 89 -10.20 21.33 17.12
N VAL E 90 -10.49 22.59 16.81
CA VAL E 90 -10.92 22.98 15.45
C VAL E 90 -10.26 24.30 15.02
N LEU E 91 -9.68 24.31 13.82
CA LEU E 91 -9.21 25.52 13.18
C LEU E 91 -10.09 25.83 11.99
N VAL E 92 -10.51 27.10 11.89
CA VAL E 92 -11.28 27.57 10.73
C VAL E 92 -10.61 28.82 10.22
N ASN E 93 -10.10 28.70 9.00
CA ASN E 93 -9.41 29.76 8.32
C ASN E 93 -10.39 30.53 7.45
N CYS E 94 -10.77 31.72 7.89
CA CYS E 94 -11.69 32.59 7.15
C CYS E 94 -11.07 33.92 6.80
N ALA E 95 -9.83 34.16 7.21
CA ALA E 95 -9.21 35.40 6.90
C ALA E 95 -8.89 35.38 5.43
N GLY E 96 -9.16 36.51 4.77
CA GLY E 96 -8.99 36.58 3.32
C GLY E 96 -9.26 37.95 2.75
N VAL E 97 -8.65 38.26 1.60
CA VAL E 97 -8.94 39.49 0.87
C VAL E 97 -9.32 39.06 -0.56
N ALA E 98 -10.24 39.81 -1.18
CA ALA E 98 -10.77 39.49 -2.49
C ALA E 98 -10.66 40.65 -3.50
N PRO E 99 -9.45 41.09 -3.81
CA PRO E 99 -9.30 42.24 -4.70
C PRO E 99 -9.48 41.84 -6.16
N GLY E 100 -9.79 42.82 -6.99
CA GLY E 100 -9.91 42.68 -8.43
C GLY E 100 -8.84 43.58 -9.05
N GLU E 101 -8.03 43.03 -9.94
CA GLU E 101 -7.03 43.77 -10.61
C GLU E 101 -6.69 43.02 -11.90
N LYS E 102 -6.74 43.73 -13.02
CA LYS E 102 -6.47 43.14 -14.29
C LYS E 102 -5.01 42.87 -14.45
N VAL E 103 -4.73 41.83 -15.24
CA VAL E 103 -3.37 41.55 -15.70
C VAL E 103 -2.82 42.72 -16.50
N LEU E 104 -3.60 43.22 -17.46
CA LEU E 104 -3.29 44.46 -18.21
C LEU E 104 -4.34 45.56 -17.97
N GLY E 105 -4.00 46.52 -17.12
CA GLY E 105 -4.92 47.56 -16.67
C GLY E 105 -4.69 48.85 -17.39
N ARG E 106 -5.53 49.83 -17.12
CA ARG E 106 -5.44 51.13 -17.73
C ARG E 106 -4.05 51.76 -17.48
N GLU E 107 -3.53 51.61 -16.27
CA GLU E 107 -2.24 52.22 -15.87
C GLU E 107 -1.09 51.21 -15.84
N GLY E 108 -1.21 50.13 -16.59
CA GLY E 108 -0.09 49.20 -16.77
C GLY E 108 -0.37 47.80 -16.24
N ALA E 109 0.67 46.99 -16.15
CA ALA E 109 0.54 45.59 -15.75
C ALA E 109 0.10 45.51 -14.29
N HIS E 110 -0.59 44.41 -13.94
CA HIS E 110 -0.90 44.02 -12.54
C HIS E 110 0.36 44.25 -11.70
N LYS E 111 0.25 44.91 -10.55
CA LYS E 111 1.42 45.10 -9.68
C LYS E 111 1.81 43.78 -9.07
N LEU E 112 3.10 43.52 -9.01
CA LEU E 112 3.58 42.29 -8.42
C LEU E 112 3.30 42.27 -6.93
N GLU E 113 3.35 43.44 -6.33
CA GLU E 113 3.23 43.60 -4.88
C GLU E 113 1.85 43.21 -4.43
N THR E 114 0.86 43.58 -5.21
CA THR E 114 -0.53 43.29 -4.87
C THR E 114 -0.84 41.81 -5.03
N PHE E 115 -0.31 41.19 -6.09
CA PHE E 115 -0.43 39.74 -6.29
C PHE E 115 0.19 39.02 -5.09
N THR E 116 1.43 39.37 -4.77
CA THR E 116 2.16 38.80 -3.65
C THR E 116 1.39 38.92 -2.32
N ARG E 117 0.81 40.08 -2.07
CA ARG E 117 0.06 40.33 -0.85
C ARG E 117 -1.22 39.49 -0.75
N THR E 118 -1.94 39.35 -1.85
CA THR E 118 -3.13 38.51 -1.86
C THR E 118 -2.77 37.04 -1.55
N ILE E 119 -1.66 36.58 -2.11
CA ILE E 119 -1.13 35.25 -1.83
C ILE E 119 -0.76 35.12 -0.35
N SER E 120 -0.06 36.12 0.16
CA SER E 120 0.48 36.09 1.53
C SER E 120 -0.65 35.92 2.52
N ILE E 121 -1.70 36.73 2.41
CA ILE E 121 -2.80 36.68 3.36
C ILE E 121 -3.66 35.45 3.17
N ASN E 122 -4.06 35.17 1.94
CA ASN E 122 -5.01 34.07 1.71
C ASN E 122 -4.38 32.69 1.86
N LEU E 123 -3.21 32.50 1.28
CA LEU E 123 -2.62 31.17 1.12
C LEU E 123 -1.51 30.90 2.11
N ILE E 124 -0.51 31.77 2.16
CA ILE E 124 0.55 31.61 3.14
C ILE E 124 -0.02 31.69 4.55
N GLY E 125 -0.92 32.65 4.79
CA GLY E 125 -1.59 32.78 6.10
C GLY E 125 -2.34 31.55 6.50
N THR E 126 -3.05 30.94 5.54
CA THR E 126 -3.82 29.78 5.82
C THR E 126 -2.87 28.64 6.18
N PHE E 127 -1.81 28.51 5.40
CA PHE E 127 -0.89 27.44 5.66
C PHE E 127 -0.23 27.62 7.01
N ASN E 128 0.13 28.87 7.33
CA ASN E 128 0.80 29.14 8.59
C ASN E 128 -0.04 28.70 9.80
N MET E 129 -1.31 29.11 9.82
CA MET E 129 -2.18 28.76 10.96
C MET E 129 -2.48 27.27 10.95
N LEU E 130 -2.56 26.68 9.76
CA LEU E 130 -2.80 25.21 9.63
C LEU E 130 -1.64 24.37 10.22
N ARG E 131 -0.41 24.69 9.80
CA ARG E 131 0.78 23.97 10.33
C ARG E 131 0.85 24.02 11.86
N LEU E 132 0.52 25.18 12.45
CA LEU E 132 0.73 25.41 13.89
C LEU E 132 -0.41 24.81 14.67
N ALA E 133 -1.60 24.88 14.09
CA ALA E 133 -2.77 24.27 14.71
C ALA E 133 -2.63 22.77 14.74
N ALA E 134 -2.22 22.22 13.60
CA ALA E 134 -2.00 20.79 13.47
C ALA E 134 -1.01 20.28 14.51
N GLU E 135 0.08 21.01 14.68
CA GLU E 135 1.07 20.65 15.67
C GLU E 135 0.43 20.56 17.06
N ALA E 136 -0.40 21.55 17.41
CA ALA E 136 -1.05 21.58 18.75
C ALA E 136 -2.07 20.44 18.86
N MET E 137 -2.89 20.26 17.80
CA MET E 137 -3.89 19.19 17.78
C MET E 137 -3.31 17.79 17.96
N ALA E 138 -2.10 17.56 17.43
CA ALA E 138 -1.48 16.27 17.52
C ALA E 138 -1.17 15.89 18.97
N LYS E 139 -1.10 16.89 19.85
CA LYS E 139 -0.86 16.66 21.30
C LYS E 139 -2.11 16.25 22.05
N ASN E 140 -3.29 16.39 21.41
CA ASN E 140 -4.52 15.98 22.06
C ASN E 140 -4.57 14.48 22.18
N GLU E 141 -5.34 14.00 23.15
CA GLU E 141 -5.53 12.56 23.29
C GLU E 141 -6.53 12.17 22.20
N PRO E 142 -6.38 10.96 21.63
CA PRO E 142 -7.35 10.61 20.59
C PRO E 142 -8.74 10.54 21.19
N GLY E 143 -9.69 11.21 20.56
CA GLY E 143 -11.05 11.25 21.03
C GLY E 143 -11.92 10.25 20.31
N GLN E 144 -13.20 10.62 20.17
CA GLN E 144 -14.15 9.81 19.46
C GLN E 144 -13.63 9.37 18.08
N GLY E 145 -13.68 8.07 17.82
CA GLY E 145 -13.25 7.53 16.55
C GLY E 145 -11.78 7.76 16.25
N GLY E 146 -11.01 8.07 17.31
CA GLY E 146 -9.58 8.32 17.18
C GLY E 146 -9.26 9.73 16.70
N GLU E 147 -10.26 10.59 16.63
CA GLU E 147 -10.06 11.93 16.11
C GLU E 147 -9.40 12.88 17.12
N ARG E 148 -8.42 13.65 16.65
CA ARG E 148 -7.71 14.66 17.46
C ARG E 148 -8.02 16.09 17.04
N GLY E 149 -8.59 16.30 15.88
CA GLY E 149 -8.82 17.64 15.38
C GLY E 149 -9.41 17.74 14.03
N VAL E 150 -9.88 18.94 13.70
CA VAL E 150 -10.46 19.22 12.37
C VAL E 150 -9.95 20.56 11.94
N ILE E 151 -9.41 20.62 10.73
CA ILE E 151 -9.01 21.88 10.13
C ILE E 151 -9.92 22.19 8.92
N ILE E 152 -10.52 23.38 8.90
CA ILE E 152 -11.41 23.81 7.79
C ILE E 152 -10.88 25.12 7.15
N ASN E 153 -10.54 25.06 5.87
CA ASN E 153 -10.08 26.21 5.15
C ASN E 153 -11.15 26.76 4.25
N THR E 154 -10.97 28.01 3.87
CA THR E 154 -11.94 28.67 3.01
C THR E 154 -11.24 29.00 1.71
N ALA E 155 -11.76 28.43 0.63
CA ALA E 155 -11.34 28.80 -0.71
C ALA E 155 -12.41 29.75 -1.25
N SER E 156 -12.98 29.44 -2.44
CA SER E 156 -13.87 30.30 -3.11
C SER E 156 -14.21 29.63 -4.44
N VAL E 157 -15.40 29.91 -4.96
CA VAL E 157 -15.76 29.51 -6.32
C VAL E 157 -14.79 30.09 -7.39
N ALA E 158 -14.06 31.15 -7.02
CA ALA E 158 -12.99 31.72 -7.86
C ALA E 158 -11.90 30.67 -8.19
N ALA E 159 -11.78 29.66 -7.33
CA ALA E 159 -10.88 28.58 -7.58
C ALA E 159 -11.28 27.74 -8.82
N PHE E 160 -12.53 27.89 -9.25
CA PHE E 160 -13.08 27.14 -10.38
C PHE E 160 -13.55 27.99 -11.54
N ASP E 161 -14.14 29.15 -11.26
CA ASP E 161 -14.77 29.99 -12.29
C ASP E 161 -14.22 31.42 -12.24
N GLY E 162 -12.93 31.56 -12.00
CA GLY E 162 -12.31 32.89 -11.88
C GLY E 162 -12.80 33.86 -12.95
N GLN E 163 -13.18 35.05 -12.52
CA GLN E 163 -13.56 36.13 -13.41
C GLN E 163 -12.37 36.98 -13.86
N ILE E 164 -12.60 37.80 -14.88
CA ILE E 164 -11.64 38.80 -15.30
C ILE E 164 -11.26 39.68 -14.09
N GLY E 165 -9.96 39.78 -13.81
CA GLY E 165 -9.48 40.57 -12.68
C GLY E 165 -9.16 39.76 -11.43
N GLN E 166 -9.40 38.46 -11.47
CA GLN E 166 -9.20 37.63 -10.25
C GLN E 166 -7.97 36.71 -10.31
N ALA E 167 -6.94 37.05 -11.08
CA ALA E 167 -5.80 36.13 -11.18
C ALA E 167 -5.22 35.86 -9.80
N ALA E 168 -4.95 36.93 -9.05
CA ALA E 168 -4.42 36.78 -7.73
C ALA E 168 -5.35 35.98 -6.84
N TYR E 169 -6.62 36.38 -6.78
CA TYR E 169 -7.61 35.74 -5.88
C TYR E 169 -7.78 34.25 -6.24
N SER E 170 -7.90 33.96 -7.54
CA SER E 170 -8.06 32.59 -8.01
C SER E 170 -6.83 31.76 -7.72
N ALA E 171 -5.66 32.35 -7.91
CA ALA E 171 -4.39 31.67 -7.57
C ALA E 171 -4.31 31.33 -6.09
N SER E 172 -4.64 32.28 -5.23
CA SER E 172 -4.54 32.02 -3.77
C SER E 172 -5.59 31.00 -3.28
N LYS E 173 -6.84 31.11 -3.78
CA LYS E 173 -7.84 30.15 -3.41
C LYS E 173 -7.75 28.79 -4.10
N GLY E 174 -7.25 28.74 -5.33
CA GLY E 174 -6.94 27.45 -5.98
C GLY E 174 -5.84 26.70 -5.24
N GLY E 175 -4.91 27.48 -4.70
CA GLY E 175 -3.82 26.94 -3.90
C GLY E 175 -4.35 26.31 -2.62
N VAL E 176 -5.21 27.04 -1.89
CA VAL E 176 -5.85 26.52 -0.70
C VAL E 176 -6.55 25.20 -1.08
N ALA E 177 -7.40 25.21 -2.10
CA ALA E 177 -8.16 24.00 -2.47
C ALA E 177 -7.24 22.82 -2.71
N ALA E 178 -6.14 23.05 -3.45
CA ALA E 178 -5.29 21.94 -3.87
C ALA E 178 -4.51 21.31 -2.71
N MET E 179 -4.26 22.06 -1.64
CA MET E 179 -3.56 21.58 -0.47
C MET E 179 -4.37 20.60 0.39
N THR E 180 -5.69 20.64 0.23
CA THR E 180 -6.54 19.88 1.10
C THR E 180 -6.16 18.42 1.16
N LEU E 181 -5.99 17.79 -0.02
CA LEU E 181 -5.67 16.37 -0.08
C LEU E 181 -4.29 16.00 0.50
N PRO E 182 -3.19 16.65 0.10
CA PRO E 182 -1.92 16.21 0.61
C PRO E 182 -1.78 16.44 2.11
N VAL E 183 -2.43 17.48 2.61
CA VAL E 183 -2.48 17.73 4.03
C VAL E 183 -3.34 16.67 4.75
N ALA E 184 -4.54 16.40 4.23
CA ALA E 184 -5.42 15.38 4.82
C ALA E 184 -4.74 14.00 4.85
N ARG E 185 -4.07 13.64 3.77
CA ARG E 185 -3.33 12.39 3.67
C ARG E 185 -2.27 12.24 4.73
N GLU E 186 -1.52 13.30 5.01
CA GLU E 186 -0.51 13.19 6.08
C GLU E 186 -1.14 13.20 7.48
N LEU E 187 -2.07 14.12 7.70
CA LEU E 187 -2.58 14.36 9.08
C LEU E 187 -3.62 13.27 9.50
N ALA E 188 -4.05 12.44 8.54
CA ALA E 188 -4.80 11.22 8.82
C ALA E 188 -4.14 10.32 9.90
N ARG E 189 -2.80 10.21 9.85
CA ARG E 189 -2.06 9.36 10.75
C ARG E 189 -2.22 9.87 12.20
N HIS E 190 -2.54 11.14 12.38
CA HIS E 190 -2.83 11.69 13.71
C HIS E 190 -4.31 11.87 14.03
N GLY E 191 -5.19 11.41 13.17
CA GLY E 191 -6.62 11.64 13.35
C GLY E 191 -7.06 13.10 13.24
N ILE E 192 -6.36 13.86 12.43
CA ILE E 192 -6.77 15.23 12.12
C ILE E 192 -7.34 15.28 10.69
N ARG E 193 -8.60 15.66 10.58
CA ARG E 193 -9.26 15.83 9.26
C ARG E 193 -9.04 17.21 8.72
N VAL E 194 -9.02 17.29 7.40
CA VAL E 194 -8.80 18.52 6.70
C VAL E 194 -9.81 18.69 5.59
N MET E 195 -10.57 19.80 5.64
CA MET E 195 -11.63 20.09 4.70
C MET E 195 -11.55 21.53 4.23
N THR E 196 -12.14 21.76 3.06
CA THR E 196 -12.20 23.07 2.49
C THR E 196 -13.66 23.39 2.04
N ILE E 197 -14.08 24.62 2.31
CA ILE E 197 -15.33 25.15 1.79
C ILE E 197 -15.05 26.23 0.76
N ALA E 198 -15.76 26.16 -0.36
CA ALA E 198 -15.60 27.14 -1.47
C ALA E 198 -16.89 27.95 -1.58
N PRO E 199 -16.96 29.09 -0.88
CA PRO E 199 -18.19 29.89 -0.94
C PRO E 199 -18.38 30.63 -2.25
N GLY E 200 -19.66 30.81 -2.61
CA GLY E 200 -20.06 31.72 -3.68
C GLY E 200 -20.17 33.14 -3.16
N ILE E 201 -21.25 33.82 -3.51
CA ILE E 201 -21.38 35.22 -3.12
C ILE E 201 -22.09 35.34 -1.78
N PHE E 202 -21.41 35.91 -0.80
CA PHE E 202 -21.96 36.11 0.53
C PHE E 202 -22.00 37.57 0.94
N LYS E 203 -22.91 37.89 1.86
CA LYS E 203 -22.99 39.21 2.48
C LYS E 203 -21.78 39.46 3.40
N THR E 204 -20.64 39.80 2.81
CA THR E 204 -19.40 40.16 3.55
C THR E 204 -19.39 41.66 3.78
N PRO E 205 -18.47 42.17 4.63
CA PRO E 205 -18.20 43.62 4.70
C PRO E 205 -17.92 44.32 3.36
N MET E 206 -17.10 43.73 2.48
CA MET E 206 -16.88 44.35 1.16
C MET E 206 -18.21 44.47 0.43
N MET E 207 -18.94 43.36 0.39
CA MET E 207 -20.28 43.33 -0.18
C MET E 207 -21.21 44.40 0.36
N ALA E 208 -21.34 44.47 1.69
CA ALA E 208 -22.23 45.45 2.32
C ALA E 208 -21.78 46.89 2.04
N GLY E 209 -20.51 47.07 1.71
CA GLY E 209 -20.01 48.37 1.29
C GLY E 209 -20.57 48.86 -0.04
N MET E 210 -20.96 47.94 -0.93
CA MET E 210 -21.46 48.29 -2.27
C MET E 210 -22.85 48.92 -2.19
N PRO E 211 -23.22 49.72 -3.21
CA PRO E 211 -24.58 50.24 -3.24
C PRO E 211 -25.61 49.12 -3.46
N GLN E 212 -26.83 49.33 -2.95
CA GLN E 212 -27.85 48.28 -2.87
C GLN E 212 -28.22 47.68 -4.21
N GLU E 213 -28.29 48.51 -5.24
CA GLU E 213 -28.66 48.03 -6.56
C GLU E 213 -27.64 47.02 -7.08
N VAL E 214 -26.38 47.21 -6.70
CA VAL E 214 -25.29 46.32 -7.09
C VAL E 214 -25.34 45.02 -6.31
N GLN E 215 -25.66 45.14 -5.03
CA GLN E 215 -25.85 43.98 -4.18
C GLN E 215 -26.96 43.12 -4.75
N ASP E 216 -28.12 43.74 -4.96
CA ASP E 216 -29.30 43.05 -5.49
C ASP E 216 -29.02 42.40 -6.85
N ALA E 217 -28.20 43.03 -7.68
CA ALA E 217 -27.81 42.46 -8.99
C ALA E 217 -26.94 41.23 -8.86
N LEU E 218 -25.99 41.23 -7.92
CA LEU E 218 -25.16 40.05 -7.66
C LEU E 218 -26.04 38.88 -7.22
N GLY E 219 -26.97 39.16 -6.32
CA GLY E 219 -27.90 38.16 -5.83
C GLY E 219 -28.69 37.54 -6.96
N ALA E 220 -29.12 38.35 -7.92
CA ALA E 220 -29.93 37.84 -9.02
C ALA E 220 -29.12 37.02 -10.00
N SER E 221 -27.78 37.11 -9.96
CA SER E 221 -26.94 36.21 -10.77
C SER E 221 -26.89 34.77 -10.24
N VAL E 222 -27.35 34.54 -9.01
CA VAL E 222 -27.29 33.19 -8.41
C VAL E 222 -28.56 32.39 -8.73
N PRO E 223 -28.44 31.20 -9.36
CA PRO E 223 -29.66 30.47 -9.79
C PRO E 223 -30.70 30.26 -8.70
N PHE E 224 -30.33 29.57 -7.63
CA PHE E 224 -31.21 29.46 -6.48
C PHE E 224 -30.43 29.06 -5.24
N PRO E 225 -30.66 29.76 -4.13
CA PRO E 225 -31.58 30.87 -3.95
C PRO E 225 -31.01 32.12 -4.59
N PRO E 226 -31.82 32.92 -5.26
CA PRO E 226 -31.32 34.09 -5.95
C PRO E 226 -31.03 35.28 -5.03
N ARG E 227 -30.08 35.11 -4.12
CA ARG E 227 -29.76 36.12 -3.13
C ARG E 227 -28.33 35.91 -2.66
N LEU E 228 -27.84 36.89 -1.93
CA LEU E 228 -26.55 36.77 -1.24
C LEU E 228 -26.65 35.70 -0.19
N GLY E 229 -25.58 34.93 -0.03
CA GLY E 229 -25.54 33.94 1.04
C GLY E 229 -25.39 34.61 2.38
N GLU E 230 -25.95 33.99 3.42
CA GLU E 230 -25.83 34.53 4.77
C GLU E 230 -24.69 33.87 5.51
N PRO E 231 -23.89 34.66 6.26
CA PRO E 231 -22.71 34.10 6.89
C PRO E 231 -23.06 32.95 7.84
N ALA E 232 -24.23 33.01 8.45
CA ALA E 232 -24.67 31.87 9.26
C ALA E 232 -24.84 30.56 8.44
N GLU E 233 -25.14 30.64 7.15
CA GLU E 233 -25.25 29.41 6.31
C GLU E 233 -23.88 28.75 6.02
N TYR E 234 -22.86 29.58 5.86
CA TYR E 234 -21.47 29.12 5.87
C TYR E 234 -21.16 28.44 7.20
N ALA E 235 -21.57 29.07 8.31
CA ALA E 235 -21.30 28.54 9.63
C ALA E 235 -21.99 27.19 9.82
N ALA E 236 -23.21 27.08 9.33
CA ALA E 236 -23.96 25.84 9.47
C ALA E 236 -23.20 24.71 8.76
N LEU E 237 -22.61 25.00 7.59
CA LEU E 237 -21.78 23.97 6.89
C LEU E 237 -20.53 23.63 7.67
N VAL E 238 -19.91 24.62 8.30
CA VAL E 238 -18.77 24.35 9.21
C VAL E 238 -19.13 23.39 10.34
N ARG E 239 -20.27 23.63 10.94
CA ARG E 239 -20.77 22.80 12.00
C ARG E 239 -20.95 21.37 11.49
N HIS E 240 -21.58 21.24 10.32
CA HIS E 240 -21.82 19.88 9.80
C HIS E 240 -20.51 19.11 9.55
N ILE E 241 -19.51 19.81 9.04
CA ILE E 241 -18.18 19.21 8.85
C ILE E 241 -17.58 18.75 10.18
N VAL E 242 -17.72 19.53 11.21
CA VAL E 242 -17.19 19.10 12.49
C VAL E 242 -17.93 17.86 12.96
N GLU E 243 -19.24 17.83 12.72
CA GLU E 243 -20.09 16.73 13.21
C GLU E 243 -20.00 15.46 12.40
N ASN E 244 -19.71 15.58 11.11
CA ASN E 244 -19.72 14.41 10.24
C ASN E 244 -18.33 13.90 9.92
N GLN E 245 -17.99 12.79 10.53
CA GLN E 245 -16.62 12.31 10.55
C GLN E 245 -16.18 11.79 9.20
N MET E 246 -17.12 11.43 8.33
CA MET E 246 -16.74 10.91 7.04
C MET E 246 -16.35 12.02 6.06
N LEU E 247 -16.62 13.26 6.40
CA LEU E 247 -16.15 14.35 5.53
C LEU E 247 -14.60 14.61 5.78
N ASN E 248 -13.81 14.29 4.76
CA ASN E 248 -12.37 14.54 4.81
C ASN E 248 -11.75 14.62 3.41
N GLY E 249 -10.80 15.55 3.27
CA GLY E 249 -10.00 15.75 2.07
C GLY E 249 -10.72 16.28 0.86
N GLU E 250 -11.85 16.97 1.10
CA GLU E 250 -12.79 17.41 0.06
C GLU E 250 -13.04 18.91 0.09
N VAL E 251 -13.29 19.47 -1.09
CA VAL E 251 -13.67 20.87 -1.28
C VAL E 251 -15.19 20.91 -1.61
N ILE E 252 -15.96 21.66 -0.83
CA ILE E 252 -17.40 21.74 -0.98
C ILE E 252 -17.81 23.12 -1.44
N ARG E 253 -18.44 23.19 -2.62
CA ARG E 253 -18.96 24.44 -3.11
C ARG E 253 -20.27 24.77 -2.44
N LEU E 254 -20.30 25.94 -1.81
CA LEU E 254 -21.50 26.49 -1.19
C LEU E 254 -21.86 27.77 -1.95
N ASP E 255 -22.71 27.65 -2.96
CA ASP E 255 -22.84 28.71 -3.94
C ASP E 255 -24.14 28.84 -4.76
N GLY E 256 -25.21 28.18 -4.33
CA GLY E 256 -26.52 28.31 -4.98
C GLY E 256 -26.48 28.00 -6.48
N ALA E 257 -25.56 27.10 -6.86
CA ALA E 257 -25.38 26.72 -8.24
C ALA E 257 -24.77 27.79 -9.15
N LEU E 258 -24.17 28.82 -8.53
CA LEU E 258 -23.58 29.88 -9.25
C LEU E 258 -22.35 29.36 -10.08
N ARG E 259 -22.26 29.80 -11.32
CA ARG E 259 -21.10 29.60 -12.15
C ARG E 259 -20.80 30.99 -12.71
N MET E 260 -19.76 31.63 -12.14
CA MET E 260 -19.46 33.03 -12.44
C MET E 260 -19.05 33.27 -13.85
N ALA E 261 -19.76 34.20 -14.49
CA ALA E 261 -19.43 34.67 -15.84
C ALA E 261 -18.11 35.42 -15.79
N ALA E 262 -17.58 35.70 -16.96
CA ALA E 262 -16.32 36.41 -17.09
C ALA E 262 -16.33 37.83 -16.48
N LYS E 263 -17.44 38.54 -16.58
CA LYS E 263 -17.56 39.94 -16.03
C LYS E 263 -18.88 40.32 -15.38
N HIS F 5 -31.10 29.67 12.77
CA HIS F 5 -31.11 30.99 12.03
C HIS F 5 -32.28 31.09 11.06
N HIS F 6 -32.58 32.33 10.67
CA HIS F 6 -33.77 32.63 9.86
C HIS F 6 -33.87 31.84 8.52
N HIS F 7 -32.75 31.68 7.81
CA HIS F 7 -32.73 30.96 6.54
C HIS F 7 -32.52 29.43 6.67
N HIS F 8 -32.47 28.91 7.89
CA HIS F 8 -32.40 27.48 8.14
C HIS F 8 -33.71 26.84 7.65
N MET F 9 -33.61 25.76 6.87
CA MET F 9 -34.78 25.11 6.31
C MET F 9 -35.20 23.98 7.22
N GLN F 10 -36.47 23.97 7.63
CA GLN F 10 -36.95 23.01 8.62
C GLN F 10 -37.28 21.67 7.93
N ILE F 11 -36.91 20.58 8.59
CA ILE F 11 -37.12 19.24 8.08
C ILE F 11 -38.49 18.68 8.50
N GLU F 12 -39.02 19.17 9.63
CA GLU F 12 -40.29 18.69 10.18
C GLU F 12 -41.42 18.83 9.17
N ASN F 13 -42.23 17.77 9.05
CA ASN F 13 -43.40 17.74 8.18
C ASN F 13 -43.16 17.75 6.68
N ARG F 14 -41.92 17.81 6.25
CA ARG F 14 -41.62 17.71 4.83
C ARG F 14 -41.81 16.26 4.39
N VAL F 15 -42.27 16.07 3.18
CA VAL F 15 -42.49 14.72 2.66
C VAL F 15 -41.29 14.24 1.79
N PHE F 16 -40.67 13.16 2.23
CA PHE F 16 -39.56 12.55 1.51
C PHE F 16 -40.09 11.39 0.64
N LEU F 17 -39.58 11.32 -0.58
CA LEU F 17 -39.72 10.15 -1.43
C LEU F 17 -38.36 9.55 -1.60
N ILE F 18 -38.20 8.28 -1.27
CA ILE F 18 -36.84 7.71 -1.25
C ILE F 18 -36.74 6.39 -2.01
N THR F 19 -35.75 6.28 -2.92
CA THR F 19 -35.56 5.02 -3.65
C THR F 19 -34.53 4.13 -2.97
N GLY F 20 -34.58 2.83 -3.27
CA GLY F 20 -33.65 1.84 -2.61
C GLY F 20 -33.80 1.87 -1.11
N ALA F 21 -35.02 2.15 -0.66
CA ALA F 21 -35.28 2.47 0.73
C ALA F 21 -35.41 1.25 1.66
N GLY F 22 -35.34 0.05 1.11
CA GLY F 22 -35.46 -1.17 1.88
C GLY F 22 -34.16 -1.58 2.49
N SER F 23 -33.04 -0.98 2.06
CA SER F 23 -31.80 -1.33 2.68
C SER F 23 -30.76 -0.21 2.59
N GLY F 24 -29.64 -0.42 3.29
CA GLY F 24 -28.45 0.43 3.16
C GLY F 24 -28.75 1.91 3.26
N LEU F 25 -28.25 2.65 2.29
CA LEU F 25 -28.33 4.10 2.35
C LEU F 25 -29.76 4.62 2.44
N GLY F 26 -30.64 4.11 1.58
CA GLY F 26 -32.02 4.56 1.53
C GLY F 26 -32.79 4.25 2.79
N ALA F 27 -32.51 3.09 3.39
CA ALA F 27 -33.11 2.73 4.66
C ALA F 27 -32.70 3.75 5.72
N ALA F 28 -31.42 4.08 5.76
CA ALA F 28 -30.93 5.03 6.77
C ALA F 28 -31.49 6.43 6.59
N VAL F 29 -31.63 6.85 5.35
CA VAL F 29 -32.26 8.17 5.07
C VAL F 29 -33.72 8.18 5.55
N SER F 30 -34.44 7.09 5.29
CA SER F 30 -35.81 6.96 5.72
C SER F 30 -35.93 7.06 7.25
N LYS F 31 -35.04 6.36 7.93
CA LYS F 31 -35.02 6.36 9.37
C LYS F 31 -34.76 7.74 9.89
N MET F 32 -33.75 8.40 9.33
CA MET F 32 -33.39 9.74 9.78
C MET F 32 -34.57 10.66 9.59
N ALA F 33 -35.20 10.58 8.43
CA ALA F 33 -36.29 11.50 8.10
C ALA F 33 -37.51 11.30 9.03
N VAL F 34 -37.97 10.06 9.19
CA VAL F 34 -39.06 9.79 10.13
C VAL F 34 -38.72 10.28 11.56
N GLU F 35 -37.51 10.02 12.04
CA GLU F 35 -37.11 10.43 13.40
C GLU F 35 -36.93 11.94 13.58
N ALA F 36 -36.74 12.67 12.48
CA ALA F 36 -36.66 14.13 12.54
C ALA F 36 -38.02 14.80 12.34
N GLY F 37 -39.07 14.00 12.21
CA GLY F 37 -40.43 14.51 12.17
C GLY F 37 -41.00 14.64 10.78
N ALA F 38 -40.39 13.96 9.80
CA ALA F 38 -40.86 14.06 8.43
C ALA F 38 -41.69 12.85 8.04
N LYS F 39 -42.40 12.95 6.92
CA LYS F 39 -43.05 11.80 6.33
C LYS F 39 -42.17 11.17 5.26
N VAL F 40 -42.26 9.84 5.13
CA VAL F 40 -41.52 9.12 4.09
C VAL F 40 -42.39 8.14 3.30
N VAL F 41 -42.21 8.19 1.99
CA VAL F 41 -42.69 7.16 1.09
C VAL F 41 -41.48 6.36 0.59
N LEU F 42 -41.42 5.09 0.99
CA LEU F 42 -40.33 4.21 0.65
C LEU F 42 -40.59 3.55 -0.69
N LEU F 43 -39.61 3.60 -1.58
CA LEU F 43 -39.69 2.90 -2.85
C LEU F 43 -38.55 1.90 -2.95
N ASP F 44 -38.90 0.69 -3.34
CA ASP F 44 -37.92 -0.37 -3.55
C ASP F 44 -38.56 -1.43 -4.47
N VAL F 45 -37.73 -2.14 -5.24
CA VAL F 45 -38.19 -3.25 -6.05
C VAL F 45 -38.49 -4.49 -5.17
N ASN F 46 -37.84 -4.56 -4.00
CA ASN F 46 -38.07 -5.66 -3.08
C ASN F 46 -39.17 -5.36 -2.06
N ALA F 47 -40.33 -5.99 -2.26
CA ALA F 47 -41.50 -5.79 -1.38
C ALA F 47 -41.26 -6.18 0.06
N GLU F 48 -40.59 -7.31 0.29
CA GLU F 48 -40.43 -7.83 1.65
C GLU F 48 -39.71 -6.81 2.53
N ALA F 49 -38.56 -6.37 2.04
CA ALA F 49 -37.71 -5.40 2.75
C ALA F 49 -38.42 -4.05 2.96
N GLY F 50 -39.14 -3.61 1.92
CA GLY F 50 -39.81 -2.31 1.94
C GLY F 50 -40.96 -2.27 2.91
N GLU F 51 -41.77 -3.32 2.90
CA GLU F 51 -42.89 -3.43 3.83
C GLU F 51 -42.40 -3.46 5.26
N ALA F 52 -41.36 -4.24 5.51
CA ALA F 52 -40.79 -4.39 6.85
C ALA F 52 -40.24 -3.06 7.37
N GLY F 53 -39.59 -2.29 6.50
CA GLY F 53 -39.10 -0.97 6.83
C GLY F 53 -40.22 0.00 7.21
N ALA F 54 -41.22 0.10 6.34
CA ALA F 54 -42.36 0.99 6.58
C ALA F 54 -43.13 0.61 7.84
N LYS F 55 -43.21 -0.70 8.09
CA LYS F 55 -43.88 -1.24 9.27
C LYS F 55 -43.14 -0.80 10.53
N ALA F 56 -41.84 -1.03 10.57
CA ALA F 56 -40.98 -0.61 11.69
C ALA F 56 -40.93 0.92 11.95
N LEU F 57 -41.06 1.74 10.91
CA LEU F 57 -41.03 3.20 11.07
C LEU F 57 -42.35 3.81 11.52
N GLY F 58 -43.47 3.15 11.22
CA GLY F 58 -44.76 3.52 11.78
C GLY F 58 -45.62 4.39 10.86
N ALA F 59 -46.50 5.17 11.48
CA ALA F 59 -47.58 5.90 10.78
C ALA F 59 -47.07 6.96 9.79
N SER F 60 -45.89 7.48 10.04
CA SER F 60 -45.30 8.47 9.15
C SER F 60 -44.66 7.87 7.90
N ALA F 61 -44.69 6.54 7.77
CA ALA F 61 -44.10 5.83 6.62
C ALA F 61 -45.12 5.08 5.82
N ARG F 62 -44.91 5.07 4.50
CA ARG F 62 -45.63 4.19 3.57
C ARG F 62 -44.64 3.53 2.64
N PHE F 63 -45.02 2.40 2.08
CA PHE F 63 -44.19 1.72 1.07
C PHE F 63 -44.93 1.55 -0.25
N GLN F 64 -44.21 1.71 -1.36
CA GLN F 64 -44.77 1.47 -2.69
C GLN F 64 -43.75 0.75 -3.56
N ARG F 65 -44.08 -0.45 -3.99
CA ARG F 65 -43.17 -1.23 -4.82
C ARG F 65 -42.90 -0.51 -6.11
N THR F 66 -41.64 -0.43 -6.51
CA THR F 66 -41.27 0.41 -7.67
C THR F 66 -40.00 -0.07 -8.40
N ASP F 67 -40.11 -0.24 -9.73
CA ASP F 67 -38.96 -0.30 -10.59
C ASP F 67 -38.69 1.12 -11.03
N VAL F 68 -37.65 1.72 -10.44
CA VAL F 68 -37.32 3.14 -10.74
C VAL F 68 -37.10 3.44 -12.22
N ALA F 69 -36.73 2.45 -13.01
CA ALA F 69 -36.49 2.67 -14.43
C ALA F 69 -37.81 2.61 -15.25
N SER F 70 -38.94 2.33 -14.62
CA SER F 70 -40.21 2.22 -15.35
C SER F 70 -41.04 3.50 -15.30
N ASP F 71 -41.48 3.94 -16.48
CA ASP F 71 -42.33 5.12 -16.59
C ASP F 71 -43.60 4.92 -15.75
N THR F 72 -44.28 3.80 -15.97
CA THR F 72 -45.55 3.56 -15.31
C THR F 72 -45.38 3.39 -13.79
N ASP F 73 -44.35 2.68 -13.35
CA ASP F 73 -44.08 2.53 -11.91
C ASP F 73 -43.71 3.86 -11.23
N GLY F 74 -42.96 4.68 -11.98
CA GLY F 74 -42.61 5.99 -11.51
C GLY F 74 -43.85 6.82 -11.22
N LYS F 75 -44.75 6.91 -12.19
CA LYS F 75 -45.98 7.65 -12.05
C LYS F 75 -46.85 7.13 -10.91
N ALA F 76 -46.89 5.82 -10.76
CA ALA F 76 -47.67 5.22 -9.69
C ALA F 76 -47.08 5.61 -8.33
N ALA F 77 -45.74 5.64 -8.25
CA ALA F 77 -45.08 6.04 -7.01
C ALA F 77 -45.37 7.50 -6.61
N ILE F 78 -45.37 8.40 -7.59
CA ILE F 78 -45.78 9.78 -7.36
C ILE F 78 -47.23 9.80 -6.85
N ALA F 79 -48.13 9.19 -7.61
CA ALA F 79 -49.56 9.20 -7.25
C ALA F 79 -49.81 8.68 -5.81
N ALA F 80 -49.11 7.61 -5.43
CA ALA F 80 -49.21 7.05 -4.10
C ALA F 80 -48.72 8.02 -3.01
N ALA F 81 -47.68 8.79 -3.31
CA ALA F 81 -47.13 9.75 -2.34
C ALA F 81 -48.06 10.95 -2.14
N ILE F 82 -48.60 11.45 -3.23
CA ILE F 82 -49.61 12.49 -3.18
C ILE F 82 -50.86 12.01 -2.43
N GLU F 83 -51.40 10.84 -2.79
CA GLU F 83 -52.58 10.29 -2.13
C GLU F 83 -52.37 10.15 -0.62
N ALA F 84 -51.18 9.71 -0.23
CA ALA F 84 -50.88 9.44 1.18
C ALA F 84 -50.61 10.71 1.96
N PHE F 85 -49.81 11.60 1.39
CA PHE F 85 -49.33 12.78 2.14
C PHE F 85 -49.56 14.14 1.46
N SER F 86 -50.25 14.17 0.32
CA SER F 86 -50.69 15.42 -0.33
C SER F 86 -49.63 16.19 -1.15
N ARG F 87 -48.35 15.88 -0.95
CA ARG F 87 -47.28 16.64 -1.58
C ARG F 87 -45.97 15.87 -1.55
N ILE F 88 -45.00 16.37 -2.32
CA ILE F 88 -43.63 15.85 -2.26
C ILE F 88 -42.66 16.99 -2.14
N ASP F 89 -41.81 16.92 -1.11
CA ASP F 89 -40.86 18.01 -0.84
C ASP F 89 -39.41 17.64 -1.11
N VAL F 90 -39.07 16.37 -0.88
CA VAL F 90 -37.72 15.90 -1.08
C VAL F 90 -37.70 14.54 -1.77
N LEU F 91 -36.84 14.42 -2.79
CA LEU F 91 -36.51 13.13 -3.42
C LEU F 91 -35.07 12.79 -3.14
N VAL F 92 -34.84 11.56 -2.70
CA VAL F 92 -33.50 11.05 -2.50
C VAL F 92 -33.33 9.75 -3.25
N ASN F 93 -32.48 9.79 -4.30
CA ASN F 93 -32.22 8.65 -5.17
C ASN F 93 -31.04 7.86 -4.63
N CYS F 94 -31.31 6.72 -4.01
CA CYS F 94 -30.28 5.84 -3.50
C CYS F 94 -30.27 4.51 -4.18
N ALA F 95 -31.22 4.23 -5.07
CA ALA F 95 -31.26 2.93 -5.71
C ALA F 95 -30.06 2.87 -6.65
N GLY F 96 -29.37 1.74 -6.62
CA GLY F 96 -28.17 1.58 -7.40
C GLY F 96 -27.56 0.22 -7.33
N VAL F 97 -26.83 -0.16 -8.37
CA VAL F 97 -26.06 -1.40 -8.35
C VAL F 97 -24.60 -1.10 -8.68
N ALA F 98 -23.68 -1.89 -8.09
CA ALA F 98 -22.25 -1.63 -8.21
C ALA F 98 -21.44 -2.84 -8.69
N PRO F 99 -21.73 -3.34 -9.89
CA PRO F 99 -21.02 -4.52 -10.35
C PRO F 99 -19.61 -4.20 -10.82
N GLY F 100 -18.79 -5.23 -10.87
CA GLY F 100 -17.44 -5.17 -11.44
C GLY F 100 -17.40 -6.11 -12.62
N GLU F 101 -16.92 -5.62 -13.77
CA GLU F 101 -16.75 -6.47 -14.94
C GLU F 101 -15.68 -5.79 -15.80
N LYS F 102 -14.68 -6.56 -16.16
CA LYS F 102 -13.63 -6.05 -17.00
C LYS F 102 -14.11 -5.83 -18.42
N VAL F 103 -13.47 -4.86 -19.07
CA VAL F 103 -13.65 -4.63 -20.48
C VAL F 103 -13.24 -5.89 -21.25
N LEU F 104 -12.07 -6.43 -20.93
CA LEU F 104 -11.56 -7.69 -21.51
C LEU F 104 -11.38 -8.72 -20.41
N GLY F 105 -12.34 -9.64 -20.30
CA GLY F 105 -12.37 -10.63 -19.21
C GLY F 105 -11.92 -12.00 -19.67
N ARG F 106 -11.88 -12.94 -18.73
CA ARG F 106 -11.52 -14.33 -19.04
C ARG F 106 -12.44 -14.93 -20.13
N GLU F 107 -13.75 -14.66 -20.02
CA GLU F 107 -14.78 -15.22 -20.91
C GLU F 107 -15.19 -14.23 -22.00
N GLY F 108 -14.34 -13.25 -22.33
CA GLY F 108 -14.56 -12.40 -23.49
C GLY F 108 -14.75 -10.94 -23.12
N ALA F 109 -15.23 -10.16 -24.08
CA ALA F 109 -15.51 -8.75 -23.86
C ALA F 109 -16.63 -8.57 -22.86
N HIS F 110 -16.57 -7.46 -22.11
CA HIS F 110 -17.68 -7.01 -21.26
C HIS F 110 -18.98 -7.19 -22.01
N LYS F 111 -19.99 -7.81 -21.40
CA LYS F 111 -21.29 -7.96 -22.08
C LYS F 111 -21.97 -6.61 -22.22
N LEU F 112 -22.58 -6.37 -23.37
CA LEU F 112 -23.30 -5.14 -23.59
C LEU F 112 -24.55 -5.04 -22.69
N GLU F 113 -25.17 -6.20 -22.43
CA GLU F 113 -26.39 -6.28 -21.64
C GLU F 113 -26.16 -5.83 -20.23
N THR F 114 -25.02 -6.22 -19.67
CA THR F 114 -24.71 -5.88 -18.29
C THR F 114 -24.42 -4.40 -18.15
N PHE F 115 -23.68 -3.85 -19.11
CA PHE F 115 -23.42 -2.41 -19.13
C PHE F 115 -24.74 -1.66 -19.17
N THR F 116 -25.58 -2.05 -20.15
CA THR F 116 -26.88 -1.42 -20.36
C THR F 116 -27.75 -1.44 -19.10
N ARG F 117 -27.76 -2.57 -18.41
CA ARG F 117 -28.51 -2.72 -17.17
C ARG F 117 -28.00 -1.83 -16.03
N THR F 118 -26.69 -1.74 -15.88
CA THR F 118 -26.13 -0.85 -14.85
C THR F 118 -26.52 0.61 -15.11
N ILE F 119 -26.49 0.99 -16.37
CA ILE F 119 -26.90 2.34 -16.80
C ILE F 119 -28.40 2.55 -16.49
N SER F 120 -29.21 1.54 -16.81
CA SER F 120 -30.64 1.64 -16.68
C SER F 120 -31.03 1.93 -15.24
N ILE F 121 -30.49 1.16 -14.31
CA ILE F 121 -30.86 1.26 -12.90
C ILE F 121 -30.28 2.51 -12.26
N ASN F 122 -28.97 2.70 -12.43
CA ASN F 122 -28.28 3.83 -11.78
C ASN F 122 -28.60 5.22 -12.37
N LEU F 123 -28.62 5.33 -13.69
CA LEU F 123 -28.73 6.63 -14.34
C LEU F 123 -30.14 6.89 -14.88
N ILE F 124 -30.68 5.99 -15.70
CA ILE F 124 -32.02 6.21 -16.26
C ILE F 124 -33.03 6.23 -15.13
N GLY F 125 -32.87 5.30 -14.18
CA GLY F 125 -33.73 5.25 -13.01
C GLY F 125 -33.73 6.53 -12.17
N THR F 126 -32.54 7.08 -11.97
CA THR F 126 -32.39 8.31 -11.23
C THR F 126 -33.05 9.46 -12.00
N PHE F 127 -32.80 9.54 -13.32
CA PHE F 127 -33.44 10.58 -14.12
C PHE F 127 -34.96 10.44 -14.10
N ASN F 128 -35.46 9.22 -14.19
CA ASN F 128 -36.90 9.00 -14.23
C ASN F 128 -37.60 9.51 -12.96
N MET F 129 -37.09 9.15 -11.81
CA MET F 129 -37.69 9.60 -10.56
C MET F 129 -37.54 11.11 -10.40
N LEU F 130 -36.40 11.64 -10.87
CA LEU F 130 -36.14 13.05 -10.80
C LEU F 130 -37.13 13.88 -11.61
N ARG F 131 -37.32 13.52 -12.88
CA ARG F 131 -38.26 14.22 -13.75
C ARG F 131 -39.68 14.25 -13.16
N LEU F 132 -40.10 13.15 -12.56
CA LEU F 132 -41.49 13.02 -12.06
C LEU F 132 -41.68 13.71 -10.72
N ALA F 133 -40.67 13.61 -9.84
CA ALA F 133 -40.68 14.29 -8.58
C ALA F 133 -40.66 15.78 -8.78
N ALA F 134 -39.82 16.25 -9.67
CA ALA F 134 -39.76 17.67 -10.02
C ALA F 134 -41.10 18.19 -10.49
N GLU F 135 -41.77 17.43 -11.34
CA GLU F 135 -43.11 17.82 -11.85
C GLU F 135 -44.11 17.99 -10.72
N ALA F 136 -44.09 17.05 -9.78
CA ALA F 136 -44.96 17.16 -8.58
C ALA F 136 -44.57 18.35 -7.67
N MET F 137 -43.27 18.52 -7.41
CA MET F 137 -42.75 19.59 -6.57
C MET F 137 -43.11 20.95 -7.11
N ALA F 138 -43.15 21.08 -8.43
CA ALA F 138 -43.47 22.37 -9.03
C ALA F 138 -44.89 22.87 -8.71
N LYS F 139 -45.76 21.94 -8.35
CA LYS F 139 -47.12 22.27 -7.97
C LYS F 139 -47.23 22.80 -6.53
N ASN F 140 -46.21 22.59 -5.71
CA ASN F 140 -46.21 23.10 -4.32
C ASN F 140 -46.23 24.61 -4.32
N GLU F 141 -46.72 25.20 -3.24
CA GLU F 141 -46.62 26.65 -3.11
C GLU F 141 -45.18 27.00 -2.75
N PRO F 142 -44.65 28.14 -3.21
CA PRO F 142 -43.31 28.50 -2.80
C PRO F 142 -43.21 28.73 -1.30
N GLY F 143 -42.26 28.04 -0.69
CA GLY F 143 -42.08 28.08 0.76
C GLY F 143 -40.98 29.06 1.11
N GLN F 144 -40.31 28.77 2.21
CA GLN F 144 -39.23 29.61 2.73
C GLN F 144 -38.19 29.90 1.65
N GLY F 145 -37.89 31.18 1.46
CA GLY F 145 -36.94 31.60 0.44
C GLY F 145 -37.38 31.30 -0.98
N GLY F 146 -38.67 31.06 -1.18
CA GLY F 146 -39.22 30.66 -2.48
C GLY F 146 -39.04 29.19 -2.84
N GLU F 147 -38.58 28.37 -1.90
CA GLU F 147 -38.23 26.98 -2.20
C GLU F 147 -39.45 26.06 -2.27
N ARG F 148 -39.49 25.23 -3.30
CA ARG F 148 -40.57 24.24 -3.50
C ARG F 148 -40.13 22.79 -3.33
N GLY F 149 -38.83 22.53 -3.35
CA GLY F 149 -38.35 21.17 -3.27
C GLY F 149 -36.84 21.03 -3.30
N VAL F 150 -36.37 19.84 -2.94
CA VAL F 150 -34.97 19.47 -3.01
C VAL F 150 -34.83 18.07 -3.57
N ILE F 151 -34.01 17.91 -4.59
CA ILE F 151 -33.69 16.60 -5.16
C ILE F 151 -32.24 16.27 -4.86
N ILE F 152 -32.02 15.09 -4.26
CA ILE F 152 -30.67 14.62 -3.94
C ILE F 152 -30.35 13.30 -4.63
N ASN F 153 -29.31 13.26 -5.45
CA ASN F 153 -28.93 12.03 -6.15
C ASN F 153 -27.68 11.46 -5.55
N THR F 154 -27.46 10.17 -5.82
CA THR F 154 -26.31 9.47 -5.32
C THR F 154 -25.43 9.05 -6.49
N ALA F 155 -24.22 9.58 -6.51
CA ALA F 155 -23.19 9.14 -7.46
C ALA F 155 -22.26 8.17 -6.75
N SER F 156 -20.93 8.41 -6.79
CA SER F 156 -19.96 7.55 -6.18
C SER F 156 -18.61 8.15 -6.47
N VAL F 157 -17.64 7.86 -5.61
CA VAL F 157 -16.27 8.24 -5.88
C VAL F 157 -15.75 7.57 -7.17
N ALA F 158 -16.41 6.50 -7.61
CA ALA F 158 -16.17 5.89 -8.93
C ALA F 158 -16.36 6.84 -10.11
N ALA F 159 -17.14 7.90 -9.91
CA ALA F 159 -17.25 8.98 -10.90
C ALA F 159 -15.95 9.74 -11.08
N PHE F 160 -15.04 9.63 -10.13
CA PHE F 160 -13.74 10.33 -10.19
C PHE F 160 -12.52 9.40 -10.25
N ASP F 161 -12.59 8.26 -9.56
CA ASP F 161 -11.43 7.38 -9.33
C ASP F 161 -11.73 5.95 -9.72
N GLY F 162 -12.48 5.79 -10.78
CA GLY F 162 -12.91 4.47 -11.25
C GLY F 162 -11.79 3.45 -11.31
N GLN F 163 -12.04 2.30 -10.69
CA GLN F 163 -11.09 1.21 -10.66
C GLN F 163 -11.23 0.32 -11.88
N ILE F 164 -10.26 -0.55 -12.06
CA ILE F 164 -10.33 -1.60 -13.04
C ILE F 164 -11.63 -2.40 -12.79
N GLY F 165 -12.44 -2.53 -13.83
CA GLY F 165 -13.70 -3.30 -13.74
C GLY F 165 -14.93 -2.43 -13.56
N GLN F 166 -14.73 -1.12 -13.41
CA GLN F 166 -15.86 -0.23 -13.10
C GLN F 166 -16.30 0.67 -14.23
N ALA F 167 -16.08 0.24 -15.47
CA ALA F 167 -16.49 1.09 -16.60
C ALA F 167 -17.96 1.41 -16.51
N ALA F 168 -18.78 0.38 -16.30
CA ALA F 168 -20.23 0.56 -16.28
C ALA F 168 -20.63 1.45 -15.11
N TYR F 169 -20.13 1.10 -13.92
CA TYR F 169 -20.45 1.81 -12.69
C TYR F 169 -20.00 3.27 -12.77
N SER F 170 -18.76 3.48 -13.23
CA SER F 170 -18.24 4.86 -13.38
C SER F 170 -19.03 5.64 -14.38
N ALA F 171 -19.35 5.01 -15.52
CA ALA F 171 -20.17 5.69 -16.55
C ALA F 171 -21.51 6.13 -15.99
N SER F 172 -22.17 5.25 -15.26
CA SER F 172 -23.49 5.59 -14.73
C SER F 172 -23.43 6.69 -13.68
N LYS F 173 -22.48 6.57 -12.74
CA LYS F 173 -22.35 7.53 -11.70
C LYS F 173 -21.75 8.86 -12.19
N GLY F 174 -20.92 8.83 -13.22
CA GLY F 174 -20.37 10.05 -13.79
C GLY F 174 -21.48 10.81 -14.47
N GLY F 175 -22.40 10.05 -15.07
CA GLY F 175 -23.57 10.61 -15.70
C GLY F 175 -24.47 11.32 -14.69
N VAL F 176 -24.78 10.64 -13.60
CA VAL F 176 -25.52 11.26 -12.52
C VAL F 176 -24.84 12.56 -12.05
N ALA F 177 -23.54 12.51 -11.72
CA ALA F 177 -22.81 13.71 -11.30
C ALA F 177 -22.94 14.87 -12.30
N ALA F 178 -22.77 14.58 -13.57
CA ALA F 178 -22.76 15.62 -14.58
C ALA F 178 -24.14 16.25 -14.89
N MET F 179 -25.22 15.54 -14.63
CA MET F 179 -26.58 16.11 -14.73
C MET F 179 -26.94 17.14 -13.69
N THR F 180 -26.22 17.13 -12.57
CA THR F 180 -26.61 17.96 -11.43
C THR F 180 -26.79 19.43 -11.83
N LEU F 181 -25.78 19.99 -12.51
CA LEU F 181 -25.81 21.41 -12.92
C LEU F 181 -26.93 21.78 -13.92
N PRO F 182 -27.03 21.08 -15.08
CA PRO F 182 -28.05 21.49 -16.01
C PRO F 182 -29.49 21.35 -15.47
N VAL F 183 -29.70 20.35 -14.62
CA VAL F 183 -30.97 20.18 -13.97
C VAL F 183 -31.18 21.28 -12.94
N ALA F 184 -30.17 21.55 -12.10
CA ALA F 184 -30.28 22.65 -11.10
C ALA F 184 -30.56 23.99 -11.74
N ARG F 185 -29.90 24.26 -12.84
CA ARG F 185 -30.10 25.48 -13.60
C ARG F 185 -31.50 25.68 -14.08
N GLU F 186 -32.14 24.64 -14.59
CA GLU F 186 -33.50 24.77 -15.05
C GLU F 186 -34.47 24.86 -13.89
N LEU F 187 -34.29 23.98 -12.90
CA LEU F 187 -35.28 23.86 -11.81
C LEU F 187 -35.21 25.00 -10.81
N ALA F 188 -34.14 25.80 -10.89
CA ALA F 188 -33.99 27.04 -10.11
C ALA F 188 -35.20 27.94 -10.31
N ARG F 189 -35.75 27.97 -11.53
CA ARG F 189 -36.92 28.80 -11.80
C ARG F 189 -38.10 28.47 -10.89
N HIS F 190 -38.18 27.20 -10.53
CA HIS F 190 -39.26 26.73 -9.70
C HIS F 190 -38.87 26.61 -8.24
N GLY F 191 -37.66 27.04 -7.87
CA GLY F 191 -37.22 26.93 -6.50
C GLY F 191 -36.97 25.51 -6.06
N ILE F 192 -36.56 24.67 -7.00
CA ILE F 192 -36.20 23.30 -6.67
C ILE F 192 -34.68 23.18 -6.77
N ARG F 193 -34.05 22.83 -5.66
CA ARG F 193 -32.58 22.63 -5.63
C ARG F 193 -32.23 21.21 -5.97
N VAL F 194 -31.05 21.05 -6.55
CA VAL F 194 -30.61 19.73 -7.04
C VAL F 194 -29.13 19.53 -6.65
N MET F 195 -28.90 18.47 -5.87
CA MET F 195 -27.61 18.17 -5.28
C MET F 195 -27.29 16.69 -5.49
N THR F 196 -26.00 16.38 -5.43
CA THR F 196 -25.50 15.06 -5.57
C THR F 196 -24.45 14.75 -4.49
N ILE F 197 -24.55 13.54 -3.93
CA ILE F 197 -23.57 13.06 -2.97
C ILE F 197 -22.81 11.90 -3.62
N ALA F 198 -21.50 11.92 -3.44
CA ALA F 198 -20.63 10.89 -3.98
C ALA F 198 -20.02 10.13 -2.84
N PRO F 199 -20.65 9.01 -2.41
CA PRO F 199 -20.08 8.22 -1.33
C PRO F 199 -18.85 7.37 -1.68
N GLY F 200 -17.98 7.22 -0.68
CA GLY F 200 -16.85 6.29 -0.73
C GLY F 200 -17.29 4.90 -0.34
N ILE F 201 -16.53 4.24 0.49
CA ILE F 201 -16.85 2.89 0.90
C ILE F 201 -17.75 2.90 2.15
N PHE F 202 -18.97 2.40 1.97
CA PHE F 202 -19.93 2.30 3.03
C PHE F 202 -20.35 0.87 3.34
N LYS F 203 -20.78 0.66 4.57
CA LYS F 203 -21.35 -0.63 4.97
C LYS F 203 -22.72 -0.84 4.29
N THR F 204 -22.67 -1.26 3.03
CA THR F 204 -23.88 -1.63 2.26
C THR F 204 -24.14 -3.13 2.40
N PRO F 205 -25.33 -3.60 1.94
CA PRO F 205 -25.55 -5.05 1.81
C PRO F 205 -24.49 -5.70 0.96
N PRO F 211 -16.50 -11.50 3.19
CA PRO F 211 -15.96 -11.96 4.47
C PRO F 211 -15.32 -10.81 5.29
N GLN F 212 -15.32 -10.96 6.62
CA GLN F 212 -14.96 -9.88 7.55
C GLN F 212 -13.52 -9.34 7.36
N GLU F 213 -12.57 -10.24 7.09
CA GLU F 213 -11.16 -9.84 6.84
C GLU F 213 -11.06 -8.87 5.62
N VAL F 214 -11.93 -9.06 4.64
CA VAL F 214 -11.96 -8.21 3.46
C VAL F 214 -12.62 -6.86 3.78
N GLN F 215 -13.68 -6.88 4.59
CA GLN F 215 -14.36 -5.66 5.03
C GLN F 215 -13.38 -4.80 5.79
N ASP F 216 -12.76 -5.39 6.80
CA ASP F 216 -11.74 -4.70 7.60
C ASP F 216 -10.57 -4.17 6.77
N ALA F 217 -10.18 -4.90 5.72
CA ALA F 217 -9.12 -4.42 4.80
C ALA F 217 -9.54 -3.19 3.95
N LEU F 218 -10.77 -3.20 3.45
CA LEU F 218 -11.34 -2.03 2.73
C LEU F 218 -11.36 -0.78 3.65
N GLY F 219 -11.77 -0.98 4.90
CA GLY F 219 -11.75 0.08 5.88
C GLY F 219 -10.36 0.68 6.08
N ALA F 220 -9.35 -0.19 6.14
CA ALA F 220 -7.98 0.29 6.37
C ALA F 220 -7.39 1.03 5.16
N SER F 221 -7.99 0.89 3.98
CA SER F 221 -7.60 1.71 2.81
C SER F 221 -8.02 3.21 2.90
N VAL F 222 -8.94 3.53 3.81
CA VAL F 222 -9.48 4.88 3.93
C VAL F 222 -8.60 5.70 4.87
N PRO F 223 -8.05 6.82 4.41
CA PRO F 223 -7.13 7.58 5.26
C PRO F 223 -7.67 7.88 6.67
N PHE F 224 -8.77 8.62 6.77
CA PHE F 224 -9.37 8.89 8.06
C PHE F 224 -10.82 9.37 7.91
N PRO F 225 -11.76 8.75 8.62
CA PRO F 225 -11.57 7.65 9.57
C PRO F 225 -11.30 6.33 8.89
N PRO F 226 -10.40 5.50 9.44
CA PRO F 226 -10.01 4.28 8.70
C PRO F 226 -11.00 3.16 8.90
N ARG F 227 -12.21 3.35 8.39
CA ARG F 227 -13.28 2.37 8.56
C ARG F 227 -14.25 2.53 7.45
N LEU F 228 -15.16 1.56 7.36
CA LEU F 228 -16.37 1.68 6.50
C LEU F 228 -17.25 2.83 6.96
N GLY F 229 -17.80 3.58 6.02
CA GLY F 229 -18.74 4.62 6.38
C GLY F 229 -20.07 4.02 6.85
N GLU F 230 -20.75 4.72 7.74
CA GLU F 230 -22.03 4.25 8.25
C GLU F 230 -23.14 4.91 7.47
N PRO F 231 -24.14 4.12 7.06
CA PRO F 231 -25.26 4.69 6.35
C PRO F 231 -25.90 5.91 7.01
N ALA F 232 -25.96 5.94 8.34
CA ALA F 232 -26.47 7.11 9.04
C ALA F 232 -25.64 8.40 8.78
N GLU F 233 -24.37 8.26 8.46
CA GLU F 233 -23.54 9.41 8.13
C GLU F 233 -23.94 10.00 6.76
N TYR F 234 -24.25 9.12 5.82
CA TYR F 234 -24.76 9.54 4.54
C TYR F 234 -26.09 10.26 4.75
N ALA F 235 -26.94 9.69 5.60
CA ALA F 235 -28.22 10.33 5.98
C ALA F 235 -28.07 11.69 6.68
N ALA F 236 -27.07 11.82 7.54
CA ALA F 236 -26.77 13.12 8.16
C ALA F 236 -26.43 14.17 7.09
N LEU F 237 -25.69 13.79 6.07
CA LEU F 237 -25.35 14.75 5.00
C LEU F 237 -26.59 15.10 4.15
N VAL F 238 -27.43 14.11 3.85
CA VAL F 238 -28.76 14.38 3.24
C VAL F 238 -29.61 15.40 4.03
N ARG F 239 -29.65 15.23 5.36
CA ARG F 239 -30.30 16.20 6.23
C ARG F 239 -29.71 17.59 6.12
N HIS F 240 -28.38 17.71 6.17
CA HIS F 240 -27.76 19.01 6.07
C HIS F 240 -28.09 19.71 4.74
N ILE F 241 -28.09 18.96 3.65
CA ILE F 241 -28.46 19.49 2.33
C ILE F 241 -29.91 20.02 2.35
N VAL F 242 -30.82 19.29 2.99
CA VAL F 242 -32.20 19.77 3.04
C VAL F 242 -32.28 21.06 3.87
N GLU F 243 -31.50 21.13 4.93
CA GLU F 243 -31.53 22.30 5.82
C GLU F 243 -30.78 23.53 5.30
N ASN F 244 -29.75 23.33 4.46
CA ASN F 244 -28.88 24.44 4.03
C ASN F 244 -29.17 24.89 2.63
N GLN F 245 -29.81 26.05 2.53
CA GLN F 245 -30.39 26.50 1.29
C GLN F 245 -29.34 26.94 0.26
N MET F 246 -28.12 27.27 0.70
CA MET F 246 -27.07 27.64 -0.20
C MET F 246 -26.39 26.45 -0.90
N LEU F 247 -26.68 25.22 -0.50
CA LEU F 247 -26.18 24.06 -1.23
C LEU F 247 -27.04 23.75 -2.47
N ASN F 248 -26.46 23.98 -3.65
CA ASN F 248 -27.14 23.72 -4.87
C ASN F 248 -26.18 23.51 -6.06
N GLY F 249 -26.52 22.55 -6.90
CA GLY F 249 -25.81 22.28 -8.13
C GLY F 249 -24.43 21.70 -7.98
N GLU F 250 -24.19 21.03 -6.85
CA GLU F 250 -22.86 20.57 -6.45
C GLU F 250 -22.84 19.05 -6.19
N VAL F 251 -21.68 18.44 -6.42
CA VAL F 251 -21.38 17.06 -6.03
C VAL F 251 -20.44 17.05 -4.78
N ILE F 252 -20.84 16.36 -3.70
CA ILE F 252 -20.05 16.34 -2.46
C ILE F 252 -19.51 14.98 -2.24
N ARG F 253 -18.19 14.88 -2.21
CA ARG F 253 -17.55 13.61 -1.84
C ARG F 253 -17.62 13.34 -0.36
N LEU F 254 -18.22 12.21 -0.01
CA LEU F 254 -18.28 11.70 1.38
C LEU F 254 -17.51 10.37 1.50
N ASP F 255 -16.22 10.45 1.84
CA ASP F 255 -15.32 9.36 1.56
C ASP F 255 -14.07 9.22 2.41
N GLY F 256 -13.95 9.96 3.51
CA GLY F 256 -12.78 9.87 4.38
C GLY F 256 -11.44 10.12 3.70
N ALA F 257 -11.47 10.98 2.69
CA ALA F 257 -10.24 11.31 1.92
C ALA F 257 -9.72 10.15 1.06
N LEU F 258 -10.57 9.15 0.84
CA LEU F 258 -10.21 8.04 -0.03
C LEU F 258 -9.96 8.50 -1.48
N ARG F 259 -8.90 7.98 -2.07
CA ARG F 259 -8.74 8.04 -3.54
C ARG F 259 -8.44 6.61 -3.96
N MET F 260 -9.41 5.97 -4.61
CA MET F 260 -9.29 4.57 -4.96
C MET F 260 -8.15 4.31 -5.93
N ALA F 261 -7.28 3.35 -5.56
CA ALA F 261 -6.27 2.79 -6.47
C ALA F 261 -6.93 2.02 -7.62
N ALA F 262 -6.13 1.67 -8.61
CA ALA F 262 -6.58 0.91 -9.80
C ALA F 262 -7.08 -0.51 -9.48
N LYS F 263 -6.41 -1.19 -8.53
CA LYS F 263 -6.74 -2.57 -8.16
C LYS F 263 -6.36 -2.75 -6.71
N HIS G 8 8.19 9.51 -30.48
CA HIS G 8 7.08 10.07 -31.30
C HIS G 8 6.41 8.88 -31.98
N MET G 9 5.08 8.79 -31.92
CA MET G 9 4.36 7.65 -32.50
C MET G 9 3.91 7.98 -33.90
N GLN G 10 4.24 7.12 -34.85
CA GLN G 10 4.00 7.41 -36.26
C GLN G 10 2.57 7.13 -36.62
N ILE G 11 1.98 8.01 -37.43
CA ILE G 11 0.57 7.86 -37.86
C ILE G 11 0.47 7.07 -39.18
N GLU G 12 1.51 7.11 -40.01
CA GLU G 12 1.49 6.43 -41.34
C GLU G 12 1.23 4.92 -41.19
N ASN G 13 0.29 4.42 -42.00
CA ASN G 13 -0.08 2.99 -42.05
C ASN G 13 -0.86 2.43 -40.87
N ARG G 14 -1.14 3.25 -39.86
CA ARG G 14 -2.02 2.81 -38.75
C ARG G 14 -3.46 2.75 -39.27
N VAL G 15 -4.23 1.78 -38.78
CA VAL G 15 -5.60 1.58 -39.23
C VAL G 15 -6.56 2.26 -38.24
N PHE G 16 -7.31 3.24 -38.75
CA PHE G 16 -8.33 3.96 -37.95
C PHE G 16 -9.71 3.36 -38.18
N LEU G 17 -10.45 3.18 -37.09
CA LEU G 17 -11.86 2.86 -37.15
C LEU G 17 -12.57 4.07 -36.58
N ILE G 18 -13.51 4.64 -37.34
CA ILE G 18 -14.12 5.93 -36.94
C ILE G 18 -15.62 5.91 -37.04
N THR G 19 -16.30 6.28 -35.95
CA THR G 19 -17.77 6.36 -35.94
C THR G 19 -18.26 7.77 -36.28
N GLY G 20 -19.53 7.87 -36.76
CA GLY G 20 -20.08 9.15 -37.21
C GLY G 20 -19.24 9.78 -38.34
N ALA G 21 -18.68 8.92 -39.18
CA ALA G 21 -17.62 9.31 -40.10
C ALA G 21 -18.14 9.89 -41.41
N GLY G 22 -19.45 9.87 -41.62
CA GLY G 22 -20.05 10.47 -42.78
C GLY G 22 -20.21 11.99 -42.70
N SER G 23 -20.02 12.60 -41.52
CA SER G 23 -20.10 14.04 -41.45
C SER G 23 -19.32 14.63 -40.28
N GLY G 24 -19.24 15.94 -40.27
CA GLY G 24 -18.72 16.71 -39.15
C GLY G 24 -17.38 16.23 -38.61
N LEU G 25 -17.32 15.98 -37.32
CA LEU G 25 -16.06 15.63 -36.66
C LEU G 25 -15.45 14.36 -37.21
N GLY G 26 -16.25 13.30 -37.33
CA GLY G 26 -15.75 12.02 -37.83
C GLY G 26 -15.25 12.09 -39.27
N ALA G 27 -15.95 12.86 -40.10
CA ALA G 27 -15.52 13.05 -41.50
C ALA G 27 -14.14 13.70 -41.51
N ALA G 28 -13.93 14.71 -40.66
CA ALA G 28 -12.67 15.45 -40.66
C ALA G 28 -11.52 14.60 -40.11
N VAL G 29 -11.80 13.76 -39.13
CA VAL G 29 -10.80 12.80 -38.64
C VAL G 29 -10.41 11.83 -39.77
N SER G 30 -11.39 11.33 -40.51
CA SER G 30 -11.15 10.41 -41.61
C SER G 30 -10.27 11.03 -42.69
N LYS G 31 -10.59 12.26 -43.03
CA LYS G 31 -9.82 13.04 -43.98
C LYS G 31 -8.39 13.25 -43.50
N MET G 32 -8.24 13.69 -42.25
CA MET G 32 -6.91 13.90 -41.69
C MET G 32 -6.09 12.62 -41.75
N ALA G 33 -6.70 11.51 -41.35
CA ALA G 33 -6.01 10.23 -41.27
C ALA G 33 -5.55 9.75 -42.63
N VAL G 34 -6.45 9.77 -43.61
CA VAL G 34 -6.09 9.33 -44.97
C VAL G 34 -4.95 10.20 -45.51
N GLU G 35 -5.04 11.51 -45.30
CA GLU G 35 -4.02 12.43 -45.84
C GLU G 35 -2.68 12.35 -45.11
N ALA G 36 -2.66 11.79 -43.91
CA ALA G 36 -1.41 11.59 -43.18
C ALA G 36 -0.83 10.22 -43.44
N GLY G 37 -1.48 9.45 -44.32
CA GLY G 37 -0.95 8.18 -44.77
C GLY G 37 -1.50 6.98 -44.05
N ALA G 38 -2.67 7.13 -43.41
CA ALA G 38 -3.27 6.04 -42.65
C ALA G 38 -4.44 5.42 -43.41
N LYS G 39 -4.88 4.22 -42.96
CA LYS G 39 -6.06 3.55 -43.49
C LYS G 39 -7.24 3.91 -42.60
N VAL G 40 -8.41 4.09 -43.21
CA VAL G 40 -9.64 4.35 -42.42
C VAL G 40 -10.79 3.44 -42.83
N VAL G 41 -11.46 2.92 -41.81
CA VAL G 41 -12.75 2.32 -41.96
C VAL G 41 -13.80 3.26 -41.37
N LEU G 42 -14.66 3.78 -42.22
CA LEU G 42 -15.70 4.71 -41.84
C LEU G 42 -16.94 3.96 -41.39
N LEU G 43 -17.46 4.32 -40.22
CA LEU G 43 -18.70 3.76 -39.71
C LEU G 43 -19.74 4.87 -39.53
N ASP G 44 -20.93 4.63 -40.06
CA ASP G 44 -22.04 5.56 -39.94
C ASP G 44 -23.34 4.81 -40.19
N VAL G 45 -24.41 5.29 -39.60
CA VAL G 45 -25.74 4.71 -39.82
C VAL G 45 -26.28 5.16 -41.18
N ASN G 46 -25.80 6.29 -41.68
CA ASN G 46 -26.24 6.80 -42.98
C ASN G 46 -25.36 6.34 -44.13
N ALA G 47 -25.89 5.42 -44.94
CA ALA G 47 -25.14 4.81 -46.05
C ALA G 47 -24.73 5.80 -47.12
N GLU G 48 -25.62 6.73 -47.45
CA GLU G 48 -25.36 7.66 -48.52
C GLU G 48 -24.10 8.49 -48.24
N ALA G 49 -24.09 9.11 -47.07
CA ALA G 49 -22.98 9.96 -46.63
C ALA G 49 -21.66 9.19 -46.48
N GLY G 50 -21.76 7.98 -45.93
CA GLY G 50 -20.59 7.14 -45.68
C GLY G 50 -19.94 6.63 -46.96
N GLU G 51 -20.77 6.16 -47.89
CA GLU G 51 -20.29 5.66 -49.20
C GLU G 51 -19.61 6.80 -49.99
N ALA G 52 -20.22 7.98 -49.97
CA ALA G 52 -19.68 9.17 -50.63
C ALA G 52 -18.32 9.59 -50.04
N GLY G 53 -18.19 9.54 -48.72
CA GLY G 53 -16.92 9.88 -48.04
C GLY G 53 -15.80 8.93 -48.40
N ALA G 54 -16.08 7.63 -48.28
CA ALA G 54 -15.12 6.59 -48.59
C ALA G 54 -14.70 6.66 -50.07
N LYS G 55 -15.68 6.97 -50.95
CA LYS G 55 -15.42 7.14 -52.38
C LYS G 55 -14.45 8.28 -52.61
N ALA G 56 -14.75 9.45 -52.07
CA ALA G 56 -13.89 10.66 -52.19
C ALA G 56 -12.47 10.50 -51.60
N LEU G 57 -12.32 9.69 -50.55
CA LEU G 57 -11.01 9.51 -49.90
C LEU G 57 -10.15 8.51 -50.63
N GLY G 58 -10.77 7.56 -51.32
CA GLY G 58 -10.04 6.64 -52.20
C GLY G 58 -9.69 5.29 -51.60
N ALA G 59 -8.62 4.70 -52.09
CA ALA G 59 -8.28 3.27 -51.85
C ALA G 59 -7.93 2.98 -50.41
N SER G 60 -7.43 3.99 -49.70
CA SER G 60 -7.14 3.85 -48.28
C SER G 60 -8.39 3.92 -47.36
N ALA G 61 -9.57 4.10 -47.95
CA ALA G 61 -10.84 4.16 -47.17
C ALA G 61 -11.82 3.04 -47.53
N ARG G 62 -12.51 2.54 -46.53
CA ARG G 62 -13.65 1.65 -46.71
C ARG G 62 -14.81 2.18 -45.85
N PHE G 63 -16.03 1.81 -46.22
CA PHE G 63 -17.23 2.16 -45.44
C PHE G 63 -17.98 0.93 -44.99
N GLN G 64 -18.49 0.95 -43.76
CA GLN G 64 -19.34 -0.13 -43.26
C GLN G 64 -20.53 0.46 -42.48
N ARG G 65 -21.76 0.22 -42.95
CA ARG G 65 -22.98 0.72 -42.30
C ARG G 65 -23.08 0.13 -40.90
N THR G 66 -23.32 0.97 -39.91
CA THR G 66 -23.23 0.51 -38.52
C THR G 66 -24.12 1.32 -37.56
N ASP G 67 -24.93 0.60 -36.77
CA ASP G 67 -25.60 1.16 -35.61
C ASP G 67 -24.69 0.89 -34.42
N VAL G 68 -23.95 1.91 -33.99
CA VAL G 68 -22.93 1.73 -32.93
C VAL G 68 -23.47 1.12 -31.66
N ALA G 69 -24.77 1.24 -31.42
CA ALA G 69 -25.35 0.67 -30.19
C ALA G 69 -25.68 -0.82 -30.34
N SER G 70 -25.50 -1.39 -31.53
CA SER G 70 -25.85 -2.80 -31.76
C SER G 70 -24.66 -3.73 -31.59
N ASP G 71 -24.86 -4.78 -30.79
CA ASP G 71 -23.86 -5.82 -30.60
C ASP G 71 -23.46 -6.45 -31.95
N THR G 72 -24.45 -6.87 -32.72
CA THR G 72 -24.16 -7.55 -33.97
C THR G 72 -23.51 -6.59 -34.99
N ASP G 73 -23.98 -5.36 -35.10
CA ASP G 73 -23.40 -4.38 -36.04
C ASP G 73 -21.97 -4.05 -35.67
N GLY G 74 -21.74 -3.94 -34.35
CA GLY G 74 -20.41 -3.69 -33.84
C GLY G 74 -19.44 -4.77 -34.29
N LYS G 75 -19.81 -6.02 -34.06
CA LYS G 75 -18.96 -7.15 -34.45
C LYS G 75 -18.70 -7.21 -35.95
N ALA G 76 -19.74 -6.93 -36.72
CA ALA G 76 -19.60 -6.90 -38.17
C ALA G 76 -18.61 -5.82 -38.59
N ALA G 77 -18.65 -4.68 -37.89
CA ALA G 77 -17.76 -3.57 -38.21
C ALA G 77 -16.29 -3.92 -37.94
N ILE G 78 -16.06 -4.63 -36.84
CA ILE G 78 -14.73 -5.12 -36.53
C ILE G 78 -14.31 -6.08 -37.65
N ALA G 79 -15.13 -7.10 -37.91
CA ALA G 79 -14.79 -8.12 -38.92
C ALA G 79 -14.46 -7.51 -40.29
N ALA G 80 -15.23 -6.52 -40.71
CA ALA G 80 -14.99 -5.81 -41.94
C ALA G 80 -13.66 -5.07 -41.95
N ALA G 81 -13.28 -4.49 -40.81
CA ALA G 81 -12.00 -3.74 -40.71
C ALA G 81 -10.81 -4.67 -40.80
N ILE G 82 -10.91 -5.79 -40.09
CA ILE G 82 -9.88 -6.82 -40.13
C ILE G 82 -9.73 -7.39 -41.53
N GLU G 83 -10.84 -7.77 -42.12
CA GLU G 83 -10.81 -8.32 -43.46
C GLU G 83 -10.17 -7.36 -44.48
N ALA G 84 -10.49 -6.07 -44.35
CA ALA G 84 -10.02 -5.08 -45.30
C ALA G 84 -8.55 -4.76 -45.08
N PHE G 85 -8.16 -4.55 -43.82
CA PHE G 85 -6.82 -4.03 -43.53
C PHE G 85 -5.97 -4.85 -42.57
N SER G 86 -6.49 -6.00 -42.13
CA SER G 86 -5.72 -6.94 -41.27
C SER G 86 -5.64 -6.61 -39.74
N ARG G 87 -5.90 -5.36 -39.36
CA ARG G 87 -5.72 -4.95 -37.94
C ARG G 87 -6.46 -3.67 -37.66
N ILE G 88 -6.55 -3.33 -36.38
CA ILE G 88 -7.09 -2.06 -35.94
C ILE G 88 -6.14 -1.45 -34.93
N ASP G 89 -5.72 -0.21 -35.22
CA ASP G 89 -4.80 0.49 -34.35
C ASP G 89 -5.44 1.61 -33.55
N VAL G 90 -6.45 2.28 -34.12
CA VAL G 90 -7.04 3.46 -33.51
C VAL G 90 -8.56 3.44 -33.70
N LEU G 91 -9.29 3.65 -32.60
CA LEU G 91 -10.73 3.89 -32.63
C LEU G 91 -10.99 5.32 -32.22
N VAL G 92 -11.83 5.98 -33.00
CA VAL G 92 -12.28 7.32 -32.66
C VAL G 92 -13.79 7.35 -32.69
N ASN G 93 -14.38 7.53 -31.50
CA ASN G 93 -15.81 7.60 -31.33
C ASN G 93 -16.28 9.03 -31.47
N CYS G 94 -16.91 9.35 -32.60
CA CYS G 94 -17.50 10.67 -32.83
C CYS G 94 -19.00 10.63 -32.97
N ALA G 95 -19.61 9.45 -33.02
CA ALA G 95 -21.05 9.36 -33.26
C ALA G 95 -21.75 9.87 -32.00
N GLY G 96 -22.75 10.72 -32.21
CA GLY G 96 -23.41 11.39 -31.10
C GLY G 96 -24.63 12.20 -31.53
N VAL G 97 -25.55 12.40 -30.59
CA VAL G 97 -26.69 13.26 -30.78
C VAL G 97 -26.69 14.27 -29.66
N ALA G 98 -27.10 15.50 -29.97
CA ALA G 98 -27.09 16.60 -29.01
C ALA G 98 -28.45 17.31 -28.87
N PRO G 99 -29.48 16.59 -28.44
CA PRO G 99 -30.78 17.22 -28.31
C PRO G 99 -30.90 18.10 -27.07
N GLY G 100 -31.88 18.98 -27.09
CA GLY G 100 -32.25 19.82 -25.96
C GLY G 100 -33.69 19.48 -25.59
N GLU G 101 -33.93 19.21 -24.31
CA GLU G 101 -35.28 18.93 -23.81
C GLU G 101 -35.27 19.23 -22.34
N LYS G 102 -36.21 20.04 -21.92
CA LYS G 102 -36.31 20.41 -20.51
C LYS G 102 -36.80 19.23 -19.68
N VAL G 103 -36.42 19.28 -18.41
CA VAL G 103 -36.92 18.36 -17.44
C VAL G 103 -38.43 18.55 -17.30
N LEU G 104 -38.87 19.80 -17.21
CA LEU G 104 -40.30 20.19 -17.14
C LEU G 104 -40.65 21.06 -18.33
N GLY G 105 -41.22 20.44 -19.35
CA GLY G 105 -41.46 21.06 -20.64
C GLY G 105 -42.94 21.35 -20.91
N ARG G 106 -43.23 21.82 -22.10
CA ARG G 106 -44.63 22.12 -22.51
C ARG G 106 -45.57 20.94 -22.31
N GLU G 107 -45.08 19.79 -22.75
CA GLU G 107 -45.87 18.58 -22.82
C GLU G 107 -45.62 17.70 -21.60
N GLY G 108 -45.11 18.27 -20.53
CA GLY G 108 -44.99 17.51 -19.30
C GLY G 108 -43.53 17.26 -19.05
N ALA G 109 -43.28 16.23 -18.26
CA ALA G 109 -41.93 15.84 -17.94
C ALA G 109 -41.17 15.37 -19.18
N HIS G 110 -39.85 15.57 -19.17
CA HIS G 110 -38.92 15.05 -20.18
C HIS G 110 -39.33 13.62 -20.45
N LYS G 111 -39.47 13.25 -21.72
CA LYS G 111 -39.85 11.84 -22.05
C LYS G 111 -38.72 10.93 -21.69
N LEU G 112 -39.06 9.78 -21.13
CA LEU G 112 -38.08 8.81 -20.75
C LEU G 112 -37.41 8.19 -21.98
N GLU G 113 -38.17 8.05 -23.07
CA GLU G 113 -37.70 7.43 -24.31
C GLU G 113 -36.58 8.25 -24.93
N THR G 114 -36.73 9.56 -24.91
CA THR G 114 -35.75 10.43 -25.51
C THR G 114 -34.47 10.45 -24.68
N PHE G 115 -34.59 10.45 -23.36
CA PHE G 115 -33.40 10.38 -22.49
C PHE G 115 -32.65 9.09 -22.80
N THR G 116 -33.41 7.98 -22.80
CA THR G 116 -32.85 6.67 -23.01
C THR G 116 -32.12 6.57 -24.36
N ARG G 117 -32.72 7.14 -25.39
CA ARG G 117 -32.14 7.14 -26.70
C ARG G 117 -30.82 7.94 -26.77
N THR G 118 -30.79 9.09 -26.13
CA THR G 118 -29.56 9.88 -26.10
C THR G 118 -28.44 9.07 -25.43
N ILE G 119 -28.78 8.37 -24.37
CA ILE G 119 -27.82 7.57 -23.61
C ILE G 119 -27.33 6.43 -24.48
N SER G 120 -28.28 5.81 -25.18
CA SER G 120 -27.99 4.66 -26.01
C SER G 120 -26.94 5.00 -27.07
N ILE G 121 -27.16 6.07 -27.81
CA ILE G 121 -26.29 6.42 -28.91
C ILE G 121 -24.96 6.96 -28.41
N ASN G 122 -25.00 7.93 -27.51
CA ASN G 122 -23.78 8.62 -27.04
C ASN G 122 -22.87 7.77 -26.14
N LEU G 123 -23.48 7.07 -25.18
CA LEU G 123 -22.73 6.37 -24.13
C LEU G 123 -22.66 4.87 -24.35
N ILE G 124 -23.80 4.21 -24.53
CA ILE G 124 -23.77 2.77 -24.80
C ILE G 124 -23.05 2.47 -26.10
N GLY G 125 -23.34 3.26 -27.13
CA GLY G 125 -22.69 3.13 -28.44
C GLY G 125 -21.20 3.27 -28.36
N THR G 126 -20.76 4.24 -27.56
CA THR G 126 -19.33 4.47 -27.40
C THR G 126 -18.72 3.28 -26.69
N PHE G 127 -19.37 2.82 -25.62
CA PHE G 127 -18.84 1.68 -24.90
C PHE G 127 -18.78 0.44 -25.79
N ASN G 128 -19.83 0.22 -26.59
CA ASN G 128 -19.91 -0.96 -27.45
C ASN G 128 -18.74 -1.03 -28.46
N MET G 129 -18.49 0.07 -29.15
CA MET G 129 -17.38 0.09 -30.07
C MET G 129 -16.04 -0.04 -29.33
N LEU G 130 -15.95 0.55 -28.15
CA LEU G 130 -14.73 0.53 -27.38
C LEU G 130 -14.35 -0.90 -26.98
N ARG G 131 -15.31 -1.62 -26.41
CA ARG G 131 -15.06 -2.96 -25.94
C ARG G 131 -14.59 -3.87 -27.07
N LEU G 132 -15.18 -3.70 -28.25
CA LEU G 132 -14.91 -4.56 -29.40
C LEU G 132 -13.60 -4.18 -30.10
N ALA G 133 -13.34 -2.90 -30.20
CA ALA G 133 -12.08 -2.42 -30.75
C ALA G 133 -10.92 -2.85 -29.86
N ALA G 134 -11.09 -2.67 -28.54
CA ALA G 134 -10.07 -3.08 -27.56
C ALA G 134 -9.72 -4.57 -27.72
N GLU G 135 -10.75 -5.40 -27.86
CA GLU G 135 -10.57 -6.85 -28.05
C GLU G 135 -9.72 -7.11 -29.27
N ALA G 136 -10.02 -6.43 -30.38
CA ALA G 136 -9.23 -6.59 -31.61
C ALA G 136 -7.78 -6.08 -31.43
N MET G 137 -7.64 -4.89 -30.85
CA MET G 137 -6.31 -4.27 -30.60
C MET G 137 -5.40 -5.10 -29.72
N ALA G 138 -5.98 -5.82 -28.78
CA ALA G 138 -5.19 -6.68 -27.92
C ALA G 138 -4.47 -7.84 -28.67
N LYS G 139 -5.00 -8.23 -29.84
CA LYS G 139 -4.38 -9.26 -30.67
C LYS G 139 -3.17 -8.72 -31.47
N ASN G 140 -3.00 -7.40 -31.58
CA ASN G 140 -1.86 -6.83 -32.26
C ASN G 140 -0.60 -7.17 -31.51
N GLU G 141 0.50 -7.18 -32.23
CA GLU G 141 1.79 -7.39 -31.60
C GLU G 141 2.15 -6.05 -30.93
N PRO G 142 2.87 -6.11 -29.80
CA PRO G 142 3.21 -4.84 -29.17
C PRO G 142 4.14 -4.06 -30.06
N GLY G 143 3.79 -2.80 -30.29
CA GLY G 143 4.58 -1.94 -31.16
C GLY G 143 5.52 -1.07 -30.36
N GLN G 144 5.81 0.11 -30.91
CA GLN G 144 6.67 1.09 -30.26
C GLN G 144 6.24 1.38 -28.81
N GLY G 145 7.19 1.31 -27.88
CA GLY G 145 6.92 1.48 -26.48
C GLY G 145 5.93 0.48 -25.88
N GLY G 146 5.75 -0.66 -26.57
CA GLY G 146 4.82 -1.69 -26.15
C GLY G 146 3.36 -1.39 -26.47
N GLU G 147 3.13 -0.35 -27.27
CA GLU G 147 1.75 0.09 -27.58
C GLU G 147 1.05 -0.76 -28.62
N ARG G 148 -0.19 -1.14 -28.32
CA ARG G 148 -1.02 -1.94 -29.22
C ARG G 148 -2.22 -1.18 -29.82
N GLY G 149 -2.57 -0.03 -29.25
CA GLY G 149 -3.70 0.72 -29.74
C GLY G 149 -3.97 1.99 -28.98
N VAL G 150 -4.83 2.83 -29.57
CA VAL G 150 -5.31 4.05 -28.94
C VAL G 150 -6.81 4.18 -29.20
N ILE G 151 -7.57 4.44 -28.12
CA ILE G 151 -8.98 4.67 -28.21
C ILE G 151 -9.26 6.08 -27.81
N ILE G 152 -9.96 6.83 -28.67
CA ILE G 152 -10.30 8.24 -28.39
C ILE G 152 -11.82 8.43 -28.43
N ASN G 153 -12.39 8.86 -27.30
CA ASN G 153 -13.82 9.12 -27.24
C ASN G 153 -14.10 10.61 -27.30
N THR G 154 -15.35 10.95 -27.64
CA THR G 154 -15.78 12.33 -27.69
C THR G 154 -16.85 12.58 -26.64
N ALA G 155 -16.54 13.46 -25.71
CA ALA G 155 -17.51 13.90 -24.72
C ALA G 155 -18.04 15.24 -25.18
N SER G 156 -17.99 16.25 -24.33
CA SER G 156 -18.51 17.59 -24.64
C SER G 156 -18.36 18.48 -23.42
N VAL G 157 -18.24 19.77 -23.64
CA VAL G 157 -18.15 20.71 -22.52
C VAL G 157 -19.44 20.65 -21.69
N ALA G 158 -20.50 20.08 -22.28
CA ALA G 158 -21.76 19.76 -21.58
C ALA G 158 -21.55 18.80 -20.41
N ALA G 159 -20.44 18.07 -20.43
CA ALA G 159 -20.06 17.23 -19.30
C ALA G 159 -19.65 18.06 -18.07
N PHE G 160 -19.38 19.35 -18.27
CA PHE G 160 -18.93 20.24 -17.21
C PHE G 160 -19.85 21.45 -16.98
N ASP G 161 -20.40 22.01 -18.06
CA ASP G 161 -21.14 23.28 -18.02
C ASP G 161 -22.55 23.12 -18.64
N GLY G 162 -23.18 21.98 -18.40
CA GLY G 162 -24.47 21.68 -18.98
C GLY G 162 -25.44 22.85 -18.87
N GLN G 163 -26.05 23.16 -20.00
CA GLN G 163 -27.07 24.21 -20.05
C GLN G 163 -28.46 23.68 -19.72
N ILE G 164 -29.37 24.61 -19.46
CA ILE G 164 -30.79 24.28 -19.34
C ILE G 164 -31.21 23.46 -20.59
N GLY G 165 -31.76 22.27 -20.39
CA GLY G 165 -32.26 21.43 -21.48
C GLY G 165 -31.30 20.30 -21.82
N GLN G 166 -30.15 20.26 -21.16
CA GLN G 166 -29.13 19.27 -21.55
C GLN G 166 -28.93 18.17 -20.53
N ALA G 167 -29.94 17.88 -19.72
CA ALA G 167 -29.77 16.78 -18.77
C ALA G 167 -29.31 15.50 -19.52
N ALA G 168 -30.00 15.13 -20.60
CA ALA G 168 -29.70 13.88 -21.28
C ALA G 168 -28.31 13.92 -21.87
N TYR G 169 -28.04 14.97 -22.60
CA TYR G 169 -26.76 15.16 -23.23
C TYR G 169 -25.61 15.21 -22.20
N SER G 170 -25.80 16.00 -21.13
CA SER G 170 -24.77 16.10 -20.08
C SER G 170 -24.54 14.76 -19.39
N ALA G 171 -25.63 14.04 -19.11
CA ALA G 171 -25.53 12.69 -18.54
C ALA G 171 -24.74 11.72 -19.40
N SER G 172 -25.04 11.71 -20.67
CA SER G 172 -24.35 10.78 -21.57
C SER G 172 -22.88 11.15 -21.68
N LYS G 173 -22.60 12.42 -21.91
CA LYS G 173 -21.21 12.83 -22.12
C LYS G 173 -20.38 12.80 -20.83
N GLY G 174 -21.04 13.06 -19.70
CA GLY G 174 -20.34 12.98 -18.39
C GLY G 174 -19.99 11.54 -18.09
N GLY G 175 -20.89 10.65 -18.53
CA GLY G 175 -20.60 9.21 -18.49
C GLY G 175 -19.38 8.77 -19.32
N VAL G 176 -19.34 9.21 -20.58
CA VAL G 176 -18.16 8.96 -21.45
C VAL G 176 -16.89 9.48 -20.76
N ALA G 177 -16.90 10.74 -20.33
CA ALA G 177 -15.72 11.31 -19.62
C ALA G 177 -15.26 10.47 -18.45
N ALA G 178 -16.20 10.01 -17.63
CA ALA G 178 -15.83 9.32 -16.37
C ALA G 178 -15.27 7.92 -16.59
N MET G 179 -15.58 7.30 -17.73
CA MET G 179 -15.11 5.95 -18.06
C MET G 179 -13.67 5.94 -18.43
N THR G 180 -13.16 7.10 -18.84
CA THR G 180 -11.82 7.18 -19.42
C THR G 180 -10.78 6.52 -18.51
N LEU G 181 -10.78 6.90 -17.23
CA LEU G 181 -9.79 6.40 -16.25
C LEU G 181 -9.89 4.88 -15.95
N PRO G 182 -11.09 4.38 -15.59
CA PRO G 182 -11.14 2.95 -15.30
C PRO G 182 -10.83 2.06 -16.51
N VAL G 183 -11.20 2.52 -17.68
CA VAL G 183 -10.88 1.82 -18.92
C VAL G 183 -9.36 1.91 -19.23
N ALA G 184 -8.78 3.10 -19.15
CA ALA G 184 -7.35 3.26 -19.31
C ALA G 184 -6.53 2.41 -18.35
N ARG G 185 -6.95 2.39 -17.09
CA ARG G 185 -6.26 1.60 -16.07
C ARG G 185 -6.22 0.12 -16.39
N GLU G 186 -7.31 -0.44 -16.91
CA GLU G 186 -7.31 -1.85 -17.25
C GLU G 186 -6.52 -2.08 -18.53
N LEU G 187 -6.76 -1.26 -19.55
CA LEU G 187 -6.24 -1.55 -20.88
C LEU G 187 -4.75 -1.22 -20.98
N ALA G 188 -4.24 -0.54 -19.97
CA ALA G 188 -2.78 -0.31 -19.82
C ALA G 188 -1.99 -1.59 -19.88
N ARG G 189 -2.53 -2.65 -19.30
CA ARG G 189 -1.86 -3.94 -19.26
C ARG G 189 -1.62 -4.51 -20.67
N HIS G 190 -2.48 -4.13 -21.63
CA HIS G 190 -2.33 -4.51 -23.04
C HIS G 190 -1.65 -3.45 -23.91
N GLY G 191 -1.19 -2.35 -23.32
CA GLY G 191 -0.64 -1.25 -24.11
C GLY G 191 -1.65 -0.48 -24.98
N ILE G 192 -2.91 -0.41 -24.54
CA ILE G 192 -3.92 0.36 -25.22
C ILE G 192 -4.26 1.59 -24.39
N ARG G 193 -4.02 2.77 -24.98
CA ARG G 193 -4.28 4.06 -24.32
C ARG G 193 -5.71 4.49 -24.60
N VAL G 194 -6.27 5.21 -23.64
CA VAL G 194 -7.65 5.66 -23.72
C VAL G 194 -7.76 7.11 -23.33
N MET G 195 -8.28 7.93 -24.25
CA MET G 195 -8.35 9.36 -24.12
C MET G 195 -9.71 9.84 -24.54
N THR G 196 -10.06 11.00 -24.02
CA THR G 196 -11.29 11.63 -24.33
C THR G 196 -11.04 13.09 -24.71
N ILE G 197 -11.74 13.54 -25.73
CA ILE G 197 -11.78 14.97 -26.08
C ILE G 197 -13.17 15.53 -25.77
N ALA G 198 -13.20 16.72 -25.16
CA ALA G 198 -14.44 17.39 -24.85
C ALA G 198 -14.57 18.68 -25.68
N PRO G 199 -15.25 18.62 -26.84
CA PRO G 199 -15.33 19.78 -27.69
C PRO G 199 -16.35 20.82 -27.23
N GLY G 200 -16.04 22.06 -27.54
CA GLY G 200 -16.94 23.20 -27.36
C GLY G 200 -17.83 23.31 -28.56
N ILE G 201 -17.99 24.52 -29.09
CA ILE G 201 -18.93 24.75 -30.18
C ILE G 201 -18.19 24.62 -31.52
N PHE G 202 -18.62 23.65 -32.33
CA PHE G 202 -18.02 23.40 -33.63
C PHE G 202 -19.05 23.55 -34.77
N LYS G 203 -18.55 23.89 -35.96
CA LYS G 203 -19.34 23.90 -37.20
C LYS G 203 -19.73 22.47 -37.59
N THR G 204 -20.76 21.96 -36.94
CA THR G 204 -21.35 20.64 -37.25
C THR G 204 -22.46 20.85 -38.28
N PRO G 205 -22.98 19.78 -38.88
CA PRO G 205 -24.16 19.90 -39.77
C PRO G 205 -25.37 20.59 -39.15
N MET G 206 -25.68 20.28 -37.90
CA MET G 206 -26.76 20.96 -37.21
C MET G 206 -26.44 22.47 -37.19
N MET G 207 -25.22 22.83 -36.75
CA MET G 207 -24.73 24.23 -36.67
C MET G 207 -24.85 24.95 -38.00
N ALA G 208 -24.35 24.33 -39.06
CA ALA G 208 -24.43 24.97 -40.40
C ALA G 208 -25.89 25.11 -40.89
N GLY G 209 -26.79 24.31 -40.34
CA GLY G 209 -28.21 24.44 -40.67
C GLY G 209 -28.84 25.70 -40.14
N MET G 210 -28.30 26.24 -39.04
CA MET G 210 -28.87 27.42 -38.39
C MET G 210 -28.71 28.67 -39.25
N PRO G 211 -29.63 29.64 -39.08
CA PRO G 211 -29.39 30.95 -39.71
C PRO G 211 -28.10 31.66 -39.19
N GLN G 212 -27.51 32.48 -40.06
CA GLN G 212 -26.20 33.06 -39.85
C GLN G 212 -26.08 33.92 -38.58
N GLU G 213 -27.13 34.67 -38.23
CA GLU G 213 -27.12 35.53 -37.05
C GLU G 213 -26.95 34.68 -35.79
N VAL G 214 -27.54 33.48 -35.80
CA VAL G 214 -27.48 32.56 -34.68
C VAL G 214 -26.06 31.91 -34.60
N GLN G 215 -25.51 31.55 -35.76
CA GLN G 215 -24.16 31.00 -35.84
C GLN G 215 -23.14 32.00 -35.29
N ASP G 216 -23.18 33.21 -35.84
CA ASP G 216 -22.33 34.30 -35.41
C ASP G 216 -22.46 34.59 -33.94
N ALA G 217 -23.66 34.47 -33.38
CA ALA G 217 -23.87 34.75 -31.96
C ALA G 217 -23.20 33.70 -31.10
N LEU G 218 -23.30 32.43 -31.51
CA LEU G 218 -22.66 31.34 -30.80
C LEU G 218 -21.12 31.52 -30.79
N GLY G 219 -20.59 31.91 -31.95
CA GLY G 219 -19.17 32.20 -32.09
C GLY G 219 -18.71 33.30 -31.17
N ALA G 220 -19.52 34.34 -31.04
CA ALA G 220 -19.14 35.47 -30.20
C ALA G 220 -19.21 35.15 -28.70
N SER G 221 -19.91 34.08 -28.32
CA SER G 221 -19.88 33.63 -26.92
C SER G 221 -18.54 33.00 -26.51
N VAL G 222 -17.68 32.64 -27.46
CA VAL G 222 -16.41 31.98 -27.17
C VAL G 222 -15.32 33.02 -26.93
N PRO G 223 -14.65 33.01 -25.75
CA PRO G 223 -13.64 34.03 -25.49
C PRO G 223 -12.57 34.23 -26.56
N PHE G 224 -11.79 33.19 -26.85
CA PHE G 224 -10.87 33.24 -27.95
C PHE G 224 -10.48 31.85 -28.41
N PRO G 225 -10.52 31.58 -29.74
CA PRO G 225 -10.89 32.49 -30.83
C PRO G 225 -12.41 32.66 -30.82
N PRO G 226 -12.91 33.88 -31.04
CA PRO G 226 -14.35 34.08 -30.97
C PRO G 226 -15.07 33.61 -32.24
N ARG G 227 -15.04 32.31 -32.49
CA ARG G 227 -15.67 31.73 -33.65
C ARG G 227 -16.02 30.29 -33.36
N LEU G 228 -16.78 29.71 -34.28
CA LEU G 228 -17.03 28.27 -34.27
C LEU G 228 -15.72 27.53 -34.50
N GLY G 229 -15.55 26.39 -33.82
CA GLY G 229 -14.42 25.54 -34.07
C GLY G 229 -14.55 24.84 -35.43
N GLU G 230 -13.40 24.59 -36.09
CA GLU G 230 -13.39 23.85 -37.31
C GLU G 230 -13.14 22.37 -37.04
N PRO G 231 -13.92 21.49 -37.67
CA PRO G 231 -13.71 20.07 -37.49
C PRO G 231 -12.27 19.59 -37.69
N ALA G 232 -11.52 20.21 -38.59
CA ALA G 232 -10.15 19.87 -38.78
C ALA G 232 -9.29 20.18 -37.52
N GLU G 233 -9.71 21.13 -36.68
CA GLU G 233 -8.99 21.41 -35.42
C GLU G 233 -9.20 20.28 -34.40
N TYR G 234 -10.41 19.71 -34.40
CA TYR G 234 -10.68 18.53 -33.58
C TYR G 234 -9.82 17.36 -34.10
N ALA G 235 -9.75 17.20 -35.42
CA ALA G 235 -8.91 16.17 -36.04
C ALA G 235 -7.43 16.37 -35.75
N ALA G 236 -6.96 17.61 -35.72
CA ALA G 236 -5.55 17.87 -35.37
C ALA G 236 -5.25 17.36 -33.94
N LEU G 237 -6.18 17.57 -33.03
CA LEU G 237 -5.96 17.10 -31.67
C LEU G 237 -5.93 15.59 -31.60
N VAL G 238 -6.83 14.94 -32.31
CA VAL G 238 -6.84 13.48 -32.40
C VAL G 238 -5.47 12.99 -32.84
N ARG G 239 -4.92 13.64 -33.87
CA ARG G 239 -3.61 13.27 -34.40
C ARG G 239 -2.56 13.39 -33.32
N HIS G 240 -2.58 14.49 -32.60
CA HIS G 240 -1.57 14.70 -31.54
C HIS G 240 -1.65 13.63 -30.45
N ILE G 241 -2.87 13.23 -30.08
CA ILE G 241 -3.08 12.15 -29.14
C ILE G 241 -2.48 10.83 -29.66
N VAL G 242 -2.66 10.55 -30.93
CA VAL G 242 -2.10 9.32 -31.46
C VAL G 242 -0.56 9.39 -31.41
N GLU G 243 -0.01 10.57 -31.67
CA GLU G 243 1.44 10.75 -31.76
C GLU G 243 2.14 10.88 -30.43
N ASN G 244 1.44 11.39 -29.41
CA ASN G 244 2.05 11.62 -28.11
C ASN G 244 1.69 10.55 -27.10
N GLN G 245 2.66 9.70 -26.81
CA GLN G 245 2.45 8.51 -26.03
C GLN G 245 2.20 8.77 -24.55
N MET G 246 2.64 9.91 -24.03
CA MET G 246 2.35 10.26 -22.61
C MET G 246 0.93 10.72 -22.37
N LEU G 247 0.15 10.96 -23.42
CA LEU G 247 -1.27 11.27 -23.21
C LEU G 247 -2.06 9.98 -22.97
N ASN G 248 -2.59 9.83 -21.76
CA ASN G 248 -3.44 8.71 -21.43
C ASN G 248 -4.33 8.99 -20.20
N GLY G 249 -5.56 8.49 -20.28
CA GLY G 249 -6.52 8.55 -19.16
C GLY G 249 -7.00 9.92 -18.81
N GLU G 250 -6.95 10.82 -19.78
CA GLU G 250 -7.32 12.22 -19.60
C GLU G 250 -8.47 12.70 -20.50
N VAL G 251 -9.19 13.73 -20.03
CA VAL G 251 -10.21 14.44 -20.81
C VAL G 251 -9.67 15.82 -21.17
N ILE G 252 -9.61 16.14 -22.47
CA ILE G 252 -9.06 17.43 -22.90
C ILE G 252 -10.16 18.31 -23.45
N ARG G 253 -10.34 19.47 -22.82
CA ARG G 253 -11.30 20.45 -23.35
C ARG G 253 -10.72 21.16 -24.55
N LEU G 254 -11.46 21.12 -25.65
CA LEU G 254 -11.15 21.89 -26.86
C LEU G 254 -12.29 22.86 -27.14
N ASP G 255 -12.14 24.07 -26.65
CA ASP G 255 -13.31 24.96 -26.50
C ASP G 255 -13.09 26.47 -26.48
N GLY G 256 -11.87 26.94 -26.77
CA GLY G 256 -11.59 28.38 -26.80
C GLY G 256 -11.92 29.10 -25.51
N ALA G 257 -11.81 28.37 -24.41
CA ALA G 257 -12.04 28.92 -23.05
C ALA G 257 -13.50 29.18 -22.76
N LEU G 258 -14.37 28.61 -23.60
CA LEU G 258 -15.80 28.71 -23.36
C LEU G 258 -16.24 28.10 -22.02
N ARG G 259 -17.11 28.79 -21.30
CA ARG G 259 -17.82 28.23 -20.16
C ARG G 259 -19.29 28.55 -20.36
N MET G 260 -20.07 27.57 -20.78
CA MET G 260 -21.46 27.80 -21.26
C MET G 260 -22.36 28.31 -20.14
N ALA G 261 -23.02 29.42 -20.42
CA ALA G 261 -24.03 29.96 -19.54
C ALA G 261 -25.22 29.03 -19.50
N ALA G 262 -26.11 29.27 -18.55
CA ALA G 262 -27.35 28.47 -18.36
C ALA G 262 -28.34 28.55 -19.52
N LYS G 263 -28.49 29.76 -20.08
CA LYS G 263 -29.53 30.11 -21.06
C LYS G 263 -28.94 30.14 -22.46
N HIS H 4 0.59 21.57 -41.28
CA HIS H 4 -0.17 22.71 -41.89
C HIS H 4 -1.47 22.30 -42.62
N HIS H 5 -2.64 22.75 -42.08
CA HIS H 5 -4.00 22.85 -42.67
C HIS H 5 -4.60 24.28 -42.42
N HIS H 6 -5.88 24.56 -42.69
CA HIS H 6 -6.36 25.98 -42.77
C HIS H 6 -6.26 26.91 -41.49
N HIS H 7 -6.73 26.43 -40.33
CA HIS H 7 -6.69 27.19 -39.08
C HIS H 7 -5.45 26.87 -38.25
N HIS H 8 -4.55 26.10 -38.88
CA HIS H 8 -3.31 25.67 -38.24
C HIS H 8 -2.38 26.86 -38.02
N MET H 9 -1.86 26.98 -36.80
CA MET H 9 -1.00 28.13 -36.48
C MET H 9 0.43 27.74 -36.67
N GLN H 10 1.17 28.55 -37.39
CA GLN H 10 2.57 28.18 -37.75
C GLN H 10 3.51 28.49 -36.59
N ILE H 11 4.47 27.60 -36.35
CA ILE H 11 5.50 27.83 -35.28
C ILE H 11 6.71 28.57 -35.84
N GLU H 12 6.96 28.44 -37.15
CA GLU H 12 8.11 29.09 -37.79
C GLU H 12 8.16 30.62 -37.51
N ASN H 13 9.32 31.12 -37.11
CA ASN H 13 9.56 32.56 -36.88
C ASN H 13 8.84 33.20 -35.68
N ARG H 14 8.07 32.43 -34.94
CA ARG H 14 7.56 32.91 -33.67
C ARG H 14 8.68 32.97 -32.61
N VAL H 15 8.62 33.98 -31.74
CA VAL H 15 9.63 34.17 -30.71
C VAL H 15 9.17 33.61 -29.36
N PHE H 16 9.91 32.62 -28.86
CA PHE H 16 9.60 31.95 -27.61
C PHE H 16 10.43 32.57 -26.50
N LEU H 17 9.80 32.84 -25.37
CA LEU H 17 10.48 33.17 -24.14
C LEU H 17 10.24 31.99 -23.17
N ILE H 18 11.32 31.39 -22.64
CA ILE H 18 11.21 30.15 -21.89
C ILE H 18 11.95 30.19 -20.58
N THR H 19 11.24 29.91 -19.48
CA THR H 19 11.90 29.88 -18.17
C THR H 19 12.36 28.47 -17.79
N GLY H 20 13.32 28.37 -16.87
CA GLY H 20 13.96 27.09 -16.52
C GLY H 20 14.56 26.38 -17.72
N ALA H 21 15.10 27.17 -18.65
CA ALA H 21 15.45 26.68 -19.97
C ALA H 21 16.79 25.99 -20.06
N GLY H 22 17.56 26.03 -18.98
CA GLY H 22 18.86 25.43 -18.97
C GLY H 22 18.80 23.94 -18.75
N SER H 23 17.67 23.41 -18.33
CA SER H 23 17.58 21.98 -18.13
C SER H 23 16.17 21.45 -18.27
N GLY H 24 16.07 20.14 -18.24
CA GLY H 24 14.82 19.43 -18.22
C GLY H 24 13.79 19.90 -19.24
N LEU H 25 12.62 20.23 -18.73
CA LEU H 25 11.51 20.55 -19.61
C LEU H 25 11.76 21.77 -20.46
N GLY H 26 12.23 22.83 -19.85
CA GLY H 26 12.51 24.07 -20.56
C GLY H 26 13.60 23.93 -21.63
N ALA H 27 14.61 23.12 -21.34
CA ALA H 27 15.65 22.83 -22.32
C ALA H 27 15.05 22.14 -23.55
N ALA H 28 14.19 21.15 -23.31
CA ALA H 28 13.57 20.41 -24.41
C ALA H 28 12.60 21.25 -25.22
N VAL H 29 11.87 22.15 -24.57
CA VAL H 29 11.03 23.11 -25.31
C VAL H 29 11.90 24.00 -26.21
N SER H 30 13.01 24.49 -25.67
CA SER H 30 13.93 25.36 -26.42
C SER H 30 14.49 24.68 -27.66
N LYS H 31 14.90 23.43 -27.49
CA LYS H 31 15.40 22.60 -28.57
C LYS H 31 14.31 22.39 -29.64
N MET H 32 13.11 22.03 -29.21
CA MET H 32 12.00 21.80 -30.13
C MET H 32 11.70 23.07 -30.93
N ALA H 33 11.63 24.20 -30.24
CA ALA H 33 11.33 25.44 -30.87
C ALA H 33 12.38 25.85 -31.92
N VAL H 34 13.66 25.80 -31.56
CA VAL H 34 14.73 26.19 -32.50
C VAL H 34 14.70 25.28 -33.72
N GLU H 35 14.51 23.98 -33.51
CA GLU H 35 14.50 23.03 -34.63
C GLU H 35 13.28 23.11 -35.48
N ALA H 36 12.19 23.71 -34.98
CA ALA H 36 10.98 23.93 -35.79
C ALA H 36 11.00 25.27 -36.50
N GLY H 37 12.08 26.01 -36.34
CA GLY H 37 12.26 27.26 -37.04
C GLY H 37 11.88 28.51 -36.28
N ALA H 38 11.81 28.39 -34.96
CA ALA H 38 11.47 29.53 -34.14
C ALA H 38 12.71 30.16 -33.49
N LYS H 39 12.54 31.36 -32.97
CA LYS H 39 13.51 32.00 -32.09
C LYS H 39 13.23 31.69 -30.62
N VAL H 40 14.29 31.55 -29.82
CA VAL H 40 14.15 31.37 -28.41
C VAL H 40 15.06 32.30 -27.61
N VAL H 41 14.47 32.88 -26.59
CA VAL H 41 15.21 33.50 -25.49
C VAL H 41 15.11 32.62 -24.25
N LEU H 42 16.24 32.08 -23.84
CA LEU H 42 16.31 31.19 -22.70
C LEU H 42 16.48 31.98 -21.44
N LEU H 43 15.66 31.69 -20.44
CA LEU H 43 15.81 32.30 -19.13
C LEU H 43 16.06 31.23 -18.06
N ASP H 44 17.05 31.47 -17.20
CA ASP H 44 17.39 30.55 -16.12
C ASP H 44 18.21 31.34 -15.11
N VAL H 45 18.14 30.90 -13.86
CA VAL H 45 18.96 31.47 -12.78
C VAL H 45 20.39 30.99 -12.90
N ASN H 46 20.59 29.83 -13.52
CA ASN H 46 21.93 29.27 -13.68
C ASN H 46 22.55 29.67 -14.98
N ALA H 47 23.54 30.58 -14.91
CA ALA H 47 24.23 31.08 -16.09
C ALA H 47 24.98 30.01 -16.89
N GLU H 48 25.64 29.08 -16.20
CA GLU H 48 26.48 28.10 -16.89
C GLU H 48 25.64 27.25 -17.85
N ALA H 49 24.57 26.69 -17.31
CA ALA H 49 23.63 25.83 -18.05
C ALA H 49 22.94 26.60 -19.21
N GLY H 50 22.55 27.85 -18.94
CA GLY H 50 21.83 28.66 -19.90
C GLY H 50 22.70 29.07 -21.07
N GLU H 51 23.93 29.51 -20.78
CA GLU H 51 24.88 29.90 -21.83
C GLU H 51 25.22 28.70 -22.71
N ALA H 52 25.44 27.55 -22.09
CA ALA H 52 25.77 26.33 -22.81
C ALA H 52 24.63 25.91 -23.74
N GLY H 53 23.39 26.03 -23.27
CA GLY H 53 22.22 25.71 -24.10
C GLY H 53 22.09 26.61 -25.30
N ALA H 54 22.15 27.91 -25.06
CA ALA H 54 22.04 28.92 -26.13
C ALA H 54 23.17 28.75 -27.15
N LYS H 55 24.37 28.44 -26.66
CA LYS H 55 25.54 28.20 -27.49
C LYS H 55 25.29 27.01 -28.41
N ALA H 56 24.87 25.88 -27.83
CA ALA H 56 24.55 24.66 -28.60
C ALA H 56 23.40 24.81 -29.62
N LEU H 57 22.44 25.66 -29.33
CA LEU H 57 21.30 25.85 -30.24
C LEU H 57 21.62 26.80 -31.40
N GLY H 58 22.56 27.73 -31.19
CA GLY H 58 23.04 28.59 -32.26
C GLY H 58 22.42 29.97 -32.37
N ALA H 59 22.44 30.53 -33.59
CA ALA H 59 22.06 31.92 -33.83
C ALA H 59 20.61 32.28 -33.47
N SER H 60 19.72 31.30 -33.54
CA SER H 60 18.30 31.53 -33.21
C SER H 60 18.03 31.53 -31.69
N ALA H 61 19.06 31.36 -30.87
CA ALA H 61 18.94 31.34 -29.41
C ALA H 61 19.74 32.43 -28.74
N ARG H 62 19.18 32.98 -27.67
CA ARG H 62 19.88 33.89 -26.76
C ARG H 62 19.62 33.40 -25.35
N PHE H 63 20.50 33.79 -24.43
CA PHE H 63 20.30 33.53 -23.01
C PHE H 63 20.31 34.82 -22.19
N GLN H 64 19.44 34.88 -21.19
CA GLN H 64 19.40 36.02 -20.27
C GLN H 64 19.17 35.50 -18.84
N ARG H 65 20.17 35.72 -17.97
CA ARG H 65 20.11 35.31 -16.57
C ARG H 65 18.93 35.98 -15.86
N THR H 66 18.13 35.22 -15.14
CA THR H 66 16.84 35.73 -14.64
C THR H 66 16.32 35.01 -13.40
N ASP H 67 15.98 35.77 -12.36
CA ASP H 67 15.20 35.29 -11.24
C ASP H 67 13.77 35.61 -11.58
N VAL H 68 13.02 34.60 -12.01
CA VAL H 68 11.62 34.79 -12.46
C VAL H 68 10.72 35.46 -11.43
N ALA H 69 11.08 35.38 -10.15
CA ALA H 69 10.24 36.06 -9.13
C ALA H 69 10.56 37.53 -9.01
N SER H 70 11.57 38.03 -9.70
CA SER H 70 11.98 39.44 -9.54
C SER H 70 11.34 40.37 -10.59
N ASP H 71 10.76 41.47 -10.11
CA ASP H 71 10.19 42.47 -10.95
C ASP H 71 11.26 43.00 -11.92
N THR H 72 12.40 43.42 -11.38
CA THR H 72 13.41 44.04 -12.22
C THR H 72 14.03 43.02 -13.21
N ASP H 73 14.30 41.80 -12.76
CA ASP H 73 14.83 40.75 -13.66
C ASP H 73 13.83 40.39 -14.76
N GLY H 74 12.55 40.34 -14.39
CA GLY H 74 11.49 40.07 -15.32
C GLY H 74 11.48 41.09 -16.45
N LYS H 75 11.46 42.37 -16.09
CA LYS H 75 11.51 43.46 -17.08
C LYS H 75 12.75 43.42 -17.96
N ALA H 76 13.89 43.12 -17.37
CA ALA H 76 15.14 43.02 -18.12
C ALA H 76 15.04 41.90 -19.13
N ALA H 77 14.38 40.81 -18.74
CA ALA H 77 14.22 39.66 -19.63
C ALA H 77 13.35 40.00 -20.83
N ILE H 78 12.27 40.72 -20.58
CA ILE H 78 11.45 41.22 -21.66
C ILE H 78 12.30 42.11 -22.58
N ALA H 79 12.93 43.13 -22.01
CA ALA H 79 13.73 44.10 -22.80
C ALA H 79 14.78 43.40 -23.68
N ALA H 80 15.44 42.39 -23.11
CA ALA H 80 16.43 41.61 -23.85
C ALA H 80 15.83 40.83 -25.01
N ALA H 81 14.63 40.29 -24.82
CA ALA H 81 13.98 39.56 -25.88
C ALA H 81 13.58 40.49 -27.05
N ILE H 82 13.04 41.65 -26.69
CA ILE H 82 12.63 42.64 -27.68
C ILE H 82 13.85 43.13 -28.45
N GLU H 83 14.90 43.48 -27.72
CA GLU H 83 16.13 43.97 -28.31
C GLU H 83 16.72 42.94 -29.29
N ALA H 84 16.66 41.67 -28.92
CA ALA H 84 17.23 40.59 -29.75
C ALA H 84 16.36 40.24 -30.96
N PHE H 85 15.07 40.07 -30.74
CA PHE H 85 14.19 39.54 -31.77
C PHE H 85 12.95 40.39 -32.09
N SER H 86 12.81 41.56 -31.47
CA SER H 86 11.77 42.55 -31.86
C SER H 86 10.37 42.31 -31.25
N ARG H 87 10.09 41.11 -30.77
CA ARG H 87 8.76 40.77 -30.32
C ARG H 87 8.80 39.54 -29.43
N ILE H 88 7.67 39.26 -28.78
CA ILE H 88 7.45 38.00 -28.07
C ILE H 88 6.10 37.41 -28.50
N ASP H 89 6.13 36.16 -28.92
CA ASP H 89 4.92 35.47 -29.34
C ASP H 89 4.42 34.40 -28.36
N VAL H 90 5.36 33.75 -27.66
CA VAL H 90 5.05 32.60 -26.80
C VAL H 90 5.90 32.67 -25.54
N LEU H 91 5.22 32.55 -24.40
CA LEU H 91 5.86 32.32 -23.11
C LEU H 91 5.57 30.90 -22.66
N VAL H 92 6.63 30.19 -22.25
CA VAL H 92 6.48 28.89 -21.63
C VAL H 92 7.17 28.90 -20.26
N ASN H 93 6.37 28.77 -19.21
CA ASN H 93 6.86 28.81 -17.82
C ASN H 93 7.14 27.39 -17.35
N CYS H 94 8.40 27.02 -17.30
CA CYS H 94 8.85 25.70 -16.83
C CYS H 94 9.68 25.78 -15.56
N ALA H 95 10.02 26.98 -15.10
CA ALA H 95 10.84 27.10 -13.92
C ALA H 95 9.99 26.63 -12.74
N GLY H 96 10.59 25.82 -11.90
CA GLY H 96 9.87 25.23 -10.76
C GLY H 96 10.76 24.41 -9.85
N VAL H 97 10.33 24.27 -8.61
CA VAL H 97 10.97 23.39 -7.67
C VAL H 97 9.94 22.47 -7.07
N ALA H 98 10.36 21.24 -6.73
CA ALA H 98 9.46 20.22 -6.25
C ALA H 98 9.91 19.58 -4.94
N PRO H 99 9.97 20.38 -3.85
CA PRO H 99 10.40 19.78 -2.56
C PRO H 99 9.30 18.99 -1.87
N GLY H 100 9.72 18.15 -0.94
CA GLY H 100 8.84 17.35 -0.10
C GLY H 100 9.15 17.73 1.34
N GLU H 101 8.12 18.13 2.10
CA GLU H 101 8.31 18.47 3.48
C GLU H 101 6.97 18.26 4.18
N LYS H 102 6.99 17.49 5.24
CA LYS H 102 5.77 17.23 5.98
C LYS H 102 5.31 18.44 6.76
N VAL H 103 4.01 18.50 6.96
CA VAL H 103 3.37 19.51 7.80
C VAL H 103 3.87 19.37 9.22
N LEU H 104 3.91 18.13 9.72
CA LEU H 104 4.48 17.80 11.00
C LEU H 104 5.64 16.82 10.77
N GLY H 105 6.86 17.36 10.81
CA GLY H 105 8.06 16.59 10.61
C GLY H 105 8.74 16.22 11.93
N ARG H 106 9.82 15.49 11.82
CA ARG H 106 10.61 15.06 12.96
C ARG H 106 11.05 16.23 13.83
N GLU H 107 11.53 17.28 13.17
CA GLU H 107 12.09 18.44 13.83
C GLU H 107 11.08 19.60 13.93
N GLY H 108 9.78 19.30 13.83
CA GLY H 108 8.75 20.28 14.11
C GLY H 108 7.90 20.55 12.88
N ALA H 109 7.16 21.65 12.94
CA ALA H 109 6.26 22.04 11.86
C ALA H 109 7.04 22.39 10.59
N HIS H 110 6.42 22.13 9.44
CA HIS H 110 6.89 22.63 8.15
C HIS H 110 7.38 24.06 8.33
N LYS H 111 8.58 24.38 7.83
CA LYS H 111 9.09 25.75 7.95
C LYS H 111 8.22 26.67 7.06
N LEU H 112 7.90 27.85 7.58
CA LEU H 112 7.13 28.82 6.79
C LEU H 112 7.96 29.32 5.61
N GLU H 113 9.26 29.46 5.85
CA GLU H 113 10.18 30.02 4.84
C GLU H 113 10.23 29.14 3.61
N THR H 114 10.23 27.82 3.81
CA THR H 114 10.32 26.88 2.71
C THR H 114 9.05 26.89 1.93
N PHE H 115 7.91 26.98 2.61
CA PHE H 115 6.62 27.04 1.94
C PHE H 115 6.59 28.30 1.07
N THR H 116 6.96 29.42 1.69
CA THR H 116 6.95 30.73 1.04
C THR H 116 7.82 30.73 -0.21
N ARG H 117 9.01 30.12 -0.10
CA ARG H 117 9.95 30.00 -1.22
C ARG H 117 9.39 29.17 -2.37
N THR H 118 8.78 28.05 -2.06
CA THR H 118 8.20 27.23 -3.11
C THR H 118 7.11 28.01 -3.85
N ILE H 119 6.31 28.76 -3.10
CA ILE H 119 5.22 29.58 -3.65
C ILE H 119 5.83 30.70 -4.54
N SER H 120 6.87 31.35 -4.03
CA SER H 120 7.56 32.42 -4.73
C SER H 120 8.02 31.97 -6.12
N ILE H 121 8.74 30.85 -6.19
CA ILE H 121 9.35 30.40 -7.45
C ILE H 121 8.29 29.83 -8.40
N ASN H 122 7.45 28.92 -7.91
CA ASN H 122 6.49 28.21 -8.77
C ASN H 122 5.28 29.05 -9.20
N LEU H 123 4.70 29.80 -8.28
CA LEU H 123 3.50 30.56 -8.54
C LEU H 123 3.73 32.07 -8.79
N ILE H 124 4.40 32.75 -7.87
CA ILE H 124 4.67 34.19 -8.08
C ILE H 124 5.51 34.37 -9.33
N GLY H 125 6.52 33.54 -9.49
CA GLY H 125 7.42 33.60 -10.63
C GLY H 125 6.71 33.39 -11.95
N THR H 126 5.79 32.45 -11.97
CA THR H 126 4.95 32.20 -13.13
C THR H 126 4.06 33.37 -13.45
N PHE H 127 3.41 33.92 -12.42
CA PHE H 127 2.61 35.09 -12.62
C PHE H 127 3.42 36.27 -13.12
N ASN H 128 4.60 36.50 -12.52
CA ASN H 128 5.42 37.65 -12.88
C ASN H 128 5.77 37.62 -14.33
N MET H 129 6.25 36.48 -14.82
CA MET H 129 6.63 36.40 -16.25
C MET H 129 5.41 36.49 -17.12
N LEU H 130 4.29 35.94 -16.66
CA LEU H 130 3.06 35.99 -17.41
C LEU H 130 2.57 37.42 -17.62
N ARG H 131 2.49 38.20 -16.55
CA ARG H 131 2.01 39.58 -16.62
C ARG H 131 2.86 40.42 -17.59
N LEU H 132 4.17 40.21 -17.58
CA LEU H 132 5.12 41.01 -18.37
C LEU H 132 5.16 40.56 -19.82
N ALA H 133 5.07 39.26 -20.04
CA ALA H 133 4.99 38.71 -21.39
C ALA H 133 3.70 39.13 -22.07
N ALA H 134 2.60 39.04 -21.33
CA ALA H 134 1.29 39.50 -21.82
C ALA H 134 1.33 40.95 -22.29
N GLU H 135 1.96 41.79 -21.47
CA GLU H 135 2.06 43.24 -21.79
C GLU H 135 2.80 43.45 -23.08
N ALA H 136 3.88 42.69 -23.29
CA ALA H 136 4.64 42.77 -24.55
C ALA H 136 3.85 42.22 -25.73
N MET H 137 3.23 41.05 -25.55
CA MET H 137 2.41 40.42 -26.59
C MET H 137 1.25 41.27 -27.05
N ALA H 138 0.65 42.03 -26.15
CA ALA H 138 -0.48 42.89 -26.52
C ALA H 138 -0.10 43.97 -27.56
N LYS H 139 1.18 44.31 -27.65
CA LYS H 139 1.67 45.29 -28.59
C LYS H 139 1.82 44.72 -29.97
N ASN H 140 1.82 43.40 -30.11
CA ASN H 140 1.95 42.77 -31.43
C ASN H 140 0.74 43.12 -32.26
N GLU H 141 0.89 43.08 -33.58
CA GLU H 141 -0.24 43.27 -34.48
C GLU H 141 -1.05 41.97 -34.42
N PRO H 142 -2.38 42.07 -34.57
CA PRO H 142 -3.13 40.83 -34.54
C PRO H 142 -2.81 39.96 -35.74
N GLY H 143 -2.46 38.70 -35.49
CA GLY H 143 -2.03 37.79 -36.52
C GLY H 143 -3.17 36.91 -36.96
N GLN H 144 -2.82 35.69 -37.38
CA GLN H 144 -3.79 34.70 -37.84
C GLN H 144 -4.93 34.52 -36.83
N GLY H 145 -6.16 34.69 -37.29
CA GLY H 145 -7.33 34.53 -36.42
C GLY H 145 -7.45 35.60 -35.32
N GLY H 146 -6.74 36.69 -35.48
CA GLY H 146 -6.65 37.76 -34.48
C GLY H 146 -5.69 37.45 -33.30
N GLU H 147 -4.90 36.39 -33.39
CA GLU H 147 -4.04 35.97 -32.30
C GLU H 147 -2.74 36.79 -32.17
N ARG H 148 -2.46 37.21 -30.95
CA ARG H 148 -1.25 37.99 -30.65
C ARG H 148 -0.20 37.21 -29.84
N GLY H 149 -0.60 36.11 -29.22
CA GLY H 149 0.29 35.40 -28.33
C GLY H 149 -0.30 34.19 -27.65
N VAL H 150 0.58 33.36 -27.10
CA VAL H 150 0.19 32.15 -26.37
C VAL H 150 1.06 32.01 -25.14
N ILE H 151 0.42 31.86 -23.99
CA ILE H 151 1.14 31.69 -22.74
C ILE H 151 0.84 30.29 -22.20
N ILE H 152 1.88 29.53 -21.88
CA ILE H 152 1.76 28.14 -21.41
C ILE H 152 2.45 27.99 -20.09
N ASN H 153 1.71 27.59 -19.08
CA ASN H 153 2.29 27.40 -17.76
C ASN H 153 2.41 25.94 -17.44
N THR H 154 3.24 25.63 -16.44
CA THR H 154 3.45 24.27 -16.01
C THR H 154 2.97 24.08 -14.59
N ALA H 155 1.95 23.24 -14.42
CA ALA H 155 1.48 22.88 -13.12
C ALA H 155 2.09 21.55 -12.78
N SER H 156 1.26 20.57 -12.42
CA SER H 156 1.74 19.24 -12.01
C SER H 156 0.52 18.44 -11.66
N VAL H 157 0.65 17.13 -11.79
CA VAL H 157 -0.39 16.24 -11.26
C VAL H 157 -0.57 16.38 -9.73
N ALA H 158 0.43 16.94 -9.05
CA ALA H 158 0.33 17.33 -7.63
C ALA H 158 -0.78 18.33 -7.35
N ALA H 159 -1.21 19.05 -8.38
CA ALA H 159 -2.40 19.93 -8.27
C ALA H 159 -3.69 19.19 -8.06
N PHE H 160 -3.67 17.89 -8.34
CA PHE H 160 -4.86 17.07 -8.20
C PHE H 160 -4.70 15.93 -7.18
N ASP H 161 -3.50 15.33 -7.13
CA ASP H 161 -3.25 14.06 -6.41
C ASP H 161 -2.10 14.21 -5.42
N GLY H 162 -2.02 15.37 -4.79
CA GLY H 162 -0.92 15.69 -3.89
C GLY H 162 -0.65 14.59 -2.87
N GLN H 163 0.63 14.21 -2.76
CA GLN H 163 1.09 13.16 -1.86
C GLN H 163 1.45 13.75 -0.53
N ILE H 164 1.66 12.87 0.45
CA ILE H 164 2.16 13.23 1.75
C ILE H 164 3.48 13.99 1.57
N GLY H 165 3.57 15.19 2.12
CA GLY H 165 4.80 16.02 1.98
C GLY H 165 4.76 17.04 0.84
N GLN H 166 3.66 17.07 0.09
CA GLN H 166 3.55 18.01 -1.03
C GLN H 166 2.57 19.17 -0.81
N ALA H 167 2.35 19.59 0.44
CA ALA H 167 1.47 20.76 0.65
C ALA H 167 1.95 21.99 -0.15
N ALA H 168 3.22 22.35 0.00
CA ALA H 168 3.75 23.52 -0.68
C ALA H 168 3.67 23.39 -2.16
N TYR H 169 4.17 22.27 -2.69
CA TYR H 169 4.20 21.99 -4.13
C TYR H 169 2.78 21.96 -4.69
N SER H 170 1.86 21.24 -4.02
CA SER H 170 0.47 21.18 -4.49
C SER H 170 -0.17 22.54 -4.46
N ALA H 171 0.06 23.30 -3.39
CA ALA H 171 -0.48 24.68 -3.29
C ALA H 171 -0.03 25.57 -4.42
N SER H 172 1.28 25.55 -4.67
CA SER H 172 1.79 26.37 -5.74
C SER H 172 1.21 25.95 -7.09
N LYS H 173 1.21 24.65 -7.39
CA LYS H 173 0.78 24.20 -8.71
C LYS H 173 -0.76 24.23 -8.88
N GLY H 174 -1.51 24.06 -7.79
CA GLY H 174 -2.95 24.23 -7.83
C GLY H 174 -3.30 25.67 -8.10
N GLY H 175 -2.44 26.58 -7.61
CA GLY H 175 -2.58 28.01 -7.88
C GLY H 175 -2.35 28.36 -9.33
N VAL H 176 -1.28 27.81 -9.90
CA VAL H 176 -1.03 27.98 -11.32
C VAL H 176 -2.25 27.49 -12.12
N ALA H 177 -2.72 26.28 -11.83
CA ALA H 177 -3.84 25.70 -12.59
C ALA H 177 -5.05 26.57 -12.53
N ALA H 178 -5.34 27.09 -11.33
CA ALA H 178 -6.61 27.84 -11.13
C ALA H 178 -6.61 29.23 -11.74
N MET H 179 -5.42 29.80 -11.99
CA MET H 179 -5.31 31.08 -12.71
C MET H 179 -5.63 31.02 -14.17
N THR H 180 -5.50 29.83 -14.74
CA THR H 180 -5.58 29.69 -16.20
C THR H 180 -6.83 30.36 -16.77
N LEU H 181 -7.99 30.06 -16.21
CA LEU H 181 -9.26 30.58 -16.70
C LEU H 181 -9.42 32.11 -16.55
N PRO H 182 -9.22 32.67 -15.33
CA PRO H 182 -9.44 34.14 -15.23
C PRO H 182 -8.47 34.95 -16.05
N VAL H 183 -7.26 34.42 -16.23
CA VAL H 183 -6.29 35.07 -17.09
C VAL H 183 -6.71 34.93 -18.56
N ALA H 184 -7.09 33.72 -18.97
CA ALA H 184 -7.54 33.50 -20.35
C ALA H 184 -8.73 34.35 -20.72
N ARG H 185 -9.67 34.47 -19.81
CA ARG H 185 -10.86 35.29 -20.02
C ARG H 185 -10.50 36.70 -20.30
N GLU H 186 -9.52 37.26 -19.59
CA GLU H 186 -9.21 38.67 -19.77
C GLU H 186 -8.42 38.84 -21.05
N LEU H 187 -7.43 37.97 -21.24
CA LEU H 187 -6.45 38.16 -22.32
C LEU H 187 -7.01 37.77 -23.67
N ALA H 188 -8.18 37.11 -23.67
CA ALA H 188 -8.98 36.85 -24.87
C ALA H 188 -9.24 38.14 -25.68
N ARG H 189 -9.49 39.24 -24.98
CA ARG H 189 -9.75 40.51 -25.62
C ARG H 189 -8.57 40.97 -26.48
N HIS H 190 -7.37 40.57 -26.12
CA HIS H 190 -6.17 40.88 -26.89
C HIS H 190 -5.72 39.76 -27.80
N GLY H 191 -6.48 38.68 -27.89
CA GLY H 191 -6.06 37.52 -28.69
C GLY H 191 -4.86 36.77 -28.14
N ILE H 192 -4.70 36.79 -26.82
CA ILE H 192 -3.67 36.00 -26.17
C ILE H 192 -4.34 34.79 -25.49
N ARG H 193 -3.97 33.59 -25.92
CA ARG H 193 -4.44 32.34 -25.31
C ARG H 193 -3.56 31.93 -24.12
N VAL H 194 -4.19 31.28 -23.16
CA VAL H 194 -3.52 30.90 -21.94
C VAL H 194 -3.89 29.45 -21.62
N MET H 195 -2.86 28.63 -21.49
CA MET H 195 -3.00 27.17 -21.28
C MET H 195 -2.05 26.70 -20.19
N THR H 196 -2.37 25.58 -19.62
CA THR H 196 -1.57 24.97 -18.60
C THR H 196 -1.39 23.49 -18.86
N ILE H 197 -0.15 23.01 -18.70
CA ILE H 197 0.14 21.58 -18.78
C ILE H 197 0.49 21.06 -17.38
N ALA H 198 -0.07 19.90 -17.04
CA ALA H 198 0.16 19.28 -15.71
C ALA H 198 0.91 17.99 -15.86
N PRO H 199 2.26 18.02 -15.79
CA PRO H 199 3.03 16.82 -16.06
C PRO H 199 3.01 15.84 -14.90
N GLY H 200 3.13 14.57 -15.25
CA GLY H 200 3.33 13.49 -14.32
C GLY H 200 4.83 13.34 -14.07
N ILE H 201 5.34 12.11 -14.09
CA ILE H 201 6.72 11.83 -13.74
C ILE H 201 7.57 11.88 -14.99
N PHE H 202 8.50 12.83 -15.03
CA PHE H 202 9.39 12.99 -16.18
C PHE H 202 10.87 12.81 -15.77
N LYS H 203 11.68 12.38 -16.72
CA LYS H 203 13.15 12.31 -16.53
C LYS H 203 13.76 13.70 -16.37
N ASP H 216 13.93 1.70 -11.33
CA ASP H 216 12.87 1.90 -12.32
C ASP H 216 11.44 1.81 -11.77
N ALA H 217 11.40 2.07 -10.48
CA ALA H 217 10.22 1.89 -9.69
C ALA H 217 9.18 2.97 -9.94
N LEU H 218 9.61 4.23 -10.09
CA LEU H 218 8.69 5.33 -10.37
C LEU H 218 8.01 5.12 -11.71
N GLY H 219 8.80 4.71 -12.68
CA GLY H 219 8.27 4.37 -13.98
C GLY H 219 7.20 3.30 -13.91
N ALA H 220 7.42 2.27 -13.10
CA ALA H 220 6.49 1.15 -13.05
C ALA H 220 5.19 1.51 -12.32
N SER H 221 5.17 2.63 -11.60
CA SER H 221 3.92 3.16 -11.04
C SER H 221 2.95 3.78 -12.08
N VAL H 222 3.44 4.07 -13.28
CA VAL H 222 2.64 4.71 -14.30
C VAL H 222 1.91 3.67 -15.16
N PRO H 223 0.56 3.76 -15.27
CA PRO H 223 -0.16 2.68 -15.97
C PRO H 223 0.35 2.40 -17.40
N PHE H 224 0.28 3.39 -18.28
CA PHE H 224 0.87 3.24 -19.60
C PHE H 224 1.12 4.60 -20.25
N PRO H 225 2.32 4.82 -20.80
CA PRO H 225 3.44 3.89 -20.86
C PRO H 225 4.11 3.77 -19.48
N PRO H 226 4.51 2.55 -19.07
CA PRO H 226 5.07 2.37 -17.74
C PRO H 226 6.53 2.79 -17.67
N ARG H 227 6.77 4.07 -17.85
CA ARG H 227 8.14 4.62 -17.85
C ARG H 227 8.08 6.09 -17.48
N LEU H 228 9.25 6.65 -17.23
CA LEU H 228 9.41 8.08 -17.07
C LEU H 228 9.08 8.81 -18.38
N GLY H 229 8.45 9.96 -18.28
CA GLY H 229 8.13 10.72 -19.47
C GLY H 229 9.40 11.37 -19.99
N GLU H 230 9.48 11.55 -21.31
CA GLU H 230 10.65 12.20 -21.90
C GLU H 230 10.36 13.69 -22.08
N PRO H 231 11.33 14.54 -21.79
CA PRO H 231 11.08 15.98 -21.89
C PRO H 231 10.62 16.40 -23.27
N ALA H 232 11.07 15.71 -24.31
CA ALA H 232 10.63 16.00 -25.68
C ALA H 232 9.15 15.73 -25.89
N GLU H 233 8.55 14.84 -25.09
CA GLU H 233 7.10 14.62 -25.16
C GLU H 233 6.33 15.79 -24.58
N TYR H 234 6.85 16.38 -23.51
CA TYR H 234 6.27 17.60 -22.96
C TYR H 234 6.37 18.73 -24.01
N ALA H 235 7.54 18.85 -24.63
CA ALA H 235 7.75 19.81 -25.71
C ALA H 235 6.82 19.60 -26.93
N ALA H 236 6.57 18.35 -27.28
CA ALA H 236 5.62 18.08 -28.34
C ALA H 236 4.22 18.59 -28.01
N LEU H 237 3.82 18.46 -26.76
CA LEU H 237 2.51 18.99 -26.35
C LEU H 237 2.49 20.52 -26.43
N VAL H 238 3.59 21.16 -26.03
CA VAL H 238 3.70 22.62 -26.11
C VAL H 238 3.52 23.07 -27.57
N ARG H 239 4.16 22.36 -28.49
CA ARG H 239 4.06 22.64 -29.90
C ARG H 239 2.63 22.54 -30.34
N HIS H 240 1.95 21.46 -29.93
CA HIS H 240 0.57 21.30 -30.37
C HIS H 240 -0.35 22.44 -29.89
N ILE H 241 -0.14 22.86 -28.64
CA ILE H 241 -0.88 24.01 -28.08
C ILE H 241 -0.62 25.29 -28.88
N VAL H 242 0.60 25.52 -29.28
CA VAL H 242 0.86 26.70 -30.11
C VAL H 242 0.11 26.58 -31.44
N GLU H 243 0.09 25.38 -32.00
CA GLU H 243 -0.49 25.15 -33.36
C GLU H 243 -2.00 25.07 -33.41
N ASN H 244 -2.62 24.59 -32.34
CA ASN H 244 -4.05 24.41 -32.29
C ASN H 244 -4.77 25.54 -31.57
N GLN H 245 -5.41 26.39 -32.36
CA GLN H 245 -5.97 27.64 -31.86
C GLN H 245 -7.17 27.45 -30.95
N MET H 246 -7.80 26.28 -31.02
CA MET H 246 -9.00 26.07 -30.21
C MET H 246 -8.63 25.69 -28.77
N LEU H 247 -7.35 25.41 -28.51
CA LEU H 247 -6.95 25.11 -27.14
C LEU H 247 -6.79 26.41 -26.39
N ASN H 248 -7.66 26.64 -25.40
CA ASN H 248 -7.55 27.77 -24.54
C ASN H 248 -8.22 27.55 -23.19
N GLY H 249 -7.58 28.08 -22.15
CA GLY H 249 -8.18 28.15 -20.81
C GLY H 249 -8.31 26.81 -20.10
N GLU H 250 -7.48 25.86 -20.52
CA GLU H 250 -7.54 24.48 -20.07
C GLU H 250 -6.24 23.99 -19.44
N VAL H 251 -6.38 23.01 -18.55
CA VAL H 251 -5.26 22.31 -17.93
C VAL H 251 -5.21 20.89 -18.50
N ILE H 252 -4.10 20.50 -19.07
CA ILE H 252 -3.98 19.17 -19.71
C ILE H 252 -3.02 18.31 -18.91
N ARG H 253 -3.53 17.19 -18.39
CA ARG H 253 -2.68 16.24 -17.68
C ARG H 253 -1.89 15.41 -18.69
N LEU H 254 -0.57 15.45 -18.56
CA LEU H 254 0.36 14.64 -19.35
C LEU H 254 1.12 13.67 -18.46
N ASP H 255 0.58 12.47 -18.30
CA ASP H 255 0.93 11.64 -17.13
C ASP H 255 0.77 10.14 -17.22
N GLY H 256 0.52 9.61 -18.42
CA GLY H 256 0.36 8.18 -18.61
C GLY H 256 -0.70 7.55 -17.71
N ALA H 257 -1.74 8.34 -17.38
CA ALA H 257 -2.87 7.87 -16.56
C ALA H 257 -2.50 7.66 -15.10
N LEU H 258 -1.35 8.20 -14.70
CA LEU H 258 -0.91 8.15 -13.30
C LEU H 258 -1.89 8.87 -12.37
N ARG H 259 -2.20 8.25 -11.24
CA ARG H 259 -2.89 8.90 -10.13
C ARG H 259 -2.08 8.58 -8.91
N MET H 260 -1.34 9.58 -8.42
CA MET H 260 -0.37 9.36 -7.38
C MET H 260 -1.04 8.91 -6.07
N ALA H 261 -0.55 7.80 -5.52
CA ALA H 261 -0.91 7.36 -4.18
C ALA H 261 -0.40 8.34 -3.12
N ALA H 262 -0.85 8.17 -1.88
CA ALA H 262 -0.43 9.00 -0.75
C ALA H 262 1.09 8.91 -0.44
N LYS H 263 1.64 7.69 -0.60
CA LYS H 263 3.03 7.33 -0.33
C LYS H 263 3.74 6.91 -1.62
C TRS I . 15.59 -14.01 14.52
C1 TRS I . 16.25 -13.85 13.16
C2 TRS I . 16.07 -15.40 14.85
C3 TRS I . 14.10 -13.80 14.38
N TRS I . 16.04 -12.97 15.54
O1 TRS I . 15.65 -14.78 12.18
O2 TRS I . 16.82 -15.28 16.05
O3 TRS I . 13.90 -12.66 13.46
C TRS J . 9.26 -23.49 7.73
C1 TRS J . 10.57 -23.20 6.98
C2 TRS J . 8.35 -22.27 7.77
C3 TRS J . 9.59 -24.11 9.09
N TRS J . 8.49 -24.52 7.01
O1 TRS J . 11.64 -22.87 7.89
O2 TRS J . 8.47 -21.58 9.03
O3 TRS J . 10.90 -24.66 9.01
C TRS K . -16.11 19.14 -5.91
C1 TRS K . -15.26 20.40 -5.97
C2 TRS K . -15.28 17.88 -6.07
C3 TRS K . -17.07 19.18 -7.12
N TRS K . -16.75 19.04 -4.56
O1 TRS K . -14.23 20.24 -6.93
O2 TRS K . -14.00 18.00 -5.41
O3 TRS K . -17.52 20.48 -7.46
C TRS L . -9.23 18.83 -16.88
C1 TRS L . -10.27 17.80 -16.67
C2 TRS L . -8.28 18.61 -15.71
C3 TRS L . -9.54 20.30 -16.70
N TRS L . -8.60 18.41 -18.19
O1 TRS L . -9.40 16.79 -16.05
O2 TRS L . -7.70 17.26 -15.94
O3 TRS L . -10.55 20.86 -17.54
#